data_8BOV
# 
_entry.id   8BOV 
# 
_audit_conform.dict_name       mmcif_pdbx.dic 
_audit_conform.dict_version    5.398 
_audit_conform.dict_location   http://mmcif.pdb.org/dictionaries/ascii/mmcif_pdbx.dic 
# 
loop_
_database_2.database_id 
_database_2.database_code 
_database_2.pdbx_database_accession 
_database_2.pdbx_DOI 
PDB   8BOV         pdb_00008bov 10.2210/pdb8bov/pdb 
WWPDB D_1292126787 ?            ?                   
# 
loop_
_pdbx_audit_revision_history.ordinal 
_pdbx_audit_revision_history.data_content_type 
_pdbx_audit_revision_history.major_revision 
_pdbx_audit_revision_history.minor_revision 
_pdbx_audit_revision_history.revision_date 
1 'Structure model' 1 0 2023-02-22 
2 'Structure model' 1 1 2024-02-07 
3 'Structure model' 1 2 2024-11-06 
# 
_pdbx_audit_revision_details.ordinal             1 
_pdbx_audit_revision_details.revision_ordinal    1 
_pdbx_audit_revision_details.data_content_type   'Structure model' 
_pdbx_audit_revision_details.provider            repository 
_pdbx_audit_revision_details.type                'Initial release' 
_pdbx_audit_revision_details.description         ? 
_pdbx_audit_revision_details.details             ? 
# 
loop_
_pdbx_audit_revision_group.ordinal 
_pdbx_audit_revision_group.revision_ordinal 
_pdbx_audit_revision_group.data_content_type 
_pdbx_audit_revision_group.group 
1 2 'Structure model' 'Data collection'        
2 2 'Structure model' 'Refinement description' 
3 3 'Structure model' 'Structure summary'      
# 
loop_
_pdbx_audit_revision_category.ordinal 
_pdbx_audit_revision_category.revision_ordinal 
_pdbx_audit_revision_category.data_content_type 
_pdbx_audit_revision_category.category 
1 2 'Structure model' chem_comp_atom                
2 2 'Structure model' chem_comp_bond                
3 2 'Structure model' pdbx_initial_refinement_model 
4 3 'Structure model' pdbx_entry_details            
5 3 'Structure model' pdbx_modification_feature     
# 
_pdbx_audit_revision_item.ordinal             1 
_pdbx_audit_revision_item.revision_ordinal    3 
_pdbx_audit_revision_item.data_content_type   'Structure model' 
_pdbx_audit_revision_item.item                '_pdbx_entry_details.has_protein_modification' 
# 
_pdbx_database_status.status_code                     REL 
_pdbx_database_status.status_code_sf                  REL 
_pdbx_database_status.status_code_mr                  ? 
_pdbx_database_status.entry_id                        8BOV 
_pdbx_database_status.recvd_initial_deposition_date   2022-11-15 
_pdbx_database_status.SG_entry                        N 
_pdbx_database_status.deposit_site                    PDBE 
_pdbx_database_status.process_site                    PDBE 
_pdbx_database_status.status_code_cs                  ? 
_pdbx_database_status.status_code_nmr_data            ? 
_pdbx_database_status.methods_development_category    ? 
_pdbx_database_status.pdb_format_compatible           N 
# 
_pdbx_contact_author.id                 2 
_pdbx_contact_author.email              giarita.ferraro@unina.it 
_pdbx_contact_author.name_first         Giarita 
_pdbx_contact_author.name_last          Ferraro 
_pdbx_contact_author.name_mi            ? 
_pdbx_contact_author.role               'principal investigator/group leader' 
_pdbx_contact_author.identifier_ORCID   0000-0001-9385-2429 
# 
loop_
_audit_author.name 
_audit_author.pdbx_ordinal 
_audit_author.identifier_ORCID 
'Ferraro, G.' 1 ? 
'Tito, G.'    2 ? 
'Merlino, A.' 3 ? 
# 
_citation.abstract                  ? 
_citation.abstract_id_CAS           ? 
_citation.book_id_ISBN              ? 
_citation.book_publisher            ? 
_citation.book_publisher_city       ? 
_citation.book_title                ? 
_citation.coordinate_linkage        ? 
_citation.country                   CH 
_citation.database_id_Medline       ? 
_citation.details                   ? 
_citation.id                        primary 
_citation.journal_abbrev            'Int J Mol Sci' 
_citation.journal_id_ASTM           ? 
_citation.journal_id_CSD            ? 
_citation.journal_id_ISSN           1422-0067 
_citation.journal_full              ? 
_citation.journal_issue             ? 
_citation.journal_volume            24 
_citation.language                  ? 
_citation.page_first                ? 
_citation.page_last                 ? 
_citation.title                     'Impact of Hydrophobic Chains in Five-Coordinate Glucoconjugate Pt(II) Anticancer Agents.' 
_citation.year                      2023 
_citation.database_id_CSD           ? 
_citation.pdbx_database_id_DOI      10.3390/ijms24032369 
_citation.pdbx_database_id_PubMed   36768690 
_citation.pdbx_database_id_patent   ? 
_citation.unpublished_flag          ? 
# 
loop_
_citation_author.citation_id 
_citation_author.name 
_citation_author.ordinal 
_citation_author.identifier_ORCID 
primary 'Annunziata, A.'   1  ?                   
primary 'Imbimbo, P.'      2  0000-0002-5491-2297 
primary 'Cucciolito, M.E.' 3  ?                   
primary 'Ferraro, G.'      4  0000-0001-9385-2429 
primary 'Langellotti, V.'  5  0000-0001-9068-3092 
primary 'Marano, A.'       6  ?                   
primary 'Melchiorre, M.'   7  0000-0002-5842-7600 
primary 'Tito, G.'         8  0000-0001-5682-3100 
primary 'Trifuoggi, M.'    9  0000-0002-6424-8676 
primary 'Monti, D.M.'      10 0000-0002-1136-0576 
primary 'Merlino, A.'      11 0000-0002-1045-7720 
primary 'Ruffo, F.'        12 0000-0003-1624-079X 
# 
loop_
_entity.id 
_entity.type 
_entity.src_method 
_entity.pdbx_description 
_entity.formula_weight 
_entity.pdbx_number_of_molecules 
_entity.pdbx_ec 
_entity.pdbx_mutation 
_entity.pdbx_fragment 
_entity.details 
1 polymer     nat Lysozyme 14331.160 1   3.2.1.17 ? ? ? 
2 non-polymer syn '4-(2-HYDROXYETHYL)-1-PIPERAZINE ETHANESULFONIC ACID' 238.305   1   ?        ? ? ? 
3 non-polymer syn 'ACETATE ION' 59.044    2   ?        ? ? ? 
4 non-polymer syn 
;1-[1,3-dimethyl-4-(1~{H}-1,2,3-triazol-5-yl)imidazol-1-ium-2-yl]-1,2',11'-trimethyl-spiro[1$l^{6}-platinacycloprop-2-ene-1,15'-1,12-diaza-15$l^{6}-platinatetracyclo[10.2.1.0^{5,14}.0^{8,13}]pentadeca-2,4,6,8,10,13-hexaene]
;
607.588   1   ?        ? ? ? 
5 non-polymer syn 'DIMETHYL SULFOXIDE' 78.133    1   ?        ? ? ? 
6 water       nat water 18.015    140 ?        ? ? ? 
# 
_entity_poly.entity_id                      1 
_entity_poly.type                           'polypeptide(L)' 
_entity_poly.nstd_linkage                   no 
_entity_poly.nstd_monomer                   no 
_entity_poly.pdbx_seq_one_letter_code       
;KVFGRCELAAAMKRHGLDNYRGYSLGNWVCAAKFESNFNTQATNRNTDGSTDYGILQINSRWWCNDGRTPGSRNLCNIPC
SALLSSDITASVNCAKKIVSDGNGMNAWVAWRNRCKGTDVQAWIRGCRL
;
_entity_poly.pdbx_seq_one_letter_code_can   
;KVFGRCELAAAMKRHGLDNYRGYSLGNWVCAAKFESNFNTQATNRNTDGSTDYGILQINSRWWCNDGRTPGSRNLCNIPC
SALLSSDITASVNCAKKIVSDGNGMNAWVAWRNRCKGTDVQAWIRGCRL
;
_entity_poly.pdbx_strand_id                 AAA 
_entity_poly.pdbx_target_identifier         ? 
# 
loop_
_pdbx_entity_nonpoly.entity_id 
_pdbx_entity_nonpoly.name 
_pdbx_entity_nonpoly.comp_id 
2 '4-(2-HYDROXYETHYL)-1-PIPERAZINE ETHANESULFONIC ACID' EPE 
3 'ACETATE ION' ACT 
4 
;1-[1,3-dimethyl-4-(1~{H}-1,2,3-triazol-5-yl)imidazol-1-ium-2-yl]-1,2',11'-trimethyl-spiro[1$l^{6}-platinacycloprop-2-ene-1,15'-1,12-diaza-15$l^{6}-platinatetracyclo[10.2.1.0^{5,14}.0^{8,13}]pentadeca-2,4,6,8,10,13-hexaene]
;
R0I 
5 'DIMETHYL SULFOXIDE' DMS 
6 water HOH 
# 
loop_
_entity_poly_seq.entity_id 
_entity_poly_seq.num 
_entity_poly_seq.mon_id 
_entity_poly_seq.hetero 
1 1   LYS n 
1 2   VAL n 
1 3   PHE n 
1 4   GLY n 
1 5   ARG n 
1 6   CYS n 
1 7   GLU n 
1 8   LEU n 
1 9   ALA n 
1 10  ALA n 
1 11  ALA n 
1 12  MET n 
1 13  LYS n 
1 14  ARG n 
1 15  HIS n 
1 16  GLY n 
1 17  LEU n 
1 18  ASP n 
1 19  ASN n 
1 20  TYR n 
1 21  ARG n 
1 22  GLY n 
1 23  TYR n 
1 24  SER n 
1 25  LEU n 
1 26  GLY n 
1 27  ASN n 
1 28  TRP n 
1 29  VAL n 
1 30  CYS n 
1 31  ALA n 
1 32  ALA n 
1 33  LYS n 
1 34  PHE n 
1 35  GLU n 
1 36  SER n 
1 37  ASN n 
1 38  PHE n 
1 39  ASN n 
1 40  THR n 
1 41  GLN n 
1 42  ALA n 
1 43  THR n 
1 44  ASN n 
1 45  ARG n 
1 46  ASN n 
1 47  THR n 
1 48  ASP n 
1 49  GLY n 
1 50  SER n 
1 51  THR n 
1 52  ASP n 
1 53  TYR n 
1 54  GLY n 
1 55  ILE n 
1 56  LEU n 
1 57  GLN n 
1 58  ILE n 
1 59  ASN n 
1 60  SER n 
1 61  ARG n 
1 62  TRP n 
1 63  TRP n 
1 64  CYS n 
1 65  ASN n 
1 66  ASP n 
1 67  GLY n 
1 68  ARG n 
1 69  THR n 
1 70  PRO n 
1 71  GLY n 
1 72  SER n 
1 73  ARG n 
1 74  ASN n 
1 75  LEU n 
1 76  CYS n 
1 77  ASN n 
1 78  ILE n 
1 79  PRO n 
1 80  CYS n 
1 81  SER n 
1 82  ALA n 
1 83  LEU n 
1 84  LEU n 
1 85  SER n 
1 86  SER n 
1 87  ASP n 
1 88  ILE n 
1 89  THR n 
1 90  ALA n 
1 91  SER n 
1 92  VAL n 
1 93  ASN n 
1 94  CYS n 
1 95  ALA n 
1 96  LYS n 
1 97  LYS n 
1 98  ILE n 
1 99  VAL n 
1 100 SER n 
1 101 ASP n 
1 102 GLY n 
1 103 ASN n 
1 104 GLY n 
1 105 MET n 
1 106 ASN n 
1 107 ALA n 
1 108 TRP n 
1 109 VAL n 
1 110 ALA n 
1 111 TRP n 
1 112 ARG n 
1 113 ASN n 
1 114 ARG n 
1 115 CYS n 
1 116 LYS n 
1 117 GLY n 
1 118 THR n 
1 119 ASP n 
1 120 VAL n 
1 121 GLN n 
1 122 ALA n 
1 123 TRP n 
1 124 ILE n 
1 125 ARG n 
1 126 GLY n 
1 127 CYS n 
1 128 ARG n 
1 129 LEU n 
# 
_entity_src_nat.entity_id                  1 
_entity_src_nat.pdbx_src_id                1 
_entity_src_nat.pdbx_alt_source_flag       sample 
_entity_src_nat.pdbx_beg_seq_num           1 
_entity_src_nat.pdbx_end_seq_num           129 
_entity_src_nat.common_name                chicken 
_entity_src_nat.pdbx_organism_scientific   'Gallus gallus' 
_entity_src_nat.pdbx_ncbi_taxonomy_id      9031 
_entity_src_nat.genus                      ? 
_entity_src_nat.species                    ? 
_entity_src_nat.strain                     ? 
_entity_src_nat.tissue                     ? 
_entity_src_nat.tissue_fraction            ? 
_entity_src_nat.pdbx_secretion             ? 
_entity_src_nat.pdbx_fragment              ? 
_entity_src_nat.pdbx_variant               ? 
_entity_src_nat.pdbx_cell_line             ? 
_entity_src_nat.pdbx_atcc                  ? 
_entity_src_nat.pdbx_cellular_location     ? 
_entity_src_nat.pdbx_organ                 ? 
_entity_src_nat.pdbx_organelle             ? 
_entity_src_nat.pdbx_cell                  ? 
_entity_src_nat.pdbx_plasmid_name          ? 
_entity_src_nat.pdbx_plasmid_details       ? 
_entity_src_nat.details                    ? 
# 
loop_
_chem_comp.id 
_chem_comp.type 
_chem_comp.mon_nstd_flag 
_chem_comp.name 
_chem_comp.pdbx_synonyms 
_chem_comp.formula 
_chem_comp.formula_weight 
ACT non-polymer         . 'ACETATE ION' ?     'C2 H3 O2 -1'     59.044  
ALA 'L-peptide linking' y ALANINE ?     'C3 H7 N O2'      89.093  
ARG 'L-peptide linking' y ARGININE ?     'C6 H15 N4 O2 1'  175.209 
ASN 'L-peptide linking' y ASPARAGINE ?     'C4 H8 N2 O3'     132.118 
ASP 'L-peptide linking' y 'ASPARTIC ACID' ?     'C4 H7 N O4'      133.103 
CYS 'L-peptide linking' y CYSTEINE ?     'C3 H7 N O2 S'    121.158 
DMS non-polymer         . 'DIMETHYL SULFOXIDE' ?     'C2 H6 O S'       78.133  
EPE non-polymer         . '4-(2-HYDROXYETHYL)-1-PIPERAZINE ETHANESULFONIC ACID' HEPES 'C8 H18 N2 O4 S'  238.305 
GLN 'L-peptide linking' y GLUTAMINE ?     'C5 H10 N2 O3'    146.144 
GLU 'L-peptide linking' y 'GLUTAMIC ACID' ?     'C5 H9 N O4'      147.129 
GLY 'peptide linking'   y GLYCINE ?     'C2 H5 N O2'      75.067  
HIS 'L-peptide linking' y HISTIDINE ?     'C6 H10 N3 O2 1'  156.162 
HOH non-polymer         . WATER ?     'H2 O'            18.015  
ILE 'L-peptide linking' y ISOLEUCINE ?     'C6 H13 N O2'     131.173 
LEU 'L-peptide linking' y LEUCINE ?     'C6 H13 N O2'     131.173 
LYS 'L-peptide linking' y LYSINE ?     'C6 H15 N2 O2 1'  147.195 
MET 'L-peptide linking' y METHIONINE ?     'C5 H11 N O2 S'   149.211 
PHE 'L-peptide linking' y PHENYLALANINE ?     'C9 H11 N O2'     165.189 
PRO 'L-peptide linking' y PROLINE ?     'C5 H9 N O2'      115.130 
R0I non-polymer         . 
;1-[1,3-dimethyl-4-(1~{H}-1,2,3-triazol-5-yl)imidazol-1-ium-2-yl]-1,2',11'-trimethyl-spiro[1$l^{6}-platinacycloprop-2-ene-1,15'-1,12-diaza-15$l^{6}-platinatetracyclo[10.2.1.0^{5,14}.0^{8,13}]pentadeca-2,4,6,8,10,13-hexaene]
;
?     'C24 H26 N7 Pt 3' 607.588 
SER 'L-peptide linking' y SERINE ?     'C3 H7 N O3'      105.093 
THR 'L-peptide linking' y THREONINE ?     'C4 H9 N O3'      119.119 
TRP 'L-peptide linking' y TRYPTOPHAN ?     'C11 H12 N2 O2'   204.225 
TYR 'L-peptide linking' y TYROSINE ?     'C9 H11 N O3'     181.189 
VAL 'L-peptide linking' y VALINE ?     'C5 H11 N O2'     117.146 
# 
loop_
_pdbx_poly_seq_scheme.asym_id 
_pdbx_poly_seq_scheme.entity_id 
_pdbx_poly_seq_scheme.seq_id 
_pdbx_poly_seq_scheme.mon_id 
_pdbx_poly_seq_scheme.ndb_seq_num 
_pdbx_poly_seq_scheme.pdb_seq_num 
_pdbx_poly_seq_scheme.auth_seq_num 
_pdbx_poly_seq_scheme.pdb_mon_id 
_pdbx_poly_seq_scheme.auth_mon_id 
_pdbx_poly_seq_scheme.pdb_strand_id 
_pdbx_poly_seq_scheme.pdb_ins_code 
_pdbx_poly_seq_scheme.hetero 
A 1 1   LYS 1   1   1   LYS LYS AAA . n 
A 1 2   VAL 2   2   2   VAL VAL AAA . n 
A 1 3   PHE 3   3   3   PHE PHE AAA . n 
A 1 4   GLY 4   4   4   GLY GLY AAA . n 
A 1 5   ARG 5   5   5   ARG ARG AAA . n 
A 1 6   CYS 6   6   6   CYS CYS AAA . n 
A 1 7   GLU 7   7   7   GLU GLU AAA . n 
A 1 8   LEU 8   8   8   LEU LEU AAA . n 
A 1 9   ALA 9   9   9   ALA ALA AAA . n 
A 1 10  ALA 10  10  10  ALA ALA AAA . n 
A 1 11  ALA 11  11  11  ALA ALA AAA . n 
A 1 12  MET 12  12  12  MET MET AAA . n 
A 1 13  LYS 13  13  13  LYS LYS AAA . n 
A 1 14  ARG 14  14  14  ARG ARG AAA . n 
A 1 15  HIS 15  15  15  HIS HIS AAA . n 
A 1 16  GLY 16  16  16  GLY GLY AAA . n 
A 1 17  LEU 17  17  17  LEU LEU AAA . n 
A 1 18  ASP 18  18  18  ASP ASP AAA . n 
A 1 19  ASN 19  19  19  ASN ASN AAA . n 
A 1 20  TYR 20  20  20  TYR TYR AAA . n 
A 1 21  ARG 21  21  21  ARG ARG AAA . n 
A 1 22  GLY 22  22  22  GLY GLY AAA . n 
A 1 23  TYR 23  23  23  TYR TYR AAA . n 
A 1 24  SER 24  24  24  SER SER AAA . n 
A 1 25  LEU 25  25  25  LEU LEU AAA . n 
A 1 26  GLY 26  26  26  GLY GLY AAA . n 
A 1 27  ASN 27  27  27  ASN ASN AAA . n 
A 1 28  TRP 28  28  28  TRP TRP AAA . n 
A 1 29  VAL 29  29  29  VAL VAL AAA . n 
A 1 30  CYS 30  30  30  CYS CYS AAA . n 
A 1 31  ALA 31  31  31  ALA ALA AAA . n 
A 1 32  ALA 32  32  32  ALA ALA AAA . n 
A 1 33  LYS 33  33  33  LYS LYS AAA . n 
A 1 34  PHE 34  34  34  PHE PHE AAA . n 
A 1 35  GLU 35  35  35  GLU GLU AAA . n 
A 1 36  SER 36  36  36  SER SER AAA . n 
A 1 37  ASN 37  37  37  ASN ASN AAA . n 
A 1 38  PHE 38  38  38  PHE PHE AAA . n 
A 1 39  ASN 39  39  39  ASN ASN AAA . n 
A 1 40  THR 40  40  40  THR THR AAA . n 
A 1 41  GLN 41  41  41  GLN GLN AAA . n 
A 1 42  ALA 42  42  42  ALA ALA AAA . n 
A 1 43  THR 43  43  43  THR THR AAA . n 
A 1 44  ASN 44  44  44  ASN ASN AAA . n 
A 1 45  ARG 45  45  45  ARG ARG AAA . n 
A 1 46  ASN 46  46  46  ASN ASN AAA . n 
A 1 47  THR 47  47  47  THR THR AAA . n 
A 1 48  ASP 48  48  48  ASP ASP AAA . n 
A 1 49  GLY 49  49  49  GLY GLY AAA . n 
A 1 50  SER 50  50  50  SER SER AAA . n 
A 1 51  THR 51  51  51  THR THR AAA . n 
A 1 52  ASP 52  52  52  ASP ASP AAA . n 
A 1 53  TYR 53  53  53  TYR TYR AAA . n 
A 1 54  GLY 54  54  54  GLY GLY AAA . n 
A 1 55  ILE 55  55  55  ILE ILE AAA . n 
A 1 56  LEU 56  56  56  LEU LEU AAA . n 
A 1 57  GLN 57  57  57  GLN GLN AAA . n 
A 1 58  ILE 58  58  58  ILE ILE AAA . n 
A 1 59  ASN 59  59  59  ASN ASN AAA . n 
A 1 60  SER 60  60  60  SER SER AAA . n 
A 1 61  ARG 61  61  61  ARG ARG AAA . n 
A 1 62  TRP 62  62  62  TRP TRP AAA . n 
A 1 63  TRP 63  63  63  TRP TRP AAA . n 
A 1 64  CYS 64  64  64  CYS CYS AAA . n 
A 1 65  ASN 65  65  65  ASN ASN AAA . n 
A 1 66  ASP 66  66  66  ASP ASP AAA . n 
A 1 67  GLY 67  67  67  GLY GLY AAA . n 
A 1 68  ARG 68  68  68  ARG ARG AAA . n 
A 1 69  THR 69  69  69  THR THR AAA . n 
A 1 70  PRO 70  70  70  PRO PRO AAA . n 
A 1 71  GLY 71  71  71  GLY GLY AAA . n 
A 1 72  SER 72  72  72  SER SER AAA . n 
A 1 73  ARG 73  73  73  ARG ARG AAA . n 
A 1 74  ASN 74  74  74  ASN ASN AAA . n 
A 1 75  LEU 75  75  75  LEU LEU AAA . n 
A 1 76  CYS 76  76  76  CYS CYS AAA . n 
A 1 77  ASN 77  77  77  ASN ASN AAA . n 
A 1 78  ILE 78  78  78  ILE ILE AAA . n 
A 1 79  PRO 79  79  79  PRO PRO AAA . n 
A 1 80  CYS 80  80  80  CYS CYS AAA . n 
A 1 81  SER 81  81  81  SER SER AAA . n 
A 1 82  ALA 82  82  82  ALA ALA AAA . n 
A 1 83  LEU 83  83  83  LEU LEU AAA . n 
A 1 84  LEU 84  84  84  LEU LEU AAA . n 
A 1 85  SER 85  85  85  SER SER AAA . n 
A 1 86  SER 86  86  86  SER SER AAA . n 
A 1 87  ASP 87  87  87  ASP ASP AAA . n 
A 1 88  ILE 88  88  88  ILE ILE AAA . n 
A 1 89  THR 89  89  89  THR THR AAA . n 
A 1 90  ALA 90  90  90  ALA ALA AAA . n 
A 1 91  SER 91  91  91  SER SER AAA . n 
A 1 92  VAL 92  92  92  VAL VAL AAA . n 
A 1 93  ASN 93  93  93  ASN ASN AAA . n 
A 1 94  CYS 94  94  94  CYS CYS AAA . n 
A 1 95  ALA 95  95  95  ALA ALA AAA . n 
A 1 96  LYS 96  96  96  LYS LYS AAA . n 
A 1 97  LYS 97  97  97  LYS LYS AAA . n 
A 1 98  ILE 98  98  98  ILE ILE AAA . n 
A 1 99  VAL 99  99  99  VAL VAL AAA . n 
A 1 100 SER 100 100 100 SER SER AAA . n 
A 1 101 ASP 101 101 101 ASP ASP AAA . n 
A 1 102 GLY 102 102 102 GLY GLY AAA . n 
A 1 103 ASN 103 103 103 ASN ASN AAA . n 
A 1 104 GLY 104 104 104 GLY GLY AAA . n 
A 1 105 MET 105 105 105 MET MET AAA . n 
A 1 106 ASN 106 106 106 ASN ASN AAA . n 
A 1 107 ALA 107 107 107 ALA ALA AAA . n 
A 1 108 TRP 108 108 108 TRP TRP AAA . n 
A 1 109 VAL 109 109 109 VAL VAL AAA . n 
A 1 110 ALA 110 110 110 ALA ALA AAA . n 
A 1 111 TRP 111 111 111 TRP TRP AAA . n 
A 1 112 ARG 112 112 112 ARG ARG AAA . n 
A 1 113 ASN 113 113 113 ASN ASN AAA . n 
A 1 114 ARG 114 114 114 ARG ARG AAA . n 
A 1 115 CYS 115 115 115 CYS CYS AAA . n 
A 1 116 LYS 116 116 116 LYS LYS AAA . n 
A 1 117 GLY 117 117 117 GLY GLY AAA . n 
A 1 118 THR 118 118 118 THR THR AAA . n 
A 1 119 ASP 119 119 119 ASP ASP AAA . n 
A 1 120 VAL 120 120 120 VAL VAL AAA . n 
A 1 121 GLN 121 121 121 GLN GLN AAA . n 
A 1 122 ALA 122 122 122 ALA ALA AAA . n 
A 1 123 TRP 123 123 123 TRP TRP AAA . n 
A 1 124 ILE 124 124 124 ILE ILE AAA . n 
A 1 125 ARG 125 125 125 ARG ARG AAA . n 
A 1 126 GLY 126 126 126 GLY GLY AAA . n 
A 1 127 CYS 127 127 127 CYS CYS AAA . n 
A 1 128 ARG 128 128 128 ARG ARG AAA . n 
A 1 129 LEU 129 129 129 LEU LEU AAA . n 
# 
_pdbx_entity_instance_feature.ordinal        1 
_pdbx_entity_instance_feature.comp_id        R0I 
_pdbx_entity_instance_feature.asym_id        ? 
_pdbx_entity_instance_feature.seq_num        ? 
_pdbx_entity_instance_feature.auth_comp_id   R0I 
_pdbx_entity_instance_feature.auth_asym_id   ? 
_pdbx_entity_instance_feature.auth_seq_num   ? 
_pdbx_entity_instance_feature.feature_type   'SUBJECT OF INVESTIGATION' 
_pdbx_entity_instance_feature.details        ? 
# 
loop_
_pdbx_nonpoly_scheme.asym_id 
_pdbx_nonpoly_scheme.entity_id 
_pdbx_nonpoly_scheme.mon_id 
_pdbx_nonpoly_scheme.ndb_seq_num 
_pdbx_nonpoly_scheme.pdb_seq_num 
_pdbx_nonpoly_scheme.auth_seq_num 
_pdbx_nonpoly_scheme.pdb_mon_id 
_pdbx_nonpoly_scheme.auth_mon_id 
_pdbx_nonpoly_scheme.pdb_strand_id 
_pdbx_nonpoly_scheme.pdb_ins_code 
B 2 EPE 1   201 201 EPE EPE AAA . 
C 3 ACT 1   202 203 ACT ACT AAA . 
D 3 ACT 1   203 204 ACT ACT AAA . 
E 4 R0I 1   204 1   R0I J9C AAA . 
F 5 DMS 1   205 1   DMS DMS AAA . 
G 6 HOH 1   301 85  HOH HOH AAA . 
G 6 HOH 2   302 152 HOH HOH AAA . 
G 6 HOH 3   303 91  HOH HOH AAA . 
G 6 HOH 4   304 1   HOH HOH AAA . 
G 6 HOH 5   305 141 HOH HOH AAA . 
G 6 HOH 6   306 140 HOH HOH AAA . 
G 6 HOH 7   307 61  HOH HOH AAA . 
G 6 HOH 8   308 48  HOH HOH AAA . 
G 6 HOH 9   309 169 HOH HOH AAA . 
G 6 HOH 10  310 94  HOH HOH AAA . 
G 6 HOH 11  311 108 HOH HOH AAA . 
G 6 HOH 12  312 53  HOH HOH AAA . 
G 6 HOH 13  313 87  HOH HOH AAA . 
G 6 HOH 14  314 28  HOH HOH AAA . 
G 6 HOH 15  315 79  HOH HOH AAA . 
G 6 HOH 16  316 118 HOH HOH AAA . 
G 6 HOH 17  317 54  HOH HOH AAA . 
G 6 HOH 18  318 84  HOH HOH AAA . 
G 6 HOH 19  319 37  HOH HOH AAA . 
G 6 HOH 20  320 173 HOH HOH AAA . 
G 6 HOH 21  321 162 HOH HOH AAA . 
G 6 HOH 22  322 41  HOH HOH AAA . 
G 6 HOH 23  323 21  HOH HOH AAA . 
G 6 HOH 24  324 132 HOH HOH AAA . 
G 6 HOH 25  325 27  HOH HOH AAA . 
G 6 HOH 26  326 83  HOH HOH AAA . 
G 6 HOH 27  327 52  HOH HOH AAA . 
G 6 HOH 28  328 3   HOH HOH AAA . 
G 6 HOH 29  329 148 HOH HOH AAA . 
G 6 HOH 30  330 15  HOH HOH AAA . 
G 6 HOH 31  331 19  HOH HOH AAA . 
G 6 HOH 32  332 22  HOH HOH AAA . 
G 6 HOH 33  333 55  HOH HOH AAA . 
G 6 HOH 34  334 63  HOH HOH AAA . 
G 6 HOH 35  335 62  HOH HOH AAA . 
G 6 HOH 36  336 93  HOH HOH AAA . 
G 6 HOH 37  337 104 HOH HOH AAA . 
G 6 HOH 38  338 4   HOH HOH AAA . 
G 6 HOH 39  339 171 HOH HOH AAA . 
G 6 HOH 40  340 172 HOH HOH AAA . 
G 6 HOH 41  341 30  HOH HOH AAA . 
G 6 HOH 42  342 133 HOH HOH AAA . 
G 6 HOH 43  343 72  HOH HOH AAA . 
G 6 HOH 44  344 46  HOH HOH AAA . 
G 6 HOH 45  345 126 HOH HOH AAA . 
G 6 HOH 46  346 115 HOH HOH AAA . 
G 6 HOH 47  347 161 HOH HOH AAA . 
G 6 HOH 48  348 82  HOH HOH AAA . 
G 6 HOH 49  349 59  HOH HOH AAA . 
G 6 HOH 50  350 92  HOH HOH AAA . 
G 6 HOH 51  351 5   HOH HOH AAA . 
G 6 HOH 52  352 78  HOH HOH AAA . 
G 6 HOH 53  353 2   HOH HOH AAA . 
G 6 HOH 54  354 9   HOH HOH AAA . 
G 6 HOH 55  355 159 HOH HOH AAA . 
G 6 HOH 56  356 35  HOH HOH AAA . 
G 6 HOH 57  357 57  HOH HOH AAA . 
G 6 HOH 58  358 73  HOH HOH AAA . 
G 6 HOH 59  359 139 HOH HOH AAA . 
G 6 HOH 60  360 12  HOH HOH AAA . 
G 6 HOH 61  361 23  HOH HOH AAA . 
G 6 HOH 62  362 26  HOH HOH AAA . 
G 6 HOH 63  363 13  HOH HOH AAA . 
G 6 HOH 64  364 103 HOH HOH AAA . 
G 6 HOH 65  365 122 HOH HOH AAA . 
G 6 HOH 66  366 18  HOH HOH AAA . 
G 6 HOH 67  367 34  HOH HOH AAA . 
G 6 HOH 68  368 60  HOH HOH AAA . 
G 6 HOH 69  369 51  HOH HOH AAA . 
G 6 HOH 70  370 99  HOH HOH AAA . 
G 6 HOH 71  371 137 HOH HOH AAA . 
G 6 HOH 72  372 109 HOH HOH AAA . 
G 6 HOH 73  373 77  HOH HOH AAA . 
G 6 HOH 74  374 98  HOH HOH AAA . 
G 6 HOH 75  375 105 HOH HOH AAA . 
G 6 HOH 76  376 25  HOH HOH AAA . 
G 6 HOH 77  377 66  HOH HOH AAA . 
G 6 HOH 78  378 7   HOH HOH AAA . 
G 6 HOH 79  379 33  HOH HOH AAA . 
G 6 HOH 80  380 36  HOH HOH AAA . 
G 6 HOH 81  381 113 HOH HOH AAA . 
G 6 HOH 82  382 101 HOH HOH AAA . 
G 6 HOH 83  383 100 HOH HOH AAA . 
G 6 HOH 84  384 8   HOH HOH AAA . 
G 6 HOH 85  385 6   HOH HOH AAA . 
G 6 HOH 86  386 131 HOH HOH AAA . 
G 6 HOH 87  387 40  HOH HOH AAA . 
G 6 HOH 88  388 29  HOH HOH AAA . 
G 6 HOH 89  389 16  HOH HOH AAA . 
G 6 HOH 90  390 17  HOH HOH AAA . 
G 6 HOH 91  391 14  HOH HOH AAA . 
G 6 HOH 92  392 11  HOH HOH AAA . 
G 6 HOH 93  393 155 HOH HOH AAA . 
G 6 HOH 94  394 45  HOH HOH AAA . 
G 6 HOH 95  395 64  HOH HOH AAA . 
G 6 HOH 96  396 120 HOH HOH AAA . 
G 6 HOH 97  397 43  HOH HOH AAA . 
G 6 HOH 98  398 157 HOH HOH AAA . 
G 6 HOH 99  399 50  HOH HOH AAA . 
G 6 HOH 100 400 174 HOH HOH AAA . 
G 6 HOH 101 401 56  HOH HOH AAA . 
G 6 HOH 102 402 10  HOH HOH AAA . 
G 6 HOH 103 403 144 HOH HOH AAA . 
G 6 HOH 104 404 129 HOH HOH AAA . 
G 6 HOH 105 405 123 HOH HOH AAA . 
G 6 HOH 106 406 42  HOH HOH AAA . 
G 6 HOH 107 407 151 HOH HOH AAA . 
G 6 HOH 108 408 112 HOH HOH AAA . 
G 6 HOH 109 409 80  HOH HOH AAA . 
G 6 HOH 110 410 102 HOH HOH AAA . 
G 6 HOH 111 411 117 HOH HOH AAA . 
G 6 HOH 112 412 130 HOH HOH AAA . 
G 6 HOH 113 413 153 HOH HOH AAA . 
G 6 HOH 114 414 136 HOH HOH AAA . 
G 6 HOH 115 415 138 HOH HOH AAA . 
G 6 HOH 116 416 135 HOH HOH AAA . 
G 6 HOH 117 417 163 HOH HOH AAA . 
G 6 HOH 118 418 167 HOH HOH AAA . 
G 6 HOH 119 419 75  HOH HOH AAA . 
G 6 HOH 120 420 170 HOH HOH AAA . 
G 6 HOH 121 421 165 HOH HOH AAA . 
G 6 HOH 122 422 76  HOH HOH AAA . 
G 6 HOH 123 423 127 HOH HOH AAA . 
G 6 HOH 124 424 86  HOH HOH AAA . 
G 6 HOH 125 425 44  HOH HOH AAA . 
G 6 HOH 126 426 39  HOH HOH AAA . 
G 6 HOH 127 427 71  HOH HOH AAA . 
G 6 HOH 128 428 49  HOH HOH AAA . 
G 6 HOH 129 429 147 HOH HOH AAA . 
G 6 HOH 130 430 58  HOH HOH AAA . 
G 6 HOH 131 431 121 HOH HOH AAA . 
G 6 HOH 132 432 168 HOH HOH AAA . 
G 6 HOH 133 433 111 HOH HOH AAA . 
G 6 HOH 134 434 128 HOH HOH AAA . 
G 6 HOH 135 435 166 HOH HOH AAA . 
G 6 HOH 136 436 67  HOH HOH AAA . 
G 6 HOH 137 437 145 HOH HOH AAA . 
G 6 HOH 138 438 74  HOH HOH AAA . 
G 6 HOH 139 439 124 HOH HOH AAA . 
G 6 HOH 140 440 119 HOH HOH AAA . 
# 
loop_
_software.citation_id 
_software.classification 
_software.compiler_name 
_software.compiler_version 
_software.contact_author 
_software.contact_author_email 
_software.date 
_software.description 
_software.dependencies 
_software.hardware 
_software.language 
_software.location 
_software.mods 
_software.name 
_software.os 
_software.os_version 
_software.type 
_software.version 
_software.pdbx_ordinal 
? refinement       ? ? ? ? ? ? ? ? ? ? ? REFMAC   ? ? ? 5.8.0258 1 
? 'data reduction' ? ? ? ? ? ? ? ? ? ? ? autoPROC ? ? ? .        2 
? 'data scaling'   ? ? ? ? ? ? ? ? ? ? ? autoPROC ? ? ? .        3 
? phasing          ? ? ? ? ? ? ? ? ? ? ? PHASER   ? ? ? .        4 
# 
_cell.angle_alpha                  90.000 
_cell.angle_alpha_esd              ? 
_cell.angle_beta                   90.000 
_cell.angle_beta_esd               ? 
_cell.angle_gamma                  90.000 
_cell.angle_gamma_esd              ? 
_cell.entry_id                     8BOV 
_cell.details                      ? 
_cell.formula_units_Z              ? 
_cell.length_a                     78.580 
_cell.length_a_esd                 ? 
_cell.length_b                     78.580 
_cell.length_b_esd                 ? 
_cell.length_c                     37.050 
_cell.length_c_esd                 ? 
_cell.volume                       ? 
_cell.volume_esd                   ? 
_cell.Z_PDB                        8 
_cell.reciprocal_angle_alpha       ? 
_cell.reciprocal_angle_beta        ? 
_cell.reciprocal_angle_gamma       ? 
_cell.reciprocal_angle_alpha_esd   ? 
_cell.reciprocal_angle_beta_esd    ? 
_cell.reciprocal_angle_gamma_esd   ? 
_cell.reciprocal_length_a          ? 
_cell.reciprocal_length_b          ? 
_cell.reciprocal_length_c          ? 
_cell.reciprocal_length_a_esd      ? 
_cell.reciprocal_length_b_esd      ? 
_cell.reciprocal_length_c_esd      ? 
_cell.pdbx_unique_axis             ? 
_cell.pdbx_esd_method              ? 
# 
_symmetry.entry_id                         8BOV 
_symmetry.cell_setting                     ? 
_symmetry.Int_Tables_number                96 
_symmetry.space_group_name_Hall            ? 
_symmetry.space_group_name_H-M             'P 43 21 2' 
_symmetry.pdbx_full_space_group_name_H-M   ? 
# 
_exptl.absorpt_coefficient_mu     ? 
_exptl.absorpt_correction_T_max   ? 
_exptl.absorpt_correction_T_min   ? 
_exptl.absorpt_correction_type    ? 
_exptl.absorpt_process_details    ? 
_exptl.entry_id                   8BOV 
_exptl.crystals_number            1 
_exptl.details                    ? 
_exptl.method                     'X-RAY DIFFRACTION' 
_exptl.method_details             ? 
# 
_exptl_crystal.colour                       ? 
_exptl_crystal.density_diffrn               ? 
_exptl_crystal.density_Matthews             2.00 
_exptl_crystal.density_method               ? 
_exptl_crystal.density_percent_sol          38.36 
_exptl_crystal.description                  ? 
_exptl_crystal.F_000                        ? 
_exptl_crystal.id                           1 
_exptl_crystal.preparation                  ? 
_exptl_crystal.size_max                     ? 
_exptl_crystal.size_mid                     ? 
_exptl_crystal.size_min                     ? 
_exptl_crystal.size_rad                     ? 
_exptl_crystal.colour_lustre                ? 
_exptl_crystal.colour_modifier              ? 
_exptl_crystal.colour_primary               ? 
_exptl_crystal.density_meas                 ? 
_exptl_crystal.density_meas_esd             ? 
_exptl_crystal.density_meas_gt              ? 
_exptl_crystal.density_meas_lt              ? 
_exptl_crystal.density_meas_temp            ? 
_exptl_crystal.density_meas_temp_esd        ? 
_exptl_crystal.density_meas_temp_gt         ? 
_exptl_crystal.density_meas_temp_lt         ? 
_exptl_crystal.pdbx_crystal_image_url       ? 
_exptl_crystal.pdbx_crystal_image_format    ? 
_exptl_crystal.pdbx_mosaicity               ? 
_exptl_crystal.pdbx_mosaicity_esd           ? 
_exptl_crystal.pdbx_mosaic_method           ? 
_exptl_crystal.pdbx_mosaic_block_size       ? 
_exptl_crystal.pdbx_mosaic_block_size_esd   ? 
# 
_exptl_crystal_grow.apparatus       ? 
_exptl_crystal_grow.atmosphere      ? 
_exptl_crystal_grow.crystal_id      1 
_exptl_crystal_grow.details         ? 
_exptl_crystal_grow.method          'VAPOR DIFFUSION, HANGING DROP' 
_exptl_crystal_grow.method_ref      ? 
_exptl_crystal_grow.pH              7.5 
_exptl_crystal_grow.pressure        ? 
_exptl_crystal_grow.pressure_esd    ? 
_exptl_crystal_grow.seeding         ? 
_exptl_crystal_grow.seeding_ref     ? 
_exptl_crystal_grow.temp            293 
_exptl_crystal_grow.temp_details    ? 
_exptl_crystal_grow.temp_esd        ? 
_exptl_crystal_grow.time            ? 
_exptl_crystal_grow.pdbx_details    
;2.0 M sodium formate
0.1 M Hepes buffer pH 7.5
;
_exptl_crystal_grow.pdbx_pH_range   ? 
# 
_diffrn.ambient_environment              ? 
_diffrn.ambient_temp                     100 
_diffrn.ambient_temp_details             ? 
_diffrn.ambient_temp_esd                 ? 
_diffrn.crystal_id                       1 
_diffrn.crystal_support                  ? 
_diffrn.crystal_treatment                ? 
_diffrn.details                          ? 
_diffrn.id                               1 
_diffrn.ambient_pressure                 ? 
_diffrn.ambient_pressure_esd             ? 
_diffrn.ambient_pressure_gt              ? 
_diffrn.ambient_pressure_lt              ? 
_diffrn.ambient_temp_gt                  ? 
_diffrn.ambient_temp_lt                  ? 
_diffrn.pdbx_serial_crystal_experiment   N 
# 
_diffrn_detector.details                      ? 
_diffrn_detector.detector                     PIXEL 
_diffrn_detector.diffrn_id                    1 
_diffrn_detector.type                         'DECTRIS PILATUS 6M' 
_diffrn_detector.area_resol_mean              ? 
_diffrn_detector.dtime                        ? 
_diffrn_detector.pdbx_frames_total            ? 
_diffrn_detector.pdbx_collection_time_total   ? 
_diffrn_detector.pdbx_collection_date         2022-06-17 
_diffrn_detector.pdbx_frequency               ? 
# 
_diffrn_radiation.collimation                      ? 
_diffrn_radiation.diffrn_id                        1 
_diffrn_radiation.filter_edge                      ? 
_diffrn_radiation.inhomogeneity                    ? 
_diffrn_radiation.monochromator                    ? 
_diffrn_radiation.polarisn_norm                    ? 
_diffrn_radiation.polarisn_ratio                   ? 
_diffrn_radiation.probe                            ? 
_diffrn_radiation.type                             ? 
_diffrn_radiation.xray_symbol                      ? 
_diffrn_radiation.wavelength_id                    1 
_diffrn_radiation.pdbx_monochromatic_or_laue_m_l   M 
_diffrn_radiation.pdbx_wavelength_list             ? 
_diffrn_radiation.pdbx_wavelength                  ? 
_diffrn_radiation.pdbx_diffrn_protocol             'SINGLE WAVELENGTH' 
_diffrn_radiation.pdbx_analyzer                    ? 
_diffrn_radiation.pdbx_scattering_type             x-ray 
# 
_diffrn_radiation_wavelength.id           1 
_diffrn_radiation_wavelength.wavelength   1.00 
_diffrn_radiation_wavelength.wt           1.0 
# 
_diffrn_source.current                     ? 
_diffrn_source.details                     ? 
_diffrn_source.diffrn_id                   1 
_diffrn_source.power                       ? 
_diffrn_source.size                        ? 
_diffrn_source.source                      SYNCHROTRON 
_diffrn_source.target                      ? 
_diffrn_source.type                        'ELETTRA BEAMLINE 11.2C' 
_diffrn_source.voltage                     ? 
_diffrn_source.take-off_angle              ? 
_diffrn_source.pdbx_wavelength_list        1.00 
_diffrn_source.pdbx_wavelength             ? 
_diffrn_source.pdbx_synchrotron_beamline   11.2C 
_diffrn_source.pdbx_synchrotron_site       ELETTRA 
# 
_reflns.B_iso_Wilson_estimate                          ? 
_reflns.entry_id                                       8BOV 
_reflns.data_reduction_details                         ? 
_reflns.data_reduction_method                          ? 
_reflns.d_resolution_high                              1.25 
_reflns.d_resolution_low                               55.564 
_reflns.details                                        ? 
_reflns.limit_h_max                                    ? 
_reflns.limit_h_min                                    ? 
_reflns.limit_k_max                                    ? 
_reflns.limit_k_min                                    ? 
_reflns.limit_l_max                                    ? 
_reflns.limit_l_min                                    ? 
_reflns.number_all                                     ? 
_reflns.number_obs                                     32632 
_reflns.observed_criterion                             ? 
_reflns.observed_criterion_F_max                       ? 
_reflns.observed_criterion_F_min                       ? 
_reflns.observed_criterion_I_max                       ? 
_reflns.observed_criterion_I_min                       ? 
_reflns.observed_criterion_sigma_F                     ? 
_reflns.observed_criterion_sigma_I                     ? 
_reflns.percent_possible_obs                           99.9 
_reflns.R_free_details                                 ? 
_reflns.Rmerge_F_all                                   ? 
_reflns.Rmerge_F_obs                                   ? 
_reflns.Friedel_coverage                               ? 
_reflns.number_gt                                      ? 
_reflns.threshold_expression                           ? 
_reflns.pdbx_redundancy                                12.7 
_reflns.pdbx_Rmerge_I_obs                              0.046 
_reflns.pdbx_Rmerge_I_all                              ? 
_reflns.pdbx_Rsym_value                                ? 
_reflns.pdbx_netI_over_av_sigmaI                       ? 
_reflns.pdbx_netI_over_sigmaI                          22.9 
_reflns.pdbx_res_netI_over_av_sigmaI_2                 ? 
_reflns.pdbx_res_netI_over_sigmaI_2                    ? 
_reflns.pdbx_chi_squared                               ? 
_reflns.pdbx_scaling_rejects                           ? 
_reflns.pdbx_d_res_high_opt                            ? 
_reflns.pdbx_d_res_low_opt                             ? 
_reflns.pdbx_d_res_opt_method                          ? 
_reflns.phase_calculation_details                      ? 
_reflns.pdbx_Rrim_I_all                                ? 
_reflns.pdbx_Rpim_I_all                                ? 
_reflns.pdbx_d_opt                                     ? 
_reflns.pdbx_number_measured_all                       ? 
_reflns.pdbx_diffrn_id                                 1 
_reflns.pdbx_ordinal                                   1 
_reflns.pdbx_CC_half                                   0.999 
_reflns.pdbx_CC_star                                   ? 
_reflns.pdbx_R_split                                   ? 
_reflns.pdbx_aniso_diffraction_limit_axis_1_ortho[1]   ? 
_reflns.pdbx_aniso_diffraction_limit_axis_1_ortho[2]   ? 
_reflns.pdbx_aniso_diffraction_limit_axis_1_ortho[3]   ? 
_reflns.pdbx_aniso_diffraction_limit_axis_2_ortho[1]   ? 
_reflns.pdbx_aniso_diffraction_limit_axis_2_ortho[2]   ? 
_reflns.pdbx_aniso_diffraction_limit_axis_2_ortho[3]   ? 
_reflns.pdbx_aniso_diffraction_limit_axis_3_ortho[1]   ? 
_reflns.pdbx_aniso_diffraction_limit_axis_3_ortho[2]   ? 
_reflns.pdbx_aniso_diffraction_limit_axis_3_ortho[3]   ? 
_reflns.pdbx_aniso_diffraction_limit_1                 ? 
_reflns.pdbx_aniso_diffraction_limit_2                 ? 
_reflns.pdbx_aniso_diffraction_limit_3                 ? 
_reflns.pdbx_aniso_B_tensor_eigenvector_1_ortho[1]     ? 
_reflns.pdbx_aniso_B_tensor_eigenvector_1_ortho[2]     ? 
_reflns.pdbx_aniso_B_tensor_eigenvector_1_ortho[3]     ? 
_reflns.pdbx_aniso_B_tensor_eigenvector_2_ortho[1]     ? 
_reflns.pdbx_aniso_B_tensor_eigenvector_2_ortho[2]     ? 
_reflns.pdbx_aniso_B_tensor_eigenvector_2_ortho[3]     ? 
_reflns.pdbx_aniso_B_tensor_eigenvector_3_ortho[1]     ? 
_reflns.pdbx_aniso_B_tensor_eigenvector_3_ortho[2]     ? 
_reflns.pdbx_aniso_B_tensor_eigenvector_3_ortho[3]     ? 
_reflns.pdbx_aniso_B_tensor_eigenvalue_1               ? 
_reflns.pdbx_aniso_B_tensor_eigenvalue_2               ? 
_reflns.pdbx_aniso_B_tensor_eigenvalue_3               ? 
_reflns.pdbx_orthogonalization_convention              ? 
_reflns.pdbx_percent_possible_ellipsoidal              ? 
_reflns.pdbx_percent_possible_spherical                ? 
_reflns.pdbx_percent_possible_ellipsoidal_anomalous    ? 
_reflns.pdbx_percent_possible_spherical_anomalous      ? 
_reflns.pdbx_redundancy_anomalous                      ? 
_reflns.pdbx_CC_half_anomalous                         ? 
_reflns.pdbx_absDiff_over_sigma_anomalous              ? 
_reflns.pdbx_percent_possible_anomalous                ? 
_reflns.pdbx_observed_signal_threshold                 ? 
_reflns.pdbx_signal_type                               ? 
_reflns.pdbx_signal_details                            ? 
_reflns.pdbx_signal_software_id                        ? 
_reflns.pdbx_CC_split_method                           ? 
# 
_reflns_shell.d_res_high                                    1.25 
_reflns_shell.d_res_low                                     1.27 
_reflns_shell.meanI_over_sigI_all                           ? 
_reflns_shell.meanI_over_sigI_obs                           2.3 
_reflns_shell.number_measured_all                           ? 
_reflns_shell.number_measured_obs                           ? 
_reflns_shell.number_possible                               ? 
_reflns_shell.number_unique_all                             ? 
_reflns_shell.number_unique_obs                             1623 
_reflns_shell.percent_possible_all                          100.0 
_reflns_shell.percent_possible_obs                          ? 
_reflns_shell.Rmerge_F_all                                  ? 
_reflns_shell.Rmerge_F_obs                                  ? 
_reflns_shell.Rmerge_I_all                                  ? 
_reflns_shell.Rmerge_I_obs                                  1.069 
_reflns_shell.meanI_over_sigI_gt                            ? 
_reflns_shell.meanI_over_uI_all                             ? 
_reflns_shell.meanI_over_uI_gt                              ? 
_reflns_shell.number_measured_gt                            ? 
_reflns_shell.number_unique_gt                              ? 
_reflns_shell.percent_possible_gt                           ? 
_reflns_shell.Rmerge_F_gt                                   ? 
_reflns_shell.Rmerge_I_gt                                   ? 
_reflns_shell.pdbx_redundancy                               12.0 
_reflns_shell.pdbx_Rsym_value                               ? 
_reflns_shell.pdbx_chi_squared                              ? 
_reflns_shell.pdbx_netI_over_sigmaI_all                     ? 
_reflns_shell.pdbx_netI_over_sigmaI_obs                     ? 
_reflns_shell.pdbx_Rrim_I_all                               ? 
_reflns_shell.pdbx_Rpim_I_all                               ? 
_reflns_shell.pdbx_rejects                                  ? 
_reflns_shell.pdbx_ordinal                                  1 
_reflns_shell.pdbx_diffrn_id                                1 
_reflns_shell.pdbx_CC_half                                  0.854 
_reflns_shell.pdbx_CC_star                                  ? 
_reflns_shell.pdbx_R_split                                  ? 
_reflns_shell.pdbx_percent_possible_ellipsoidal             ? 
_reflns_shell.pdbx_percent_possible_spherical               ? 
_reflns_shell.pdbx_percent_possible_ellipsoidal_anomalous   ? 
_reflns_shell.pdbx_percent_possible_spherical_anomalous     ? 
_reflns_shell.pdbx_redundancy_anomalous                     ? 
_reflns_shell.pdbx_CC_half_anomalous                        ? 
_reflns_shell.pdbx_absDiff_over_sigma_anomalous             ? 
_reflns_shell.pdbx_percent_possible_anomalous               ? 
# 
_refine.aniso_B[1][1]                            -0.073 
_refine.aniso_B[1][2]                            0.000 
_refine.aniso_B[1][3]                            0.000 
_refine.aniso_B[2][2]                            -0.073 
_refine.aniso_B[2][3]                            0.000 
_refine.aniso_B[3][3]                            0.145 
_refine.B_iso_max                                ? 
_refine.B_iso_mean                               19.592 
_refine.B_iso_min                                ? 
_refine.correlation_coeff_Fo_to_Fc               0.969 
_refine.correlation_coeff_Fo_to_Fc_free          0.950 
_refine.details                                  'Hydrogens have been added in their riding positions' 
_refine.diff_density_max                         ? 
_refine.diff_density_max_esd                     ? 
_refine.diff_density_min                         ? 
_refine.diff_density_min_esd                     ? 
_refine.diff_density_rms                         ? 
_refine.diff_density_rms_esd                     ? 
_refine.entry_id                                 8BOV 
_refine.pdbx_refine_id                           'X-RAY DIFFRACTION' 
_refine.ls_abs_structure_details                 ? 
_refine.ls_abs_structure_Flack                   ? 
_refine.ls_abs_structure_Flack_esd               ? 
_refine.ls_abs_structure_Rogers                  ? 
_refine.ls_abs_structure_Rogers_esd              ? 
_refine.ls_d_res_high                            1.250 
_refine.ls_d_res_low                             55.564 
_refine.ls_extinction_coef                       ? 
_refine.ls_extinction_coef_esd                   ? 
_refine.ls_extinction_expression                 ? 
_refine.ls_extinction_method                     ? 
_refine.ls_goodness_of_fit_all                   ? 
_refine.ls_goodness_of_fit_all_esd               ? 
_refine.ls_goodness_of_fit_obs                   ? 
_refine.ls_goodness_of_fit_obs_esd               ? 
_refine.ls_hydrogen_treatment                    ? 
_refine.ls_matrix_type                           ? 
_refine.ls_number_constraints                    ? 
_refine.ls_number_parameters                     ? 
_refine.ls_number_reflns_all                     ? 
_refine.ls_number_reflns_obs                     32632 
_refine.ls_number_reflns_R_free                  1606 
_refine.ls_number_reflns_R_work                  31026 
_refine.ls_number_restraints                     ? 
_refine.ls_percent_reflns_obs                    99.841 
_refine.ls_percent_reflns_R_free                 4.922 
_refine.ls_R_factor_all                          0.184 
_refine.ls_R_factor_obs                          ? 
_refine.ls_R_factor_R_free                       0.2179 
_refine.ls_R_factor_R_free_error                 ? 
_refine.ls_R_factor_R_free_error_details         ? 
_refine.ls_R_factor_R_work                       0.1824 
_refine.ls_R_Fsqd_factor_obs                     ? 
_refine.ls_R_I_factor_obs                        ? 
_refine.ls_redundancy_reflns_all                 ? 
_refine.ls_redundancy_reflns_obs                 ? 
_refine.ls_restrained_S_all                      ? 
_refine.ls_restrained_S_obs                      ? 
_refine.ls_shift_over_esd_max                    ? 
_refine.ls_shift_over_esd_mean                   ? 
_refine.ls_structure_factor_coef                 ? 
_refine.ls_weighting_details                     ? 
_refine.ls_weighting_scheme                      ? 
_refine.ls_wR_factor_all                         ? 
_refine.ls_wR_factor_obs                         ? 
_refine.ls_wR_factor_R_free                      ? 
_refine.ls_wR_factor_R_work                      ? 
_refine.occupancy_max                            ? 
_refine.occupancy_min                            ? 
_refine.solvent_model_details                    'MASK BULK SOLVENT' 
_refine.solvent_model_param_bsol                 ? 
_refine.solvent_model_param_ksol                 ? 
_refine.pdbx_R_complete                          ? 
_refine.ls_R_factor_gt                           ? 
_refine.ls_goodness_of_fit_gt                    ? 
_refine.ls_goodness_of_fit_ref                   ? 
_refine.ls_shift_over_su_max                     ? 
_refine.ls_shift_over_su_max_lt                  ? 
_refine.ls_shift_over_su_mean                    ? 
_refine.ls_shift_over_su_mean_lt                 ? 
_refine.pdbx_ls_sigma_I                          ? 
_refine.pdbx_ls_sigma_F                          ? 
_refine.pdbx_ls_sigma_Fsqd                       ? 
_refine.pdbx_data_cutoff_high_absF               ? 
_refine.pdbx_data_cutoff_high_rms_absF           ? 
_refine.pdbx_data_cutoff_low_absF                ? 
_refine.pdbx_isotropic_thermal_model             ? 
_refine.pdbx_ls_cross_valid_method               THROUGHOUT 
_refine.pdbx_method_to_determine_struct          'MOLECULAR REPLACEMENT' 
_refine.pdbx_starting_model                      193L 
_refine.pdbx_stereochemistry_target_values       ? 
_refine.pdbx_R_Free_selection_details            ? 
_refine.pdbx_stereochem_target_val_spec_case     ? 
_refine.pdbx_overall_ESU_R                       0.051 
_refine.pdbx_overall_ESU_R_Free                  0.056 
_refine.pdbx_solvent_vdw_probe_radii             1.200 
_refine.pdbx_solvent_ion_probe_radii             0.800 
_refine.pdbx_solvent_shrinkage_radii             0.800 
_refine.pdbx_real_space_R                        ? 
_refine.pdbx_density_correlation                 ? 
_refine.pdbx_pd_number_of_powder_patterns        ? 
_refine.pdbx_pd_number_of_points                 ? 
_refine.pdbx_pd_meas_number_of_points            ? 
_refine.pdbx_pd_proc_ls_prof_R_factor            ? 
_refine.pdbx_pd_proc_ls_prof_wR_factor           ? 
_refine.pdbx_pd_Marquardt_correlation_coeff      ? 
_refine.pdbx_pd_Fsqrd_R_factor                   ? 
_refine.pdbx_pd_ls_matrix_band_width             ? 
_refine.pdbx_overall_phase_error                 ? 
_refine.pdbx_overall_SU_R_free_Cruickshank_DPI   ? 
_refine.pdbx_overall_SU_R_free_Blow_DPI          ? 
_refine.pdbx_overall_SU_R_Blow_DPI               ? 
_refine.pdbx_TLS_residual_ADP_flag               ? 
_refine.pdbx_diffrn_id                           1 
_refine.overall_SU_B                             0.874 
_refine.overall_SU_ML                            0.038 
_refine.overall_SU_R_Cruickshank_DPI             ? 
_refine.overall_SU_R_free                        ? 
_refine.overall_FOM_free_R_set                   ? 
_refine.overall_FOM_work_R_set                   ? 
_refine.pdbx_average_fsc_overall                 ? 
_refine.pdbx_average_fsc_work                    ? 
_refine.pdbx_average_fsc_free                    ? 
# 
_refine_hist.pdbx_refine_id                   'X-RAY DIFFRACTION' 
_refine_hist.cycle_id                         LAST 
_refine_hist.pdbx_number_atoms_protein        1001 
_refine_hist.pdbx_number_atoms_nucleic_acid   0 
_refine_hist.pdbx_number_atoms_ligand         59 
_refine_hist.number_atoms_solvent             140 
_refine_hist.number_atoms_total               1200 
_refine_hist.d_res_high                       1.250 
_refine_hist.d_res_low                        55.564 
# 
loop_
_refine_ls_restr.pdbx_refine_id 
_refine_ls_restr.criterion 
_refine_ls_restr.dev_ideal 
_refine_ls_restr.dev_ideal_target 
_refine_ls_restr.number 
_refine_ls_restr.rejects 
_refine_ls_restr.type 
_refine_ls_restr.weight 
_refine_ls_restr.pdbx_restraint_function 
'X-RAY DIFFRACTION' ? 0.017  0.013  1140 ? r_bond_refined_d               ? ? 
'X-RAY DIFFRACTION' ? 0.001  0.018  991  ? r_bond_other_d                 ? ? 
'X-RAY DIFFRACTION' ? 2.358  1.694  1538 ? r_angle_refined_deg            ? ? 
'X-RAY DIFFRACTION' ? 1.638  1.615  2291 ? r_angle_other_deg              ? ? 
'X-RAY DIFFRACTION' ? 6.395  5.000  135  ? r_dihedral_angle_1_deg         ? ? 
'X-RAY DIFFRACTION' ? 34.453 20.299 67   ? r_dihedral_angle_2_deg         ? ? 
'X-RAY DIFFRACTION' ? 16.410 15.000 183  ? r_dihedral_angle_3_deg         ? ? 
'X-RAY DIFFRACTION' ? 18.216 15.000 13   ? r_dihedral_angle_4_deg         ? ? 
'X-RAY DIFFRACTION' ? 0.198  0.200  139  ? r_chiral_restr                 ? ? 
'X-RAY DIFFRACTION' ? 0.013  0.020  1294 ? r_gen_planes_refined           ? ? 
'X-RAY DIFFRACTION' ? 0.002  0.020  263  ? r_gen_planes_other             ? ? 
'X-RAY DIFFRACTION' ? 0.234  0.200  262  ? r_nbd_refined                  ? ? 
'X-RAY DIFFRACTION' ? 0.221  0.200  955  ? r_symmetry_nbd_other           ? ? 
'X-RAY DIFFRACTION' ? 0.180  0.200  530  ? r_nbtor_refined                ? ? 
'X-RAY DIFFRACTION' ? 0.093  0.200  457  ? r_symmetry_nbtor_other         ? ? 
'X-RAY DIFFRACTION' ? 0.214  0.200  91   ? r_xyhbond_nbd_refined          ? ? 
'X-RAY DIFFRACTION' ? 0.262  0.200  16   ? r_symmetry_nbd_refined         ? ? 
'X-RAY DIFFRACTION' ? 0.271  0.200  36   ? r_nbd_other                    ? ? 
'X-RAY DIFFRACTION' ? 0.139  0.200  18   ? r_symmetry_xyhbond_nbd_refined ? ? 
'X-RAY DIFFRACTION' ? 1.542  1.733  536  ? r_mcbond_it                    ? ? 
'X-RAY DIFFRACTION' ? 1.475  1.716  533  ? r_mcbond_other                 ? ? 
'X-RAY DIFFRACTION' ? 2.034  2.586  671  ? r_mcangle_it                   ? ? 
'X-RAY DIFFRACTION' ? 2.054  2.590  672  ? r_mcangle_other                ? ? 
'X-RAY DIFFRACTION' ? 3.060  2.164  604  ? r_scbond_it                    ? ? 
'X-RAY DIFFRACTION' ? 3.058  2.165  605  ? r_scbond_other                 ? ? 
'X-RAY DIFFRACTION' ? 4.631  3.129  866  ? r_scangle_it                   ? ? 
'X-RAY DIFFRACTION' ? 4.628  3.131  867  ? r_scangle_other                ? ? 
'X-RAY DIFFRACTION' ? 6.151  22.276 1501 ? r_lrange_it                    ? ? 
'X-RAY DIFFRACTION' ? 6.154  22.283 1502 ? r_lrange_other                 ? ? 
# 
loop_
_refine_ls_shell.pdbx_refine_id 
_refine_ls_shell.d_res_high 
_refine_ls_shell.d_res_low 
_refine_ls_shell.number_reflns_all 
_refine_ls_shell.number_reflns_obs 
_refine_ls_shell.number_reflns_R_free 
_refine_ls_shell.number_reflns_R_work 
_refine_ls_shell.percent_reflns_obs 
_refine_ls_shell.percent_reflns_R_free 
_refine_ls_shell.R_factor_all 
_refine_ls_shell.R_factor_obs 
_refine_ls_shell.R_factor_R_free 
_refine_ls_shell.R_factor_R_free_error 
_refine_ls_shell.R_factor_R_work 
_refine_ls_shell.redundancy_reflns_all 
_refine_ls_shell.redundancy_reflns_obs 
_refine_ls_shell.wR_factor_all 
_refine_ls_shell.wR_factor_obs 
_refine_ls_shell.wR_factor_R_free 
_refine_ls_shell.wR_factor_R_work 
_refine_ls_shell.pdbx_R_complete 
_refine_ls_shell.pdbx_total_number_of_bins_used 
_refine_ls_shell.pdbx_phase_error 
_refine_ls_shell.pdbx_fsc_work 
_refine_ls_shell.pdbx_fsc_free 
'X-RAY DIFFRACTION' 1.250 1.282 . . 124 2229 99.1572  . . . 0.343 . 0.303 . . . . . . . . . . . 
'X-RAY DIFFRACTION' 1.282 1.318 . . 97  2215 99.9136  . . . 0.342 . 0.287 . . . . . . . . . . . 
'X-RAY DIFFRACTION' 1.318 1.356 . . 121 2130 99.8669  . . . 0.359 . 0.286 . . . . . . . . . . . 
'X-RAY DIFFRACTION' 1.356 1.397 . . 119 2051 99.9079  . . . 0.339 . 0.269 . . . . . . . . . . . 
'X-RAY DIFFRACTION' 1.397 1.443 . . 105 2031 100.0000 . . . 0.327 . 0.251 . . . . . . . . . . . 
'X-RAY DIFFRACTION' 1.443 1.494 . . 93  1958 99.9513  . . . 0.230 . 0.230 . . . . . . . . . . . 
'X-RAY DIFFRACTION' 1.494 1.550 . . 96  1903 99.9500  . . . 0.222 . 0.222 . . . . . . . . . . . 
'X-RAY DIFFRACTION' 1.550 1.613 . . 96  1821 99.7918  . . . 0.241 . 0.202 . . . . . . . . . . . 
'X-RAY DIFFRACTION' 1.613 1.685 . . 96  1734 99.7819  . . . 0.272 . 0.198 . . . . . . . . . . . 
'X-RAY DIFFRACTION' 1.685 1.767 . . 86  1688 99.8312  . . . 0.243 . 0.195 . . . . . . . . . . . 
'X-RAY DIFFRACTION' 1.767 1.863 . . 72  1609 99.7626  . . . 0.240 . 0.187 . . . . . . . . . . . 
'X-RAY DIFFRACTION' 1.863 1.976 . . 85  1505 99.9371  . . . 0.189 . 0.172 . . . . . . . . . . . 
'X-RAY DIFFRACTION' 1.976 2.112 . . 80  1434 100.0000 . . . 0.180 . 0.173 . . . . . . . . . . . 
'X-RAY DIFFRACTION' 2.112 2.281 . . 65  1328 99.7137  . . . 0.191 . 0.155 . . . . . . . . . . . 
'X-RAY DIFFRACTION' 2.281 2.498 . . 68  1242 99.9237  . . . 0.142 . 0.142 . . . . . . . . . . . 
'X-RAY DIFFRACTION' 2.498 2.792 . . 55  1142 100.0000 . . . 0.161 . 0.157 . . . . . . . . . . . 
'X-RAY DIFFRACTION' 2.792 3.223 . . 49  1006 100.0000 . . . 0.183 . 0.151 . . . . . . . . . . . 
'X-RAY DIFFRACTION' 3.223 3.944 . . 41  873  99.8907  . . . 0.225 . 0.147 . . . . . . . . . . . 
'X-RAY DIFFRACTION' 3.944 5.563 . . 35  696  100.0000 . . . 0.203 . 0.168 . . . . . . . . . . . 
# 
_struct.entry_id                     8BOV 
_struct.title                        
'X-ray structure of the adduct formed upon reaction of the five-coordinate Pt(II) complex, 1-Me,Me, with HEWL at pH 7.5' 
_struct.pdbx_model_details           ? 
_struct.pdbx_formula_weight          ? 
_struct.pdbx_formula_weight_method   ? 
_struct.pdbx_model_type_details      ? 
_struct.pdbx_CASP_flag               N 
# 
_struct_keywords.entry_id        8BOV 
_struct_keywords.text            'platinum, five-coordinate, glucoconjugate, metallodrug, protein interaction, HYDROLASE' 
_struct_keywords.pdbx_keywords   HYDROLASE 
# 
loop_
_struct_asym.id 
_struct_asym.pdbx_blank_PDB_chainid_flag 
_struct_asym.pdbx_modified 
_struct_asym.entity_id 
_struct_asym.details 
A N N 1 ? 
B N N 2 ? 
C N N 3 ? 
D N N 3 ? 
E N N 4 ? 
F N N 5 ? 
G N N 6 ? 
# 
_struct_ref.id                         1 
_struct_ref.db_name                    UNP 
_struct_ref.db_code                    LYSC_CHICK 
_struct_ref.pdbx_db_accession          P00698 
_struct_ref.pdbx_db_isoform            ? 
_struct_ref.entity_id                  1 
_struct_ref.pdbx_seq_one_letter_code   
;KVFGRCELAAAMKRHGLDNYRGYSLGNWVCAAKFESNFNTQATNRNTDGSTDYGILQINSRWWCNDGRTPGSRNLCNIPC
SALLSSDITASVNCAKKIVSDGNGMNAWVAWRNRCKGTDVQAWIRGCRL
;
_struct_ref.pdbx_align_begin           19 
# 
_struct_ref_seq.align_id                      1 
_struct_ref_seq.ref_id                        1 
_struct_ref_seq.pdbx_PDB_id_code              8BOV 
_struct_ref_seq.pdbx_strand_id                AAA 
_struct_ref_seq.seq_align_beg                 1 
_struct_ref_seq.pdbx_seq_align_beg_ins_code   ? 
_struct_ref_seq.seq_align_end                 129 
_struct_ref_seq.pdbx_seq_align_end_ins_code   ? 
_struct_ref_seq.pdbx_db_accession             P00698 
_struct_ref_seq.db_align_beg                  19 
_struct_ref_seq.pdbx_db_align_beg_ins_code    ? 
_struct_ref_seq.db_align_end                  147 
_struct_ref_seq.pdbx_db_align_end_ins_code    ? 
_struct_ref_seq.pdbx_auth_seq_align_beg       1 
_struct_ref_seq.pdbx_auth_seq_align_end       129 
# 
_pdbx_struct_assembly.id                   1 
_pdbx_struct_assembly.details              author_defined_assembly 
_pdbx_struct_assembly.method_details       ? 
_pdbx_struct_assembly.oligomeric_details   monomeric 
_pdbx_struct_assembly.oligomeric_count     1 
# 
loop_
_pdbx_struct_assembly_prop.biol_id 
_pdbx_struct_assembly_prop.type 
_pdbx_struct_assembly_prop.value 
_pdbx_struct_assembly_prop.details 
1 'ABSA (A^2)' 1090 ? 
1 MORE         9    ? 
1 'SSA (A^2)'  6690 ? 
# 
_pdbx_struct_assembly_gen.assembly_id       1 
_pdbx_struct_assembly_gen.oper_expression   1 
_pdbx_struct_assembly_gen.asym_id_list      A,B,C,D,E,F,G 
# 
_pdbx_struct_assembly_auth_evidence.id                     1 
_pdbx_struct_assembly_auth_evidence.assembly_id            1 
_pdbx_struct_assembly_auth_evidence.experimental_support   none 
_pdbx_struct_assembly_auth_evidence.details                ? 
# 
_pdbx_struct_oper_list.id                   1 
_pdbx_struct_oper_list.type                 'identity operation' 
_pdbx_struct_oper_list.name                 1_555 
_pdbx_struct_oper_list.symmetry_operation   x,y,z 
_pdbx_struct_oper_list.matrix[1][1]         1.0000000000 
_pdbx_struct_oper_list.matrix[1][2]         0.0000000000 
_pdbx_struct_oper_list.matrix[1][3]         0.0000000000 
_pdbx_struct_oper_list.vector[1]            0.0000000000 
_pdbx_struct_oper_list.matrix[2][1]         0.0000000000 
_pdbx_struct_oper_list.matrix[2][2]         1.0000000000 
_pdbx_struct_oper_list.matrix[2][3]         0.0000000000 
_pdbx_struct_oper_list.vector[2]            0.0000000000 
_pdbx_struct_oper_list.matrix[3][1]         0.0000000000 
_pdbx_struct_oper_list.matrix[3][2]         0.0000000000 
_pdbx_struct_oper_list.matrix[3][3]         1.0000000000 
_pdbx_struct_oper_list.vector[3]            0.0000000000 
# 
loop_
_struct_conf.conf_type_id 
_struct_conf.id 
_struct_conf.pdbx_PDB_helix_id 
_struct_conf.beg_label_comp_id 
_struct_conf.beg_label_asym_id 
_struct_conf.beg_label_seq_id 
_struct_conf.pdbx_beg_PDB_ins_code 
_struct_conf.end_label_comp_id 
_struct_conf.end_label_asym_id 
_struct_conf.end_label_seq_id 
_struct_conf.pdbx_end_PDB_ins_code 
_struct_conf.beg_auth_comp_id 
_struct_conf.beg_auth_asym_id 
_struct_conf.beg_auth_seq_id 
_struct_conf.end_auth_comp_id 
_struct_conf.end_auth_asym_id 
_struct_conf.end_auth_seq_id 
_struct_conf.pdbx_PDB_helix_class 
_struct_conf.details 
_struct_conf.pdbx_PDB_helix_length 
HELX_P HELX_P1 AA1 GLY A 4   ? HIS A 15  ? GLY AAA 4   HIS AAA 15  1 ? 12 
HELX_P HELX_P2 AA2 ASN A 19  ? TYR A 23  ? ASN AAA 19  TYR AAA 23  5 ? 5  
HELX_P HELX_P3 AA3 SER A 24  ? ASN A 37  ? SER AAA 24  ASN AAA 37  1 ? 14 
HELX_P HELX_P4 AA4 PRO A 79  ? SER A 85  ? PRO AAA 79  SER AAA 85  5 ? 7  
HELX_P HELX_P5 AA5 ILE A 88  ? SER A 100 ? ILE AAA 88  SER AAA 100 1 ? 13 
HELX_P HELX_P6 AA6 ASN A 103 ? ALA A 107 ? ASN AAA 103 ALA AAA 107 5 ? 5  
HELX_P HELX_P7 AA7 TRP A 108 ? CYS A 115 ? TRP AAA 108 CYS AAA 115 1 ? 8  
HELX_P HELX_P8 AA8 ASP A 119 ? ARG A 125 ? ASP AAA 119 ARG AAA 125 5 ? 7  
# 
_struct_conf_type.id          HELX_P 
_struct_conf_type.criteria    ? 
_struct_conf_type.reference   ? 
# 
loop_
_struct_conn.id 
_struct_conn.conn_type_id 
_struct_conn.pdbx_leaving_atom_flag 
_struct_conn.pdbx_PDB_id 
_struct_conn.ptnr1_label_asym_id 
_struct_conn.ptnr1_label_comp_id 
_struct_conn.ptnr1_label_seq_id 
_struct_conn.ptnr1_label_atom_id 
_struct_conn.pdbx_ptnr1_label_alt_id 
_struct_conn.pdbx_ptnr1_PDB_ins_code 
_struct_conn.pdbx_ptnr1_standard_comp_id 
_struct_conn.ptnr1_symmetry 
_struct_conn.ptnr2_label_asym_id 
_struct_conn.ptnr2_label_comp_id 
_struct_conn.ptnr2_label_seq_id 
_struct_conn.ptnr2_label_atom_id 
_struct_conn.pdbx_ptnr2_label_alt_id 
_struct_conn.pdbx_ptnr2_PDB_ins_code 
_struct_conn.ptnr1_auth_asym_id 
_struct_conn.ptnr1_auth_comp_id 
_struct_conn.ptnr1_auth_seq_id 
_struct_conn.ptnr2_auth_asym_id 
_struct_conn.ptnr2_auth_comp_id 
_struct_conn.ptnr2_auth_seq_id 
_struct_conn.ptnr2_symmetry 
_struct_conn.pdbx_ptnr3_label_atom_id 
_struct_conn.pdbx_ptnr3_label_seq_id 
_struct_conn.pdbx_ptnr3_label_comp_id 
_struct_conn.pdbx_ptnr3_label_asym_id 
_struct_conn.pdbx_ptnr3_label_alt_id 
_struct_conn.pdbx_ptnr3_PDB_ins_code 
_struct_conn.details 
_struct_conn.pdbx_dist_value 
_struct_conn.pdbx_value_order 
_struct_conn.pdbx_role 
disulf1 disulf ? ? A CYS 6  SG ? ? ? 1_555 A CYS 127 SG ? ? AAA CYS 6  AAA CYS 127 1_555 ? ? ? ? ? ? ? 2.032 ? ? 
disulf2 disulf ? ? A CYS 30 SG ? ? ? 1_555 A CYS 115 SG ? ? AAA CYS 30 AAA CYS 115 1_555 ? ? ? ? ? ? ? 2.118 ? ? 
disulf3 disulf ? ? A CYS 64 SG ? ? ? 1_555 A CYS 80  SG ? ? AAA CYS 64 AAA CYS 80  1_555 ? ? ? ? ? ? ? 2.093 ? ? 
disulf4 disulf ? ? A CYS 76 SG ? ? ? 1_555 A CYS 94  SG ? ? AAA CYS 76 AAA CYS 94  1_555 ? ? ? ? ? ? ? 2.046 ? ? 
# 
_struct_conn_type.id          disulf 
_struct_conn_type.criteria    ? 
_struct_conn_type.reference   ? 
# 
loop_
_pdbx_modification_feature.ordinal 
_pdbx_modification_feature.label_comp_id 
_pdbx_modification_feature.label_asym_id 
_pdbx_modification_feature.label_seq_id 
_pdbx_modification_feature.label_alt_id 
_pdbx_modification_feature.modified_residue_label_comp_id 
_pdbx_modification_feature.modified_residue_label_asym_id 
_pdbx_modification_feature.modified_residue_label_seq_id 
_pdbx_modification_feature.modified_residue_label_alt_id 
_pdbx_modification_feature.auth_comp_id 
_pdbx_modification_feature.auth_asym_id 
_pdbx_modification_feature.auth_seq_id 
_pdbx_modification_feature.PDB_ins_code 
_pdbx_modification_feature.symmetry 
_pdbx_modification_feature.modified_residue_auth_comp_id 
_pdbx_modification_feature.modified_residue_auth_asym_id 
_pdbx_modification_feature.modified_residue_auth_seq_id 
_pdbx_modification_feature.modified_residue_PDB_ins_code 
_pdbx_modification_feature.modified_residue_symmetry 
_pdbx_modification_feature.comp_id_linking_atom 
_pdbx_modification_feature.modified_residue_id_linking_atom 
_pdbx_modification_feature.modified_residue_id 
_pdbx_modification_feature.ref_pcm_id 
_pdbx_modification_feature.ref_comp_id 
_pdbx_modification_feature.type 
_pdbx_modification_feature.category 
1 CYS A 6  ? CYS A 127 ? CYS AAA 6  ? 1_555 CYS AAA 127 ? 1_555 SG SG . . . None 'Disulfide bridge' 
2 CYS A 30 ? CYS A 115 ? CYS AAA 30 ? 1_555 CYS AAA 115 ? 1_555 SG SG . . . None 'Disulfide bridge' 
3 CYS A 64 ? CYS A 80  ? CYS AAA 64 ? 1_555 CYS AAA 80  ? 1_555 SG SG . . . None 'Disulfide bridge' 
4 CYS A 76 ? CYS A 94  ? CYS AAA 76 ? 1_555 CYS AAA 94  ? 1_555 SG SG . . . None 'Disulfide bridge' 
# 
_struct_sheet.id               AA1 
_struct_sheet.type             ? 
_struct_sheet.number_strands   3 
_struct_sheet.details          ? 
# 
loop_
_struct_sheet_order.sheet_id 
_struct_sheet_order.range_id_1 
_struct_sheet_order.range_id_2 
_struct_sheet_order.offset 
_struct_sheet_order.sense 
AA1 1 2 ? anti-parallel 
AA1 2 3 ? anti-parallel 
# 
loop_
_struct_sheet_range.sheet_id 
_struct_sheet_range.id 
_struct_sheet_range.beg_label_comp_id 
_struct_sheet_range.beg_label_asym_id 
_struct_sheet_range.beg_label_seq_id 
_struct_sheet_range.pdbx_beg_PDB_ins_code 
_struct_sheet_range.end_label_comp_id 
_struct_sheet_range.end_label_asym_id 
_struct_sheet_range.end_label_seq_id 
_struct_sheet_range.pdbx_end_PDB_ins_code 
_struct_sheet_range.beg_auth_comp_id 
_struct_sheet_range.beg_auth_asym_id 
_struct_sheet_range.beg_auth_seq_id 
_struct_sheet_range.end_auth_comp_id 
_struct_sheet_range.end_auth_asym_id 
_struct_sheet_range.end_auth_seq_id 
AA1 1 THR A 43 ? ARG A 45 ? THR AAA 43 ARG AAA 45 
AA1 2 THR A 51 ? TYR A 53 ? THR AAA 51 TYR AAA 53 
AA1 3 ILE A 58 ? ASN A 59 ? ILE AAA 58 ASN AAA 59 
# 
loop_
_pdbx_struct_sheet_hbond.sheet_id 
_pdbx_struct_sheet_hbond.range_id_1 
_pdbx_struct_sheet_hbond.range_id_2 
_pdbx_struct_sheet_hbond.range_1_label_atom_id 
_pdbx_struct_sheet_hbond.range_1_label_comp_id 
_pdbx_struct_sheet_hbond.range_1_label_asym_id 
_pdbx_struct_sheet_hbond.range_1_label_seq_id 
_pdbx_struct_sheet_hbond.range_1_PDB_ins_code 
_pdbx_struct_sheet_hbond.range_1_auth_atom_id 
_pdbx_struct_sheet_hbond.range_1_auth_comp_id 
_pdbx_struct_sheet_hbond.range_1_auth_asym_id 
_pdbx_struct_sheet_hbond.range_1_auth_seq_id 
_pdbx_struct_sheet_hbond.range_2_label_atom_id 
_pdbx_struct_sheet_hbond.range_2_label_comp_id 
_pdbx_struct_sheet_hbond.range_2_label_asym_id 
_pdbx_struct_sheet_hbond.range_2_label_seq_id 
_pdbx_struct_sheet_hbond.range_2_PDB_ins_code 
_pdbx_struct_sheet_hbond.range_2_auth_atom_id 
_pdbx_struct_sheet_hbond.range_2_auth_comp_id 
_pdbx_struct_sheet_hbond.range_2_auth_asym_id 
_pdbx_struct_sheet_hbond.range_2_auth_seq_id 
AA1 1 2 N ASN A 44 ? N ASN AAA 44 O ASP A 52 ? O ASP AAA 52 
AA1 2 3 N TYR A 53 ? N TYR AAA 53 O ILE A 58 ? O ILE AAA 58 
# 
_pdbx_entry_details.entry_id                   8BOV 
_pdbx_entry_details.has_ligand_of_interest     Y 
_pdbx_entry_details.compound_details           ? 
_pdbx_entry_details.source_details             ? 
_pdbx_entry_details.nonpolymer_details         ? 
_pdbx_entry_details.sequence_details           ? 
_pdbx_entry_details.has_protein_modification   Y 
# 
loop_
_pdbx_validate_close_contact.id 
_pdbx_validate_close_contact.PDB_model_num 
_pdbx_validate_close_contact.auth_atom_id_1 
_pdbx_validate_close_contact.auth_asym_id_1 
_pdbx_validate_close_contact.auth_comp_id_1 
_pdbx_validate_close_contact.auth_seq_id_1 
_pdbx_validate_close_contact.PDB_ins_code_1 
_pdbx_validate_close_contact.label_alt_id_1 
_pdbx_validate_close_contact.auth_atom_id_2 
_pdbx_validate_close_contact.auth_asym_id_2 
_pdbx_validate_close_contact.auth_comp_id_2 
_pdbx_validate_close_contact.auth_seq_id_2 
_pdbx_validate_close_contact.PDB_ins_code_2 
_pdbx_validate_close_contact.label_alt_id_2 
_pdbx_validate_close_contact.dist 
1 1 O3S AAA EPE 201 ? ? O AAA HOH 301 ? ? 2.07 
2 1 O   AAA HOH 398 ? ? O AAA HOH 420 ? ? 2.19 
# 
loop_
_pdbx_validate_rmsd_angle.id 
_pdbx_validate_rmsd_angle.PDB_model_num 
_pdbx_validate_rmsd_angle.auth_atom_id_1 
_pdbx_validate_rmsd_angle.auth_asym_id_1 
_pdbx_validate_rmsd_angle.auth_comp_id_1 
_pdbx_validate_rmsd_angle.auth_seq_id_1 
_pdbx_validate_rmsd_angle.PDB_ins_code_1 
_pdbx_validate_rmsd_angle.label_alt_id_1 
_pdbx_validate_rmsd_angle.auth_atom_id_2 
_pdbx_validate_rmsd_angle.auth_asym_id_2 
_pdbx_validate_rmsd_angle.auth_comp_id_2 
_pdbx_validate_rmsd_angle.auth_seq_id_2 
_pdbx_validate_rmsd_angle.PDB_ins_code_2 
_pdbx_validate_rmsd_angle.label_alt_id_2 
_pdbx_validate_rmsd_angle.auth_atom_id_3 
_pdbx_validate_rmsd_angle.auth_asym_id_3 
_pdbx_validate_rmsd_angle.auth_comp_id_3 
_pdbx_validate_rmsd_angle.auth_seq_id_3 
_pdbx_validate_rmsd_angle.PDB_ins_code_3 
_pdbx_validate_rmsd_angle.label_alt_id_3 
_pdbx_validate_rmsd_angle.angle_value 
_pdbx_validate_rmsd_angle.angle_target_value 
_pdbx_validate_rmsd_angle.angle_deviation 
_pdbx_validate_rmsd_angle.angle_standard_deviation 
_pdbx_validate_rmsd_angle.linker_flag 
1 1 NE AAA ARG 45 ? B CZ AAA ARG 45 ? B NH1 AAA ARG 45 ? B 127.52 120.30 7.22  0.50 N 
2 1 NE AAA ARG 45 ? B CZ AAA ARG 45 ? B NH2 AAA ARG 45 ? B 115.78 120.30 -4.52 0.50 N 
# 
loop_
_pdbx_struct_special_symmetry.id 
_pdbx_struct_special_symmetry.PDB_model_num 
_pdbx_struct_special_symmetry.auth_asym_id 
_pdbx_struct_special_symmetry.auth_comp_id 
_pdbx_struct_special_symmetry.auth_seq_id 
_pdbx_struct_special_symmetry.PDB_ins_code 
_pdbx_struct_special_symmetry.label_asym_id 
_pdbx_struct_special_symmetry.label_comp_id 
_pdbx_struct_special_symmetry.label_seq_id 
1 1 AAA HOH 345 ? G HOH . 
2 1 AAA HOH 379 ? G HOH . 
3 1 AAA HOH 436 ? G HOH . 
# 
loop_
_chem_comp_atom.comp_id 
_chem_comp_atom.atom_id 
_chem_comp_atom.type_symbol 
_chem_comp_atom.pdbx_aromatic_flag 
_chem_comp_atom.pdbx_stereo_config 
_chem_comp_atom.pdbx_ordinal 
ACT C    C  N N 1   
ACT O    O  N N 2   
ACT OXT  O  N N 3   
ACT CH3  C  N N 4   
ACT H1   H  N N 5   
ACT H2   H  N N 6   
ACT H3   H  N N 7   
ALA N    N  N N 8   
ALA CA   C  N S 9   
ALA C    C  N N 10  
ALA O    O  N N 11  
ALA CB   C  N N 12  
ALA OXT  O  N N 13  
ALA H    H  N N 14  
ALA H2   H  N N 15  
ALA HA   H  N N 16  
ALA HB1  H  N N 17  
ALA HB2  H  N N 18  
ALA HB3  H  N N 19  
ALA HXT  H  N N 20  
ARG N    N  N N 21  
ARG CA   C  N S 22  
ARG C    C  N N 23  
ARG O    O  N N 24  
ARG CB   C  N N 25  
ARG CG   C  N N 26  
ARG CD   C  N N 27  
ARG NE   N  N N 28  
ARG CZ   C  N N 29  
ARG NH1  N  N N 30  
ARG NH2  N  N N 31  
ARG OXT  O  N N 32  
ARG H    H  N N 33  
ARG H2   H  N N 34  
ARG HA   H  N N 35  
ARG HB2  H  N N 36  
ARG HB3  H  N N 37  
ARG HG2  H  N N 38  
ARG HG3  H  N N 39  
ARG HD2  H  N N 40  
ARG HD3  H  N N 41  
ARG HE   H  N N 42  
ARG HH11 H  N N 43  
ARG HH12 H  N N 44  
ARG HH21 H  N N 45  
ARG HH22 H  N N 46  
ARG HXT  H  N N 47  
ASN N    N  N N 48  
ASN CA   C  N S 49  
ASN C    C  N N 50  
ASN O    O  N N 51  
ASN CB   C  N N 52  
ASN CG   C  N N 53  
ASN OD1  O  N N 54  
ASN ND2  N  N N 55  
ASN OXT  O  N N 56  
ASN H    H  N N 57  
ASN H2   H  N N 58  
ASN HA   H  N N 59  
ASN HB2  H  N N 60  
ASN HB3  H  N N 61  
ASN HD21 H  N N 62  
ASN HD22 H  N N 63  
ASN HXT  H  N N 64  
ASP N    N  N N 65  
ASP CA   C  N S 66  
ASP C    C  N N 67  
ASP O    O  N N 68  
ASP CB   C  N N 69  
ASP CG   C  N N 70  
ASP OD1  O  N N 71  
ASP OD2  O  N N 72  
ASP OXT  O  N N 73  
ASP H    H  N N 74  
ASP H2   H  N N 75  
ASP HA   H  N N 76  
ASP HB2  H  N N 77  
ASP HB3  H  N N 78  
ASP HD2  H  N N 79  
ASP HXT  H  N N 80  
CYS N    N  N N 81  
CYS CA   C  N R 82  
CYS C    C  N N 83  
CYS O    O  N N 84  
CYS CB   C  N N 85  
CYS SG   S  N N 86  
CYS OXT  O  N N 87  
CYS H    H  N N 88  
CYS H2   H  N N 89  
CYS HA   H  N N 90  
CYS HB2  H  N N 91  
CYS HB3  H  N N 92  
CYS HG   H  N N 93  
CYS HXT  H  N N 94  
DMS S    S  N N 95  
DMS O    O  N N 96  
DMS C1   C  N N 97  
DMS C2   C  N N 98  
DMS H11  H  N N 99  
DMS H12  H  N N 100 
DMS H13  H  N N 101 
DMS H21  H  N N 102 
DMS H22  H  N N 103 
DMS H23  H  N N 104 
EPE N1   N  N N 105 
EPE C2   C  N N 106 
EPE C3   C  N N 107 
EPE N4   N  N N 108 
EPE C5   C  N N 109 
EPE C6   C  N N 110 
EPE C7   C  N N 111 
EPE C8   C  N N 112 
EPE O8   O  N N 113 
EPE C9   C  N N 114 
EPE C10  C  N N 115 
EPE S    S  N N 116 
EPE O1S  O  N N 117 
EPE O2S  O  N N 118 
EPE O3S  O  N N 119 
EPE H21  H  N N 120 
EPE H22  H  N N 121 
EPE H31  H  N N 122 
EPE H32  H  N N 123 
EPE H51  H  N N 124 
EPE H52  H  N N 125 
EPE H61  H  N N 126 
EPE H62  H  N N 127 
EPE H71  H  N N 128 
EPE H72  H  N N 129 
EPE H81  H  N N 130 
EPE H82  H  N N 131 
EPE HO8  H  N N 132 
EPE H91  H  N N 133 
EPE H92  H  N N 134 
EPE H101 H  N N 135 
EPE H102 H  N N 136 
EPE HOS3 H  N N 137 
GLN N    N  N N 138 
GLN CA   C  N S 139 
GLN C    C  N N 140 
GLN O    O  N N 141 
GLN CB   C  N N 142 
GLN CG   C  N N 143 
GLN CD   C  N N 144 
GLN OE1  O  N N 145 
GLN NE2  N  N N 146 
GLN OXT  O  N N 147 
GLN H    H  N N 148 
GLN H2   H  N N 149 
GLN HA   H  N N 150 
GLN HB2  H  N N 151 
GLN HB3  H  N N 152 
GLN HG2  H  N N 153 
GLN HG3  H  N N 154 
GLN HE21 H  N N 155 
GLN HE22 H  N N 156 
GLN HXT  H  N N 157 
GLU N    N  N N 158 
GLU CA   C  N S 159 
GLU C    C  N N 160 
GLU O    O  N N 161 
GLU CB   C  N N 162 
GLU CG   C  N N 163 
GLU CD   C  N N 164 
GLU OE1  O  N N 165 
GLU OE2  O  N N 166 
GLU OXT  O  N N 167 
GLU H    H  N N 168 
GLU H2   H  N N 169 
GLU HA   H  N N 170 
GLU HB2  H  N N 171 
GLU HB3  H  N N 172 
GLU HG2  H  N N 173 
GLU HG3  H  N N 174 
GLU HE2  H  N N 175 
GLU HXT  H  N N 176 
GLY N    N  N N 177 
GLY CA   C  N N 178 
GLY C    C  N N 179 
GLY O    O  N N 180 
GLY OXT  O  N N 181 
GLY H    H  N N 182 
GLY H2   H  N N 183 
GLY HA2  H  N N 184 
GLY HA3  H  N N 185 
GLY HXT  H  N N 186 
HIS N    N  N N 187 
HIS CA   C  N S 188 
HIS C    C  N N 189 
HIS O    O  N N 190 
HIS CB   C  N N 191 
HIS CG   C  Y N 192 
HIS ND1  N  Y N 193 
HIS CD2  C  Y N 194 
HIS CE1  C  Y N 195 
HIS NE2  N  Y N 196 
HIS OXT  O  N N 197 
HIS H    H  N N 198 
HIS H2   H  N N 199 
HIS HA   H  N N 200 
HIS HB2  H  N N 201 
HIS HB3  H  N N 202 
HIS HD1  H  N N 203 
HIS HD2  H  N N 204 
HIS HE1  H  N N 205 
HIS HE2  H  N N 206 
HIS HXT  H  N N 207 
HOH O    O  N N 208 
HOH H1   H  N N 209 
HOH H2   H  N N 210 
ILE N    N  N N 211 
ILE CA   C  N S 212 
ILE C    C  N N 213 
ILE O    O  N N 214 
ILE CB   C  N S 215 
ILE CG1  C  N N 216 
ILE CG2  C  N N 217 
ILE CD1  C  N N 218 
ILE OXT  O  N N 219 
ILE H    H  N N 220 
ILE H2   H  N N 221 
ILE HA   H  N N 222 
ILE HB   H  N N 223 
ILE HG12 H  N N 224 
ILE HG13 H  N N 225 
ILE HG21 H  N N 226 
ILE HG22 H  N N 227 
ILE HG23 H  N N 228 
ILE HD11 H  N N 229 
ILE HD12 H  N N 230 
ILE HD13 H  N N 231 
ILE HXT  H  N N 232 
LEU N    N  N N 233 
LEU CA   C  N S 234 
LEU C    C  N N 235 
LEU O    O  N N 236 
LEU CB   C  N N 237 
LEU CG   C  N N 238 
LEU CD1  C  N N 239 
LEU CD2  C  N N 240 
LEU OXT  O  N N 241 
LEU H    H  N N 242 
LEU H2   H  N N 243 
LEU HA   H  N N 244 
LEU HB2  H  N N 245 
LEU HB3  H  N N 246 
LEU HG   H  N N 247 
LEU HD11 H  N N 248 
LEU HD12 H  N N 249 
LEU HD13 H  N N 250 
LEU HD21 H  N N 251 
LEU HD22 H  N N 252 
LEU HD23 H  N N 253 
LEU HXT  H  N N 254 
LYS N    N  N N 255 
LYS CA   C  N S 256 
LYS C    C  N N 257 
LYS O    O  N N 258 
LYS CB   C  N N 259 
LYS CG   C  N N 260 
LYS CD   C  N N 261 
LYS CE   C  N N 262 
LYS NZ   N  N N 263 
LYS OXT  O  N N 264 
LYS H    H  N N 265 
LYS H2   H  N N 266 
LYS HA   H  N N 267 
LYS HB2  H  N N 268 
LYS HB3  H  N N 269 
LYS HG2  H  N N 270 
LYS HG3  H  N N 271 
LYS HD2  H  N N 272 
LYS HD3  H  N N 273 
LYS HE2  H  N N 274 
LYS HE3  H  N N 275 
LYS HZ1  H  N N 276 
LYS HZ2  H  N N 277 
LYS HZ3  H  N N 278 
LYS HXT  H  N N 279 
MET N    N  N N 280 
MET CA   C  N S 281 
MET C    C  N N 282 
MET O    O  N N 283 
MET CB   C  N N 284 
MET CG   C  N N 285 
MET SD   S  N N 286 
MET CE   C  N N 287 
MET OXT  O  N N 288 
MET H    H  N N 289 
MET H2   H  N N 290 
MET HA   H  N N 291 
MET HB2  H  N N 292 
MET HB3  H  N N 293 
MET HG2  H  N N 294 
MET HG3  H  N N 295 
MET HE1  H  N N 296 
MET HE2  H  N N 297 
MET HE3  H  N N 298 
MET HXT  H  N N 299 
PHE N    N  N N 300 
PHE CA   C  N S 301 
PHE C    C  N N 302 
PHE O    O  N N 303 
PHE CB   C  N N 304 
PHE CG   C  Y N 305 
PHE CD1  C  Y N 306 
PHE CD2  C  Y N 307 
PHE CE1  C  Y N 308 
PHE CE2  C  Y N 309 
PHE CZ   C  Y N 310 
PHE OXT  O  N N 311 
PHE H    H  N N 312 
PHE H2   H  N N 313 
PHE HA   H  N N 314 
PHE HB2  H  N N 315 
PHE HB3  H  N N 316 
PHE HD1  H  N N 317 
PHE HD2  H  N N 318 
PHE HE1  H  N N 319 
PHE HE2  H  N N 320 
PHE HZ   H  N N 321 
PHE HXT  H  N N 322 
PRO N    N  N N 323 
PRO CA   C  N S 324 
PRO C    C  N N 325 
PRO O    O  N N 326 
PRO CB   C  N N 327 
PRO CG   C  N N 328 
PRO CD   C  N N 329 
PRO OXT  O  N N 330 
PRO H    H  N N 331 
PRO HA   H  N N 332 
PRO HB2  H  N N 333 
PRO HB3  H  N N 334 
PRO HG2  H  N N 335 
PRO HG3  H  N N 336 
PRO HD2  H  N N 337 
PRO HD3  H  N N 338 
PRO HXT  H  N N 339 
R0I C10  C  N N 340 
R0I C11  C  Y N 341 
R0I C13  C  Y N 342 
R0I C2   C  N N 343 
R0I C3   C  N N 344 
R0I C4   C  N N 345 
R0I C5   C  N N 346 
R0I C6   C  N N 347 
R0I C8   C  N N 348 
R0I C12  C  Y N 349 
R0I C9A  C  N N 350 
R0I C9   C  N N 351 
R0I C7   C  N N 352 
R0I N10  N  N N 353 
R0I C6A  C  N N 354 
R0I C1A  C  N N 355 
R0I C4A  C  N N 356 
R0I N1   N  N N 357 
R0I C2A  C  N N 358 
R0I PT   PT N N 359 
R0I CP   C  N N 360 
R0I N2   N  Y N 361 
R0I N3   N  Y N 362 
R0I C14  C  N N 363 
R0I C15  C  N N 364 
R0I C17  C  N N 365 
R0I C18  C  N N 366 
R0I C19  C  Y N 367 
R0I C20  C  Y N 368 
R0I N6   N  Y N 369 
R0I N4   N  Y N 370 
R0I N5   N  Y N 371 
R0I H1   H  N N 372 
R0I H2   H  N N 373 
R0I H3   H  N N 374 
R0I H4   H  N N 375 
R0I H5   H  N N 376 
R0I H6   H  N N 377 
R0I H7   H  N N 378 
R0I H8   H  N N 379 
R0I H9   H  N N 380 
R0I H10  H  N N 381 
R0I H11  H  N N 382 
R0I H12  H  N N 383 
R0I H13  H  N N 384 
R0I H14  H  N N 385 
R0I H15  H  N N 386 
R0I H16  H  N N 387 
R0I H17  H  N N 388 
R0I H18  H  N N 389 
R0I H19  H  N N 390 
R0I H20  H  N N 391 
R0I H21  H  N N 392 
R0I H22  H  N N 393 
R0I H27  H  N N 394 
R0I H28  H  N N 395 
R0I H23  H  N N 396 
R0I H24  H  N N 397 
SER N    N  N N 398 
SER CA   C  N S 399 
SER C    C  N N 400 
SER O    O  N N 401 
SER CB   C  N N 402 
SER OG   O  N N 403 
SER OXT  O  N N 404 
SER H    H  N N 405 
SER H2   H  N N 406 
SER HA   H  N N 407 
SER HB2  H  N N 408 
SER HB3  H  N N 409 
SER HG   H  N N 410 
SER HXT  H  N N 411 
THR N    N  N N 412 
THR CA   C  N S 413 
THR C    C  N N 414 
THR O    O  N N 415 
THR CB   C  N R 416 
THR OG1  O  N N 417 
THR CG2  C  N N 418 
THR OXT  O  N N 419 
THR H    H  N N 420 
THR H2   H  N N 421 
THR HA   H  N N 422 
THR HB   H  N N 423 
THR HG1  H  N N 424 
THR HG21 H  N N 425 
THR HG22 H  N N 426 
THR HG23 H  N N 427 
THR HXT  H  N N 428 
TRP N    N  N N 429 
TRP CA   C  N S 430 
TRP C    C  N N 431 
TRP O    O  N N 432 
TRP CB   C  N N 433 
TRP CG   C  Y N 434 
TRP CD1  C  Y N 435 
TRP CD2  C  Y N 436 
TRP NE1  N  Y N 437 
TRP CE2  C  Y N 438 
TRP CE3  C  Y N 439 
TRP CZ2  C  Y N 440 
TRP CZ3  C  Y N 441 
TRP CH2  C  Y N 442 
TRP OXT  O  N N 443 
TRP H    H  N N 444 
TRP H2   H  N N 445 
TRP HA   H  N N 446 
TRP HB2  H  N N 447 
TRP HB3  H  N N 448 
TRP HD1  H  N N 449 
TRP HE1  H  N N 450 
TRP HE3  H  N N 451 
TRP HZ2  H  N N 452 
TRP HZ3  H  N N 453 
TRP HH2  H  N N 454 
TRP HXT  H  N N 455 
TYR N    N  N N 456 
TYR CA   C  N S 457 
TYR C    C  N N 458 
TYR O    O  N N 459 
TYR CB   C  N N 460 
TYR CG   C  Y N 461 
TYR CD1  C  Y N 462 
TYR CD2  C  Y N 463 
TYR CE1  C  Y N 464 
TYR CE2  C  Y N 465 
TYR CZ   C  Y N 466 
TYR OH   O  N N 467 
TYR OXT  O  N N 468 
TYR H    H  N N 469 
TYR H2   H  N N 470 
TYR HA   H  N N 471 
TYR HB2  H  N N 472 
TYR HB3  H  N N 473 
TYR HD1  H  N N 474 
TYR HD2  H  N N 475 
TYR HE1  H  N N 476 
TYR HE2  H  N N 477 
TYR HH   H  N N 478 
TYR HXT  H  N N 479 
VAL N    N  N N 480 
VAL CA   C  N S 481 
VAL C    C  N N 482 
VAL O    O  N N 483 
VAL CB   C  N N 484 
VAL CG1  C  N N 485 
VAL CG2  C  N N 486 
VAL OXT  O  N N 487 
VAL H    H  N N 488 
VAL H2   H  N N 489 
VAL HA   H  N N 490 
VAL HB   H  N N 491 
VAL HG11 H  N N 492 
VAL HG12 H  N N 493 
VAL HG13 H  N N 494 
VAL HG21 H  N N 495 
VAL HG22 H  N N 496 
VAL HG23 H  N N 497 
VAL HXT  H  N N 498 
# 
loop_
_chem_comp_bond.comp_id 
_chem_comp_bond.atom_id_1 
_chem_comp_bond.atom_id_2 
_chem_comp_bond.value_order 
_chem_comp_bond.pdbx_aromatic_flag 
_chem_comp_bond.pdbx_stereo_config 
_chem_comp_bond.pdbx_ordinal 
ACT C   O    doub N N 1   
ACT C   OXT  sing N N 2   
ACT C   CH3  sing N N 3   
ACT CH3 H1   sing N N 4   
ACT CH3 H2   sing N N 5   
ACT CH3 H3   sing N N 6   
ALA N   CA   sing N N 7   
ALA N   H    sing N N 8   
ALA N   H2   sing N N 9   
ALA CA  C    sing N N 10  
ALA CA  CB   sing N N 11  
ALA CA  HA   sing N N 12  
ALA C   O    doub N N 13  
ALA C   OXT  sing N N 14  
ALA CB  HB1  sing N N 15  
ALA CB  HB2  sing N N 16  
ALA CB  HB3  sing N N 17  
ALA OXT HXT  sing N N 18  
ARG N   CA   sing N N 19  
ARG N   H    sing N N 20  
ARG N   H2   sing N N 21  
ARG CA  C    sing N N 22  
ARG CA  CB   sing N N 23  
ARG CA  HA   sing N N 24  
ARG C   O    doub N N 25  
ARG C   OXT  sing N N 26  
ARG CB  CG   sing N N 27  
ARG CB  HB2  sing N N 28  
ARG CB  HB3  sing N N 29  
ARG CG  CD   sing N N 30  
ARG CG  HG2  sing N N 31  
ARG CG  HG3  sing N N 32  
ARG CD  NE   sing N N 33  
ARG CD  HD2  sing N N 34  
ARG CD  HD3  sing N N 35  
ARG NE  CZ   sing N N 36  
ARG NE  HE   sing N N 37  
ARG CZ  NH1  sing N N 38  
ARG CZ  NH2  doub N N 39  
ARG NH1 HH11 sing N N 40  
ARG NH1 HH12 sing N N 41  
ARG NH2 HH21 sing N N 42  
ARG NH2 HH22 sing N N 43  
ARG OXT HXT  sing N N 44  
ASN N   CA   sing N N 45  
ASN N   H    sing N N 46  
ASN N   H2   sing N N 47  
ASN CA  C    sing N N 48  
ASN CA  CB   sing N N 49  
ASN CA  HA   sing N N 50  
ASN C   O    doub N N 51  
ASN C   OXT  sing N N 52  
ASN CB  CG   sing N N 53  
ASN CB  HB2  sing N N 54  
ASN CB  HB3  sing N N 55  
ASN CG  OD1  doub N N 56  
ASN CG  ND2  sing N N 57  
ASN ND2 HD21 sing N N 58  
ASN ND2 HD22 sing N N 59  
ASN OXT HXT  sing N N 60  
ASP N   CA   sing N N 61  
ASP N   H    sing N N 62  
ASP N   H2   sing N N 63  
ASP CA  C    sing N N 64  
ASP CA  CB   sing N N 65  
ASP CA  HA   sing N N 66  
ASP C   O    doub N N 67  
ASP C   OXT  sing N N 68  
ASP CB  CG   sing N N 69  
ASP CB  HB2  sing N N 70  
ASP CB  HB3  sing N N 71  
ASP CG  OD1  doub N N 72  
ASP CG  OD2  sing N N 73  
ASP OD2 HD2  sing N N 74  
ASP OXT HXT  sing N N 75  
CYS N   CA   sing N N 76  
CYS N   H    sing N N 77  
CYS N   H2   sing N N 78  
CYS CA  C    sing N N 79  
CYS CA  CB   sing N N 80  
CYS CA  HA   sing N N 81  
CYS C   O    doub N N 82  
CYS C   OXT  sing N N 83  
CYS CB  SG   sing N N 84  
CYS CB  HB2  sing N N 85  
CYS CB  HB3  sing N N 86  
CYS SG  HG   sing N N 87  
CYS OXT HXT  sing N N 88  
DMS S   O    doub N N 89  
DMS S   C1   sing N N 90  
DMS S   C2   sing N N 91  
DMS C1  H11  sing N N 92  
DMS C1  H12  sing N N 93  
DMS C1  H13  sing N N 94  
DMS C2  H21  sing N N 95  
DMS C2  H22  sing N N 96  
DMS C2  H23  sing N N 97  
EPE N1  C2   sing N N 98  
EPE N1  C6   sing N N 99  
EPE N1  C9   sing N N 100 
EPE C2  C3   sing N N 101 
EPE C2  H21  sing N N 102 
EPE C2  H22  sing N N 103 
EPE C3  N4   sing N N 104 
EPE C3  H31  sing N N 105 
EPE C3  H32  sing N N 106 
EPE N4  C5   sing N N 107 
EPE N4  C7   sing N N 108 
EPE C5  C6   sing N N 109 
EPE C5  H51  sing N N 110 
EPE C5  H52  sing N N 111 
EPE C6  H61  sing N N 112 
EPE C6  H62  sing N N 113 
EPE C7  C8   sing N N 114 
EPE C7  H71  sing N N 115 
EPE C7  H72  sing N N 116 
EPE C8  O8   sing N N 117 
EPE C8  H81  sing N N 118 
EPE C8  H82  sing N N 119 
EPE O8  HO8  sing N N 120 
EPE C9  C10  sing N N 121 
EPE C9  H91  sing N N 122 
EPE C9  H92  sing N N 123 
EPE C10 S    sing N N 124 
EPE C10 H101 sing N N 125 
EPE C10 H102 sing N N 126 
EPE S   O1S  doub N N 127 
EPE S   O2S  doub N N 128 
EPE S   O3S  sing N N 129 
EPE O3S HOS3 sing N N 130 
GLN N   CA   sing N N 131 
GLN N   H    sing N N 132 
GLN N   H2   sing N N 133 
GLN CA  C    sing N N 134 
GLN CA  CB   sing N N 135 
GLN CA  HA   sing N N 136 
GLN C   O    doub N N 137 
GLN C   OXT  sing N N 138 
GLN CB  CG   sing N N 139 
GLN CB  HB2  sing N N 140 
GLN CB  HB3  sing N N 141 
GLN CG  CD   sing N N 142 
GLN CG  HG2  sing N N 143 
GLN CG  HG3  sing N N 144 
GLN CD  OE1  doub N N 145 
GLN CD  NE2  sing N N 146 
GLN NE2 HE21 sing N N 147 
GLN NE2 HE22 sing N N 148 
GLN OXT HXT  sing N N 149 
GLU N   CA   sing N N 150 
GLU N   H    sing N N 151 
GLU N   H2   sing N N 152 
GLU CA  C    sing N N 153 
GLU CA  CB   sing N N 154 
GLU CA  HA   sing N N 155 
GLU C   O    doub N N 156 
GLU C   OXT  sing N N 157 
GLU CB  CG   sing N N 158 
GLU CB  HB2  sing N N 159 
GLU CB  HB3  sing N N 160 
GLU CG  CD   sing N N 161 
GLU CG  HG2  sing N N 162 
GLU CG  HG3  sing N N 163 
GLU CD  OE1  doub N N 164 
GLU CD  OE2  sing N N 165 
GLU OE2 HE2  sing N N 166 
GLU OXT HXT  sing N N 167 
GLY N   CA   sing N N 168 
GLY N   H    sing N N 169 
GLY N   H2   sing N N 170 
GLY CA  C    sing N N 171 
GLY CA  HA2  sing N N 172 
GLY CA  HA3  sing N N 173 
GLY C   O    doub N N 174 
GLY C   OXT  sing N N 175 
GLY OXT HXT  sing N N 176 
HIS N   CA   sing N N 177 
HIS N   H    sing N N 178 
HIS N   H2   sing N N 179 
HIS CA  C    sing N N 180 
HIS CA  CB   sing N N 181 
HIS CA  HA   sing N N 182 
HIS C   O    doub N N 183 
HIS C   OXT  sing N N 184 
HIS CB  CG   sing N N 185 
HIS CB  HB2  sing N N 186 
HIS CB  HB3  sing N N 187 
HIS CG  ND1  sing Y N 188 
HIS CG  CD2  doub Y N 189 
HIS ND1 CE1  doub Y N 190 
HIS ND1 HD1  sing N N 191 
HIS CD2 NE2  sing Y N 192 
HIS CD2 HD2  sing N N 193 
HIS CE1 NE2  sing Y N 194 
HIS CE1 HE1  sing N N 195 
HIS NE2 HE2  sing N N 196 
HIS OXT HXT  sing N N 197 
HOH O   H1   sing N N 198 
HOH O   H2   sing N N 199 
ILE N   CA   sing N N 200 
ILE N   H    sing N N 201 
ILE N   H2   sing N N 202 
ILE CA  C    sing N N 203 
ILE CA  CB   sing N N 204 
ILE CA  HA   sing N N 205 
ILE C   O    doub N N 206 
ILE C   OXT  sing N N 207 
ILE CB  CG1  sing N N 208 
ILE CB  CG2  sing N N 209 
ILE CB  HB   sing N N 210 
ILE CG1 CD1  sing N N 211 
ILE CG1 HG12 sing N N 212 
ILE CG1 HG13 sing N N 213 
ILE CG2 HG21 sing N N 214 
ILE CG2 HG22 sing N N 215 
ILE CG2 HG23 sing N N 216 
ILE CD1 HD11 sing N N 217 
ILE CD1 HD12 sing N N 218 
ILE CD1 HD13 sing N N 219 
ILE OXT HXT  sing N N 220 
LEU N   CA   sing N N 221 
LEU N   H    sing N N 222 
LEU N   H2   sing N N 223 
LEU CA  C    sing N N 224 
LEU CA  CB   sing N N 225 
LEU CA  HA   sing N N 226 
LEU C   O    doub N N 227 
LEU C   OXT  sing N N 228 
LEU CB  CG   sing N N 229 
LEU CB  HB2  sing N N 230 
LEU CB  HB3  sing N N 231 
LEU CG  CD1  sing N N 232 
LEU CG  CD2  sing N N 233 
LEU CG  HG   sing N N 234 
LEU CD1 HD11 sing N N 235 
LEU CD1 HD12 sing N N 236 
LEU CD1 HD13 sing N N 237 
LEU CD2 HD21 sing N N 238 
LEU CD2 HD22 sing N N 239 
LEU CD2 HD23 sing N N 240 
LEU OXT HXT  sing N N 241 
LYS N   CA   sing N N 242 
LYS N   H    sing N N 243 
LYS N   H2   sing N N 244 
LYS CA  C    sing N N 245 
LYS CA  CB   sing N N 246 
LYS CA  HA   sing N N 247 
LYS C   O    doub N N 248 
LYS C   OXT  sing N N 249 
LYS CB  CG   sing N N 250 
LYS CB  HB2  sing N N 251 
LYS CB  HB3  sing N N 252 
LYS CG  CD   sing N N 253 
LYS CG  HG2  sing N N 254 
LYS CG  HG3  sing N N 255 
LYS CD  CE   sing N N 256 
LYS CD  HD2  sing N N 257 
LYS CD  HD3  sing N N 258 
LYS CE  NZ   sing N N 259 
LYS CE  HE2  sing N N 260 
LYS CE  HE3  sing N N 261 
LYS NZ  HZ1  sing N N 262 
LYS NZ  HZ2  sing N N 263 
LYS NZ  HZ3  sing N N 264 
LYS OXT HXT  sing N N 265 
MET N   CA   sing N N 266 
MET N   H    sing N N 267 
MET N   H2   sing N N 268 
MET CA  C    sing N N 269 
MET CA  CB   sing N N 270 
MET CA  HA   sing N N 271 
MET C   O    doub N N 272 
MET C   OXT  sing N N 273 
MET CB  CG   sing N N 274 
MET CB  HB2  sing N N 275 
MET CB  HB3  sing N N 276 
MET CG  SD   sing N N 277 
MET CG  HG2  sing N N 278 
MET CG  HG3  sing N N 279 
MET SD  CE   sing N N 280 
MET CE  HE1  sing N N 281 
MET CE  HE2  sing N N 282 
MET CE  HE3  sing N N 283 
MET OXT HXT  sing N N 284 
PHE N   CA   sing N N 285 
PHE N   H    sing N N 286 
PHE N   H2   sing N N 287 
PHE CA  C    sing N N 288 
PHE CA  CB   sing N N 289 
PHE CA  HA   sing N N 290 
PHE C   O    doub N N 291 
PHE C   OXT  sing N N 292 
PHE CB  CG   sing N N 293 
PHE CB  HB2  sing N N 294 
PHE CB  HB3  sing N N 295 
PHE CG  CD1  doub Y N 296 
PHE CG  CD2  sing Y N 297 
PHE CD1 CE1  sing Y N 298 
PHE CD1 HD1  sing N N 299 
PHE CD2 CE2  doub Y N 300 
PHE CD2 HD2  sing N N 301 
PHE CE1 CZ   doub Y N 302 
PHE CE1 HE1  sing N N 303 
PHE CE2 CZ   sing Y N 304 
PHE CE2 HE2  sing N N 305 
PHE CZ  HZ   sing N N 306 
PHE OXT HXT  sing N N 307 
PRO N   CA   sing N N 308 
PRO N   CD   sing N N 309 
PRO N   H    sing N N 310 
PRO CA  C    sing N N 311 
PRO CA  CB   sing N N 312 
PRO CA  HA   sing N N 313 
PRO C   O    doub N N 314 
PRO C   OXT  sing N N 315 
PRO CB  CG   sing N N 316 
PRO CB  HB2  sing N N 317 
PRO CB  HB3  sing N N 318 
PRO CG  CD   sing N N 319 
PRO CG  HG2  sing N N 320 
PRO CG  HG3  sing N N 321 
PRO CD  HD2  sing N N 322 
PRO CD  HD3  sing N N 323 
PRO OXT HXT  sing N N 324 
R0I C10 N10  sing N N 325 
R0I C10 C6A  sing N N 326 
R0I C10 C1A  doub N N 327 
R0I C11 PT   sing N N 328 
R0I C11 N2   sing Y N 329 
R0I C11 N3   doub Y N 330 
R0I C13 C12  doub Y N 331 
R0I C13 N3   sing Y N 332 
R0I C2  C3   doub N N 333 
R0I C2  N1   sing N N 334 
R0I C2  C2A  sing N N 335 
R0I C3  C4   sing N N 336 
R0I C4  C4A  doub N N 337 
R0I C5  C6   doub N N 338 
R0I C5  C4A  sing N N 339 
R0I C6  C6A  sing N N 340 
R0I C8  C9   doub N N 341 
R0I C8  C7   sing N N 342 
R0I C12 N2   sing Y N 343 
R0I C12 C19  sing N N 344 
R0I C9A C9   sing N N 345 
R0I C9  N10  sing N N 346 
R0I C7  C6A  doub N N 347 
R0I N10 PT   sing N N 348 
R0I C1A C4A  sing N N 349 
R0I C1A N1   sing N N 350 
R0I N1  PT   sing N N 351 
R0I PT  C17  sing N N 352 
R0I PT  C18  sing N N 353 
R0I N2  C14  sing N N 354 
R0I N3  C15  sing N N 355 
R0I C17 C18  doub N N 356 
R0I C19 C20  doub Y N 357 
R0I C19 N6   sing Y N 358 
R0I C20 N5   sing Y N 359 
R0I N6  N4   sing Y N 360 
R0I N4  N5   doub Y N 361 
R0I PT  CP   sing N N 362 
R0I C13 H1   sing N N 363 
R0I C3  H2   sing N N 364 
R0I C4  H3   sing N N 365 
R0I C5  H4   sing N N 366 
R0I C6  H5   sing N N 367 
R0I C8  H6   sing N N 368 
R0I C9A H7   sing N N 369 
R0I C9A H8   sing N N 370 
R0I C9A H9   sing N N 371 
R0I C7  H10  sing N N 372 
R0I C2A H11  sing N N 373 
R0I C2A H12  sing N N 374 
R0I C2A H13  sing N N 375 
R0I CP  H14  sing N N 376 
R0I CP  H15  sing N N 377 
R0I CP  H16  sing N N 378 
R0I C14 H17  sing N N 379 
R0I C14 H18  sing N N 380 
R0I C14 H19  sing N N 381 
R0I C15 H20  sing N N 382 
R0I C15 H21  sing N N 383 
R0I C15 H22  sing N N 384 
R0I C20 H27  sing N N 385 
R0I N6  H28  sing N N 386 
R0I C17 H23  sing N N 387 
R0I C18 H24  sing N N 388 
SER N   CA   sing N N 389 
SER N   H    sing N N 390 
SER N   H2   sing N N 391 
SER CA  C    sing N N 392 
SER CA  CB   sing N N 393 
SER CA  HA   sing N N 394 
SER C   O    doub N N 395 
SER C   OXT  sing N N 396 
SER CB  OG   sing N N 397 
SER CB  HB2  sing N N 398 
SER CB  HB3  sing N N 399 
SER OG  HG   sing N N 400 
SER OXT HXT  sing N N 401 
THR N   CA   sing N N 402 
THR N   H    sing N N 403 
THR N   H2   sing N N 404 
THR CA  C    sing N N 405 
THR CA  CB   sing N N 406 
THR CA  HA   sing N N 407 
THR C   O    doub N N 408 
THR C   OXT  sing N N 409 
THR CB  OG1  sing N N 410 
THR CB  CG2  sing N N 411 
THR CB  HB   sing N N 412 
THR OG1 HG1  sing N N 413 
THR CG2 HG21 sing N N 414 
THR CG2 HG22 sing N N 415 
THR CG2 HG23 sing N N 416 
THR OXT HXT  sing N N 417 
TRP N   CA   sing N N 418 
TRP N   H    sing N N 419 
TRP N   H2   sing N N 420 
TRP CA  C    sing N N 421 
TRP CA  CB   sing N N 422 
TRP CA  HA   sing N N 423 
TRP C   O    doub N N 424 
TRP C   OXT  sing N N 425 
TRP CB  CG   sing N N 426 
TRP CB  HB2  sing N N 427 
TRP CB  HB3  sing N N 428 
TRP CG  CD1  doub Y N 429 
TRP CG  CD2  sing Y N 430 
TRP CD1 NE1  sing Y N 431 
TRP CD1 HD1  sing N N 432 
TRP CD2 CE2  doub Y N 433 
TRP CD2 CE3  sing Y N 434 
TRP NE1 CE2  sing Y N 435 
TRP NE1 HE1  sing N N 436 
TRP CE2 CZ2  sing Y N 437 
TRP CE3 CZ3  doub Y N 438 
TRP CE3 HE3  sing N N 439 
TRP CZ2 CH2  doub Y N 440 
TRP CZ2 HZ2  sing N N 441 
TRP CZ3 CH2  sing Y N 442 
TRP CZ3 HZ3  sing N N 443 
TRP CH2 HH2  sing N N 444 
TRP OXT HXT  sing N N 445 
TYR N   CA   sing N N 446 
TYR N   H    sing N N 447 
TYR N   H2   sing N N 448 
TYR CA  C    sing N N 449 
TYR CA  CB   sing N N 450 
TYR CA  HA   sing N N 451 
TYR C   O    doub N N 452 
TYR C   OXT  sing N N 453 
TYR CB  CG   sing N N 454 
TYR CB  HB2  sing N N 455 
TYR CB  HB3  sing N N 456 
TYR CG  CD1  doub Y N 457 
TYR CG  CD2  sing Y N 458 
TYR CD1 CE1  sing Y N 459 
TYR CD1 HD1  sing N N 460 
TYR CD2 CE2  doub Y N 461 
TYR CD2 HD2  sing N N 462 
TYR CE1 CZ   doub Y N 463 
TYR CE1 HE1  sing N N 464 
TYR CE2 CZ   sing Y N 465 
TYR CE2 HE2  sing N N 466 
TYR CZ  OH   sing N N 467 
TYR OH  HH   sing N N 468 
TYR OXT HXT  sing N N 469 
VAL N   CA   sing N N 470 
VAL N   H    sing N N 471 
VAL N   H2   sing N N 472 
VAL CA  C    sing N N 473 
VAL CA  CB   sing N N 474 
VAL CA  HA   sing N N 475 
VAL C   O    doub N N 476 
VAL C   OXT  sing N N 477 
VAL CB  CG1  sing N N 478 
VAL CB  CG2  sing N N 479 
VAL CB  HB   sing N N 480 
VAL CG1 HG11 sing N N 481 
VAL CG1 HG12 sing N N 482 
VAL CG1 HG13 sing N N 483 
VAL CG2 HG21 sing N N 484 
VAL CG2 HG22 sing N N 485 
VAL CG2 HG23 sing N N 486 
VAL OXT HXT  sing N N 487 
# 
_pdbx_audit_support.funding_organization   'Not funded' 
_pdbx_audit_support.country                ? 
_pdbx_audit_support.grant_number           ? 
_pdbx_audit_support.ordinal                1 
# 
_pdbx_initial_refinement_model.id               1 
_pdbx_initial_refinement_model.entity_id_list   ? 
_pdbx_initial_refinement_model.type             'experimental model' 
_pdbx_initial_refinement_model.source_name      PDB 
_pdbx_initial_refinement_model.accession_code   193L 
_pdbx_initial_refinement_model.details          ? 
# 
_atom_sites.entry_id                    8BOV 
_atom_sites.Cartn_transf_matrix[1][1]   ? 
_atom_sites.Cartn_transf_matrix[1][2]   ? 
_atom_sites.Cartn_transf_matrix[1][3]   ? 
_atom_sites.Cartn_transf_matrix[2][1]   ? 
_atom_sites.Cartn_transf_matrix[2][2]   ? 
_atom_sites.Cartn_transf_matrix[2][3]   ? 
_atom_sites.Cartn_transf_matrix[3][1]   ? 
_atom_sites.Cartn_transf_matrix[3][2]   ? 
_atom_sites.Cartn_transf_matrix[3][3]   ? 
_atom_sites.Cartn_transf_vector[1]      ? 
_atom_sites.Cartn_transf_vector[2]      ? 
_atom_sites.Cartn_transf_vector[3]      ? 
_atom_sites.fract_transf_matrix[1][1]   0.01179400 
_atom_sites.fract_transf_matrix[1][2]   -0.00337455 
_atom_sites.fract_transf_matrix[1][3]   0.00338600 
_atom_sites.fract_transf_matrix[2][1]   -0.00318818 
_atom_sites.fract_transf_matrix[2][2]   0.00116402 
_atom_sites.fract_transf_matrix[2][3]   0.01226506 
_atom_sites.fract_transf_matrix[3][1]   -0.00755484 
_atom_sites.fract_transf_matrix[3][2]   -0.02590740 
_atom_sites.fract_transf_matrix[3][3]   0.00049496 
_atom_sites.fract_transf_vector[1]      0.005114 
_atom_sites.fract_transf_vector[2]      -0.255424 
_atom_sites.fract_transf_vector[3]      0.013006 
_atom_sites.solution_primary            ? 
_atom_sites.solution_secondary          ? 
_atom_sites.solution_hydrogens          ? 
_atom_sites.special_details             ? 
# 
loop_
_atom_type.symbol 
_atom_type.pdbx_scat_Z 
_atom_type.pdbx_N_electrons 
_atom_type.scat_Cromer_Mann_a1 
_atom_type.scat_Cromer_Mann_b1 
_atom_type.scat_Cromer_Mann_a2 
_atom_type.scat_Cromer_Mann_b2 
_atom_type.scat_Cromer_Mann_a3 
_atom_type.scat_Cromer_Mann_b3 
_atom_type.scat_Cromer_Mann_a4 
_atom_type.scat_Cromer_Mann_b4 
_atom_type.scat_Cromer_Mann_c 
C  6  6  2.310  20.844 1.020  10.208 1.589  0.569  0.865 51.651 0.216   
H  1  1  0.493  10.511 0.323  26.126 0.140  3.142  0.041 57.800 0.003   
N  7  7  12.222 0.006  3.135  9.893  2.014  28.997 1.167 0.583  -11.538 
O  8  8  3.049  13.277 2.287  5.701  1.546  0.324  0.867 32.909 0.251   
PT 78 78 27.022 1.513  17.774 8.812  15.722 0.425  5.787 38.610 3.215   
S  16 16 6.905  1.468  5.203  22.215 1.438  0.254  1.586 56.172 1.056   
# 
loop_
_atom_site.group_PDB 
_atom_site.id 
_atom_site.type_symbol 
_atom_site.label_atom_id 
_atom_site.label_alt_id 
_atom_site.label_comp_id 
_atom_site.label_asym_id 
_atom_site.label_entity_id 
_atom_site.label_seq_id 
_atom_site.pdbx_PDB_ins_code 
_atom_site.Cartn_x 
_atom_site.Cartn_y 
_atom_site.Cartn_z 
_atom_site.occupancy 
_atom_site.B_iso_or_equiv 
_atom_site.pdbx_formal_charge 
_atom_site.auth_seq_id 
_atom_site.auth_comp_id 
_atom_site.auth_asym_id 
_atom_site.auth_atom_id 
_atom_site.pdbx_PDB_model_num 
_atom_site.calc_flag 
ATOM   1    N  N   . LYS A 1 1   ? -3.304  10.601  8.668   1.000 17.679 ? 1   LYS AAA N   1 ? 
ATOM   2    C  CA  . LYS A 1 1   ? -2.060  11.391  8.604   1.000 18.202 ? 1   LYS AAA CA  1 ? 
ATOM   3    C  C   . LYS A 1 1   ? -1.668  11.505  7.135   1.000 16.516 ? 1   LYS AAA C   1 ? 
ATOM   4    O  O   . LYS A 1 1   ? -1.684  10.476  6.412   1.000 16.546 ? 1   LYS AAA O   1 ? 
ATOM   5    C  CB  . LYS A 1 1   ? -0.951  10.689  9.374   1.000 19.899 ? 1   LYS AAA CB  1 ? 
ATOM   6    C  CG  . LYS A 1 1   ? 0.434   11.296  9.168   1.000 20.609 ? 1   LYS AAA CG  1 ? 
ATOM   7    C  CD  A LYS A 1 1   ? 1.483   10.631  9.984   0.450 21.750 ? 1   LYS AAA CD  1 ? 
ATOM   8    C  CD  B LYS A 1 1   ? 1.451   10.568  9.989   0.550 22.282 ? 1   LYS AAA CD  1 ? 
ATOM   9    C  CE  A LYS A 1 1   ? 2.844   11.268  9.767   0.450 22.561 ? 1   LYS AAA CE  1 ? 
ATOM   10   C  CE  B LYS A 1 1   ? 2.875   10.978  9.660   0.550 23.912 ? 1   LYS AAA CE  1 ? 
ATOM   11   N  NZ  A LYS A 1 1   ? 3.778   10.923  10.864  0.450 22.942 ? 1   LYS AAA NZ  1 ? 
ATOM   12   N  NZ  B LYS A 1 1   ? 3.225   12.242  10.340  0.550 25.684 ? 1   LYS AAA NZ  1 ? 
ATOM   13   N  N   . VAL A 1 2   ? -1.316  12.709  6.666   1.000 16.835 ? 2   VAL AAA N   1 ? 
ATOM   14   C  CA  . VAL A 1 2   ? -0.769  12.902  5.323   1.000 18.337 ? 2   VAL AAA CA  1 ? 
ATOM   15   C  C   . VAL A 1 2   ? 0.736   12.963  5.459   1.000 16.970 ? 2   VAL AAA C   1 ? 
ATOM   16   O  O   . VAL A 1 2   ? 1.276   13.931  6.116   1.000 19.760 ? 2   VAL AAA O   1 ? 
ATOM   17   C  CB  . VAL A 1 2   ? -1.377  14.091  4.587   1.000 17.353 ? 2   VAL AAA CB  1 ? 
ATOM   18   C  CG1 . VAL A 1 2   ? -0.753  14.224  3.221   1.000 21.965 ? 2   VAL AAA CG1 1 ? 
ATOM   19   C  CG2 . VAL A 1 2   ? -2.879  13.932  4.505   1.000 18.280 ? 2   VAL AAA CG2 1 ? 
ATOM   20   N  N   . PHE A 1 3   ? 1.452   11.951  5.007   1.000 17.085 ? 3   PHE AAA N   1 ? 
ATOM   21   C  CA  . PHE A 1 3   ? 2.937   11.933  5.061   1.000 17.019 ? 3   PHE AAA CA  1 ? 
ATOM   22   C  C   . PHE A 1 3   ? 3.509   12.910  4.058   1.000 17.847 ? 3   PHE AAA C   1 ? 
ATOM   23   O  O   . PHE A 1 3   ? 3.032   13.053  2.999   1.000 17.634 ? 3   PHE AAA O   1 ? 
ATOM   24   C  CB  . PHE A 1 3   ? 3.467   10.543  4.758   1.000 17.207 ? 3   PHE AAA CB  1 ? 
ATOM   25   C  CG  . PHE A 1 3   ? 3.465   9.612   5.912   1.000 16.292 ? 3   PHE AAA CG  1 ? 
ATOM   26   C  CD1 . PHE A 1 3   ? 2.284   9.024   6.368   1.000 18.452 ? 3   PHE AAA CD1 1 ? 
ATOM   27   C  CD2 . PHE A 1 3   ? 4.641   9.380   6.621   1.000 17.630 ? 3   PHE AAA CD2 1 ? 
ATOM   28   C  CE1 . PHE A 1 3   ? 2.324   8.132   7.423   1.000 17.452 ? 3   PHE AAA CE1 1 ? 
ATOM   29   C  CE2 . PHE A 1 3   ? 4.682   8.524   7.693   1.000 17.808 ? 3   PHE AAA CE2 1 ? 
ATOM   30   C  CZ  . PHE A 1 3   ? 3.525   7.907   8.104   1.000 19.695 ? 3   PHE AAA CZ  1 ? 
ATOM   31   N  N   . GLY A 1 4   ? 4.672   13.482  4.430   1.000 20.534 ? 4   GLY AAA N   1 ? 
ATOM   32   C  CA  . GLY A 1 4   ? 5.613   14.016  3.438   1.000 19.713 ? 4   GLY AAA CA  1 ? 
ATOM   33   C  C   . GLY A 1 4   ? 6.229   12.873  2.643   1.000 17.615 ? 4   GLY AAA C   1 ? 
ATOM   34   O  O   . GLY A 1 4   ? 6.385   11.739  3.162   1.000 18.045 ? 4   GLY AAA O   1 ? 
ATOM   35   N  N   . ARG A 1 5   ? 6.720   13.175  1.454   1.000 19.523 ? 5   ARG AAA N   1 ? 
ATOM   36   C  CA  . ARG A 1 5   ? 7.346   12.167  0.580   1.000 20.412 ? 5   ARG AAA CA  1 ? 
ATOM   37   C  C   . ARG A 1 5   ? 8.521   11.486  1.323   1.000 17.956 ? 5   ARG AAA C   1 ? 
ATOM   38   O  O   . ARG A 1 5   ? 8.651   10.291  1.412   1.000 19.744 ? 5   ARG AAA O   1 ? 
ATOM   39   C  CB  . ARG A 1 5   ? 7.768   12.871  -0.725  1.000 21.666 ? 5   ARG AAA CB  1 ? 
ATOM   40   C  CG  . ARG A 1 5   ? 8.567   11.988  -1.667  1.000 24.046 ? 5   ARG AAA CG  1 ? 
ATOM   41   C  CD  . ARG A 1 5   ? 8.801   12.753  -2.956  1.000 26.508 ? 5   ARG AAA CD  1 ? 
ATOM   42   N  NE  . ARG A 1 5   ? 9.706   13.901  -2.813  1.000 26.814 ? 5   ARG AAA NE  1 ? 
ATOM   43   C  CZ  . ARG A 1 5   ? 11.044  13.823  -2.847  1.000 25.340 ? 5   ARG AAA CZ  1 ? 
ATOM   44   N  NH1 . ARG A 1 5   ? 11.678  12.678  -2.980  1.000 24.954 ? 5   ARG AAA NH1 1 ? 
ATOM   45   N  NH2 . ARG A 1 5   ? 11.759  14.927  -2.668  1.000 31.025 ? 5   ARG AAA NH2 1 ? 
ATOM   46   N  N   . CYS A 1 6   ? 9.483   12.304  1.772   1.000 19.325 ? 6   CYS AAA N   1 ? 
ATOM   47   C  CA  . CYS A 1 6   ? 10.704  11.749  2.410   1.000 19.617 ? 6   CYS AAA CA  1 ? 
ATOM   48   C  C   . CYS A 1 6   ? 10.389  11.138  3.773   1.000 17.277 ? 6   CYS AAA C   1 ? 
ATOM   49   O  O   . CYS A 1 6   ? 10.999  10.171  4.174   1.000 18.130 ? 6   CYS AAA O   1 ? 
ATOM   50   C  CB  . CYS A 1 6   ? 11.820  12.804  2.488   1.000 22.934 ? 6   CYS AAA CB  1 ? 
ATOM   51   S  SG  . CYS A 1 6   ? 12.457  13.349  0.872   1.000 24.490 ? 6   CYS AAA SG  1 ? 
ATOM   52   N  N   . GLU A 1 7   ? 9.420   11.707  4.490   1.000 17.549 ? 7   GLU AAA N   1 ? 
ATOM   53   C  CA  . GLU A 1 7   ? 8.968   11.137  5.766   1.000 18.534 ? 7   GLU AAA CA  1 ? 
ATOM   54   C  C   . GLU A 1 7   ? 8.439   9.710   5.519   1.000 16.304 ? 7   GLU AAA C   1 ? 
ATOM   55   O  O   . GLU A 1 7   ? 8.794   8.777   6.246   1.000 16.906 ? 7   GLU AAA O   1 ? 
ATOM   56   C  CB  . GLU A 1 7   ? 7.891   12.032  6.368   1.000 19.424 ? 7   GLU AAA CB  1 ? 
ATOM   57   C  CG  . GLU A 1 7   ? 7.373   11.598  7.699   1.000 22.491 ? 7   GLU AAA CG  1 ? 
ATOM   58   C  CD  . GLU A 1 7   ? 6.111   12.345  8.140   1.000 21.519 ? 7   GLU AAA CD  1 ? 
ATOM   59   O  OE1 . GLU A 1 7   ? 5.463   13.058  7.310   1.000 24.082 ? 7   GLU AAA OE1 1 ? 
ATOM   60   O  OE2 . GLU A 1 7   ? 5.828   12.254  9.357   1.000 26.153 ? 7   GLU AAA OE2 1 ? 
ATOM   61   N  N   . LEU A 1 8   ? 7.643   9.525   4.454   1.000 16.573 ? 8   LEU AAA N   1 ? 
ATOM   62   C  CA  . LEU A 1 8   ? 7.135   8.162   4.162   1.000 16.594 ? 8   LEU AAA CA  1 ? 
ATOM   63   C  C   . LEU A 1 8   ? 8.236   7.221   3.711   1.000 15.001 ? 8   LEU AAA C   1 ? 
ATOM   64   O  O   . LEU A 1 8   ? 8.264   6.075   4.127   1.000 16.570 ? 8   LEU AAA O   1 ? 
ATOM   65   C  CB  . LEU A 1 8   ? 6.033   8.257   3.103   1.000 17.462 ? 8   LEU AAA CB  1 ? 
ATOM   66   C  CG  . LEU A 1 8   ? 5.350   6.929   2.776   1.000 16.544 ? 8   LEU AAA CG  1 ? 
ATOM   67   C  CD1 . LEU A 1 8   ? 4.698   6.318   3.997   1.000 15.719 ? 8   LEU AAA CD1 1 ? 
ATOM   68   C  CD2 . LEU A 1 8   ? 4.335   7.069   1.661   1.000 17.061 ? 8   LEU AAA CD2 1 ? 
ATOM   69   N  N   . ALA A 1 9   ? 9.179   7.733   2.897   1.000 15.870 ? 9   ALA AAA N   1 ? 
ATOM   70   C  CA  . ALA A 1 9   ? 10.278  6.882   2.386   1.000 17.314 ? 9   ALA AAA CA  1 ? 
ATOM   71   C  C   . ALA A 1 9   ? 11.029  6.332   3.599   1.000 15.226 ? 9   ALA AAA C   1 ? 
ATOM   72   O  O   . ALA A 1 9   ? 11.386  5.175   3.681   1.000 17.477 ? 9   ALA AAA O   1 ? 
ATOM   73   C  CB  . ALA A 1 9   ? 11.152  7.687   1.439   1.000 19.107 ? 9   ALA AAA CB  1 ? 
ATOM   74   N  N   . ALA A 1 10  ? 11.299  7.229   4.555   1.000 17.751 ? 10  ALA AAA N   1 ? 
ATOM   75   C  CA  . ALA A 1 10  ? 12.036  6.857   5.783   1.000 19.508 ? 10  ALA AAA CA  1 ? 
ATOM   76   C  C   . ALA A 1 10  ? 11.296  5.807   6.609   1.000 16.805 ? 10  ALA AAA C   1 ? 
ATOM   77   O  O   . ALA A 1 10  ? 11.866  4.791   7.093   1.000 17.800 ? 10  ALA AAA O   1 ? 
ATOM   78   C  CB  . ALA A 1 10  ? 12.376  8.070   6.647   1.000 20.952 ? 10  ALA AAA CB  1 ? 
ATOM   79   N  N   . ALA A 1 11  ? 9.978   6.025   6.773   1.000 17.540 ? 11  ALA AAA N   1 ? 
ATOM   80   C  CA  . ALA A 1 11  ? 9.131   5.072   7.502   1.000 17.689 ? 11  ALA AAA CA  1 ? 
ATOM   81   C  C   . ALA A 1 11  ? 9.081   3.715   6.764   1.000 16.509 ? 11  ALA AAA C   1 ? 
ATOM   82   O  O   . ALA A 1 11  ? 9.221   2.650   7.394   1.000 17.180 ? 11  ALA AAA O   1 ? 
ATOM   83   C  CB  . ALA A 1 11  ? 7.761   5.653   7.681   1.000 18.971 ? 11  ALA AAA CB  1 ? 
ATOM   84   N  N   . MET A 1 12  ? 8.918   3.720   5.432   1.000 16.508 ? 12  MET AAA N   1 ? 
ATOM   85   C  CA  . MET A 1 12  ? 8.888   2.436   4.654   1.000 17.058 ? 12  MET AAA CA  1 ? 
ATOM   86   C  C   . MET A 1 12  ? 10.232  1.725   4.798   1.000 16.256 ? 12  MET AAA C   1 ? 
ATOM   87   O  O   . MET A 1 12  ? 10.281  0.497   4.830   1.000 18.583 ? 12  MET AAA O   1 ? 
ATOM   88   C  CB  . MET A 1 12  ? 8.538   2.746   3.199   1.000 15.430 ? 12  MET AAA CB  1 ? 
ATOM   89   C  CG  . MET A 1 12  ? 7.093   3.133   3.046   1.000 16.242 ? 12  MET AAA CG  1 ? 
ATOM   90   S  SD  . MET A 1 12  ? 6.748   3.507   1.330   1.000 16.790 ? 12  MET AAA SD  1 ? 
ATOM   91   C  CE  . MET A 1 12  ? 5.007   3.125   1.287   1.000 16.692 ? 12  MET AAA CE  1 ? 
ATOM   92   N  N   . LYS A 1 13  ? 11.346  2.487   4.763   1.000 17.795 ? 13  LYS AAA N   1 ? 
ATOM   93   C  CA  . LYS A 1 13  ? 12.706  1.868   4.850   1.000 19.575 ? 13  LYS AAA CA  1 ? 
ATOM   94   C  C   . LYS A 1 13  ? 12.886  1.230   6.224   1.000 18.024 ? 13  LYS AAA C   1 ? 
ATOM   95   O  O   . LYS A 1 13  ? 13.328  0.070   6.334   1.000 20.584 ? 13  LYS AAA O   1 ? 
ATOM   96   C  CB  . LYS A 1 13  ? 13.784  2.921   4.619   1.000 20.155 ? 13  LYS AAA CB  1 ? 
ATOM   97   C  CG  . LYS A 1 13  ? 15.184  2.317   4.575   1.000 24.249 ? 13  LYS AAA CG  1 ? 
ATOM   98   C  CD  . LYS A 1 13  ? 16.259  3.192   4.019   1.000 27.208 ? 13  LYS AAA CD  1 ? 
ATOM   99   C  CE  . LYS A 1 13  ? 17.578  2.442   4.062   1.000 31.241 ? 13  LYS AAA CE  1 ? 
ATOM   100  N  NZ  . LYS A 1 13  ? 18.718  3.363   3.893   1.000 37.369 ? 13  LYS AAA NZ  1 ? 
ATOM   101  N  N   . ARG A 1 14  ? 12.444  1.937   7.243   1.000 18.916 ? 14  ARG AAA N   1 ? 
ATOM   102  C  CA  . ARG A 1 14  ? 12.638  1.416   8.609   1.000 21.627 ? 14  ARG AAA CA  1 ? 
ATOM   103  C  C   . ARG A 1 14  ? 11.823  0.137   8.773   1.000 21.596 ? 14  ARG AAA C   1 ? 
ATOM   104  O  O   . ARG A 1 14  ? 12.263  -0.757  9.491   1.000 23.421 ? 14  ARG AAA O   1 ? 
ATOM   105  C  CB  . ARG A 1 14  ? 12.239  2.539   9.565   1.000 25.164 ? 14  ARG AAA CB  1 ? 
ATOM   106  C  CG  . ARG A 1 14  ? 11.490  2.085   10.810  1.000 33.334 ? 14  ARG AAA CG  1 ? 
ATOM   107  C  CD  . ARG A 1 14  ? 11.368  3.245   11.798  1.000 36.467 ? 14  ARG AAA CD  1 ? 
ATOM   108  N  NE  . ARG A 1 14  ? 9.995   3.528   12.190  1.000 38.291 ? 14  ARG AAA NE  1 ? 
ATOM   109  C  CZ  . ARG A 1 14  ? 9.285   2.843   13.088  1.000 34.580 ? 14  ARG AAA CZ  1 ? 
ATOM   110  N  NH1 . ARG A 1 14  ? 9.784   1.788   13.707  1.000 31.021 ? 14  ARG AAA NH1 1 ? 
ATOM   111  N  NH2 . ARG A 1 14  ? 8.056   3.231   13.361  1.000 40.901 ? 14  ARG AAA NH2 1 ? 
ATOM   112  N  N   . HIS A 1 15  ? 10.658  0.034   8.091   1.000 21.553 ? 15  HIS AAA N   1 ? 
ATOM   113  C  CA  . HIS A 1 15  ? 9.782   -1.154  8.189   1.000 22.056 ? 15  HIS AAA CA  1 ? 
ATOM   114  C  C   . HIS A 1 15  ? 10.158  -2.257  7.192   1.000 21.631 ? 15  HIS AAA C   1 ? 
ATOM   115  O  O   . HIS A 1 15  ? 9.452   -3.242  7.146   1.000 23.268 ? 15  HIS AAA O   1 ? 
ATOM   116  C  CB  . HIS A 1 15  ? 8.324   -0.716  8.062   1.000 20.729 ? 15  HIS AAA CB  1 ? 
ATOM   117  C  CG  . HIS A 1 15  ? 7.801   -0.123  9.307   1.000 23.520 ? 15  HIS AAA CG  1 ? 
ATOM   118  N  ND1 . HIS A 1 15  ? 7.442   1.185   9.422   1.000 26.428 ? 15  HIS AAA ND1 1 ? 
ATOM   119  C  CD2 . HIS A 1 15  ? 7.493   -0.707  10.474  1.000 28.634 ? 15  HIS AAA CD2 1 ? 
ATOM   120  C  CE1 . HIS A 1 15  ? 6.939   1.398   10.632  1.000 24.916 ? 15  HIS AAA CE1 1 ? 
ATOM   121  N  NE2 . HIS A 1 15  ? 6.974   0.266   11.281  1.000 28.489 ? 15  HIS AAA NE2 1 ? 
ATOM   122  N  N   . GLY A 1 16  ? 11.260  -2.126  6.476   1.000 19.635 ? 16  GLY AAA N   1 ? 
ATOM   123  C  CA  . GLY A 1 16  ? 11.867  -3.204  5.677   1.000 21.792 ? 16  GLY AAA CA  1 ? 
ATOM   124  C  C   . GLY A 1 16  ? 11.313  -3.282  4.260   1.000 19.042 ? 16  GLY AAA C   1 ? 
ATOM   125  O  O   . GLY A 1 16  ? 11.488  -4.370  3.656   1.000 21.431 ? 16  GLY AAA O   1 ? 
ATOM   126  N  N   . LEU A 1 17  ? 10.725  -2.222  3.693   1.000 19.370 ? 17  LEU AAA N   1 ? 
ATOM   127  C  CA  . LEU A 1 17  ? 10.258  -2.362  2.275   1.000 19.170 ? 17  LEU AAA CA  1 ? 
ATOM   128  C  C   . LEU A 1 17  ? 11.336  -2.121  1.218   1.000 20.135 ? 17  LEU AAA C   1 ? 
ATOM   129  O  O   . LEU A 1 17  ? 11.110  -2.534  0.056   1.000 20.046 ? 17  LEU AAA O   1 ? 
ATOM   130  C  CB  . LEU A 1 17  ? 9.107   -1.398  2.005   1.000 18.181 ? 17  LEU AAA CB  1 ? 
ATOM   131  C  CG  . LEU A 1 17  ? 7.761   -1.832  2.557   1.000 18.917 ? 17  LEU AAA CG  1 ? 
ATOM   132  C  CD1 . LEU A 1 17  ? 6.717   -0.756  2.230   1.000 18.437 ? 17  LEU AAA CD1 1 ? 
ATOM   133  C  CD2 . LEU A 1 17  ? 7.307   -3.174  1.996   1.000 17.590 ? 17  LEU AAA CD2 1 ? 
ATOM   134  N  N   . ASP A 1 18  ? 12.483  -1.508  1.528   1.000 19.965 ? 18  ASP AAA N   1 ? 
ATOM   135  C  CA  . ASP A 1 18  ? 13.498  -1.188  0.491   1.000 20.938 ? 18  ASP AAA CA  1 ? 
ATOM   136  C  C   . ASP A 1 18  ? 14.099  -2.498  0.012   1.000 22.394 ? 18  ASP AAA C   1 ? 
ATOM   137  O  O   . ASP A 1 18  ? 14.675  -3.237  0.852   1.000 21.491 ? 18  ASP AAA O   1 ? 
ATOM   138  C  CB  . ASP A 1 18  ? 14.612  -0.264  0.976   1.000 24.300 ? 18  ASP AAA CB  1 ? 
ATOM   139  C  CG  . ASP A 1 18  ? 15.558  0.274   -0.102  1.000 25.397 ? 18  ASP AAA CG  1 ? 
ATOM   140  O  OD1 . ASP A 1 18  ? 15.288  0.183   -1.373  1.000 24.922 ? 18  ASP AAA OD1 1 ? 
ATOM   141  O  OD2 . ASP A 1 18  ? 16.642  0.803   0.326   1.000 28.068 ? 18  ASP AAA OD2 1 ? 
ATOM   142  N  N   . ASN A 1 19  ? 13.844  -2.845  -1.234  1.000 19.380 ? 19  ASN AAA N   1 ? 
ATOM   143  C  CA  . ASN A 1 19  ? 14.248  -4.102  -1.915  1.000 19.535 ? 19  ASN AAA CA  1 ? 
ATOM   144  C  C   . ASN A 1 19  ? 13.487  -5.318  -1.394  1.000 18.689 ? 19  ASN AAA C   1 ? 
ATOM   145  O  O   . ASN A 1 19  ? 13.871  -6.454  -1.682  1.000 20.608 ? 19  ASN AAA O   1 ? 
ATOM   146  C  CB  . ASN A 1 19  ? 15.774  -4.283  -1.804  1.000 24.048 ? 19  ASN AAA CB  1 ? 
ATOM   147  C  CG  . ASN A 1 19  ? 16.467  -3.053  -2.335  1.000 29.148 ? 19  ASN AAA CG  1 ? 
ATOM   148  O  OD1 . ASN A 1 19  ? 16.161  -2.593  -3.437  1.000 35.692 ? 19  ASN AAA OD1 1 ? 
ATOM   149  N  ND2 . ASN A 1 19  ? 17.345  -2.460  -1.542  1.000 35.672 ? 19  ASN AAA ND2 1 ? 
ATOM   150  N  N   . TYR A 1 20  ? 12.331  -5.128  -0.751  1.000 19.497 ? 20  TYR AAA N   1 ? 
ATOM   151  C  CA  . TYR A 1 20  ? 11.473  -6.249  -0.376  1.000 18.979 ? 20  TYR AAA CA  1 ? 
ATOM   152  C  C   . TYR A 1 20  ? 10.928  -6.908  -1.657  1.000 18.416 ? 20  TYR AAA C   1 ? 
ATOM   153  O  O   . TYR A 1 20  ? 10.391  -6.215  -2.528  1.000 17.287 ? 20  TYR AAA O   1 ? 
ATOM   154  C  CB  . TYR A 1 20  ? 10.358  -5.829  0.591   1.000 18.797 ? 20  TYR AAA CB  1 ? 
ATOM   155  C  CG  . TYR A 1 20  ? 9.698   -7.009  1.231   1.000 19.222 ? 20  TYR AAA CG  1 ? 
ATOM   156  C  CD1 . TYR A 1 20  ? 10.196  -7.566  2.412   1.000 20.398 ? 20  TYR AAA CD1 1 ? 
ATOM   157  C  CD2 . TYR A 1 20  ? 8.624   -7.643  0.625   1.000 19.005 ? 20  TYR AAA CD2 1 ? 
ATOM   158  C  CE1 . TYR A 1 20  ? 9.637   -8.729  2.918   1.000 21.149 ? 20  TYR AAA CE1 1 ? 
ATOM   159  C  CE2 . TYR A 1 20  ? 8.085   -8.811  1.103   1.000 20.783 ? 20  TYR AAA CE2 1 ? 
ATOM   160  C  CZ  . TYR A 1 20  ? 8.583   -9.345  2.269   1.000 21.606 ? 20  TYR AAA CZ  1 ? 
ATOM   161  O  OH  . TYR A 1 20  ? 7.963   -10.445 2.778   1.000 26.919 ? 20  TYR AAA OH  1 ? 
ATOM   162  N  N   . ARG A 1 21  ? 11.181  -8.200  -1.823  1.000 19.436 ? 21  ARG AAA N   1 ? 
ATOM   163  C  CA  . ARG A 1 21  ? 10.827  -8.960  -3.037  1.000 20.302 ? 21  ARG AAA CA  1 ? 
ATOM   164  C  C   . ARG A 1 21  ? 11.461  -8.282  -4.247  1.000 18.886 ? 21  ARG AAA C   1 ? 
ATOM   165  O  O   . ARG A 1 21  ? 10.963  -8.449  -5.390  1.000 20.808 ? 21  ARG AAA O   1 ? 
ATOM   166  C  CB  . ARG A 1 21  ? 9.312   -9.132  -3.142  1.000 22.772 ? 21  ARG AAA CB  1 ? 
ATOM   167  C  CG  . ARG A 1 21  ? 8.761   -10.309 -2.339  1.000 30.279 ? 21  ARG AAA CG  1 ? 
ATOM   168  C  CD  . ARG A 1 21  ? 9.308   -11.669 -2.757  1.000 34.887 ? 21  ARG AAA CD  1 ? 
ATOM   169  N  NE  . ARG A 1 21  ? 8.395   -12.501 -3.563  1.000 41.381 ? 21  ARG AAA NE  1 ? 
ATOM   170  C  CZ  . ARG A 1 21  ? 7.824   -13.655 -3.181  1.000 40.469 ? 21  ARG AAA CZ  1 ? 
ATOM   171  N  NH1 . ARG A 1 21  ? 7.994   -14.138 -1.964  1.000 36.452 ? 21  ARG AAA NH1 1 ? 
ATOM   172  N  NH2 . ARG A 1 21  ? 7.046   -14.316 -4.017  1.000 46.048 ? 21  ARG AAA NH2 1 ? 
ATOM   173  N  N   . GLY A 1 22  ? 12.585  -7.626  -4.051  1.000 19.560 ? 22  GLY AAA N   1 ? 
ATOM   174  C  CA  . GLY A 1 22  ? 13.339  -6.984  -5.125  1.000 17.643 ? 22  GLY AAA CA  1 ? 
ATOM   175  C  C   . GLY A 1 22  ? 12.854  -5.601  -5.561  1.000 17.732 ? 22  GLY AAA C   1 ? 
ATOM   176  O  O   . GLY A 1 22  ? 13.351  -5.021  -6.520  1.000 18.512 ? 22  GLY AAA O   1 ? 
ATOM   177  N  N   . TYR A 1 23  ? 11.897  -4.969  -4.853  1.000 16.932 ? 23  TYR AAA N   1 ? 
ATOM   178  C  CA  . TYR A 1 23  ? 11.306  -3.667  -5.239  1.000 16.457 ? 23  TYR AAA CA  1 ? 
ATOM   179  C  C   . TYR A 1 23  ? 11.985  -2.591  -4.410  1.000 15.970 ? 23  TYR AAA C   1 ? 
ATOM   180  O  O   . TYR A 1 23  ? 11.795  -2.488  -3.212  1.000 16.296 ? 23  TYR AAA O   1 ? 
ATOM   181  C  CB  . TYR A 1 23  ? 9.781   -3.702  -5.064  1.000 15.267 ? 23  TYR AAA CB  1 ? 
ATOM   182  C  CG  . TYR A 1 23  ? 9.064   -4.607  -6.020  1.000 13.933 ? 23  TYR AAA CG  1 ? 
ATOM   183  C  CD1 . TYR A 1 23  ? 8.708   -4.116  -7.279  1.000 13.714 ? 23  TYR AAA CD1 1 ? 
ATOM   184  C  CD2 . TYR A 1 23  ? 8.797   -5.933  -5.723  1.000 14.006 ? 23  TYR AAA CD2 1 ? 
ATOM   185  C  CE1 . TYR A 1 23  ? 8.073   -4.936  -8.190  1.000 13.420 ? 23  TYR AAA CE1 1 ? 
ATOM   186  C  CE2 . TYR A 1 23  ? 8.163   -6.739  -6.639  1.000 14.058 ? 23  TYR AAA CE2 1 ? 
ATOM   187  C  CZ  . TYR A 1 23  ? 7.794   -6.235  -7.866  1.000 14.335 ? 23  TYR AAA CZ  1 ? 
ATOM   188  O  OH  . TYR A 1 23  ? 7.138   -7.008  -8.784  1.000 15.114 ? 23  TYR AAA OH  1 ? 
ATOM   189  N  N   . SER A 1 24  ? 12.755  -1.782  -5.100  1.000 16.983 ? 24  SER AAA N   1 ? 
ATOM   190  C  CA  . SER A 1 24  ? 13.464  -0.670  -4.447  1.000 17.443 ? 24  SER AAA CA  1 ? 
ATOM   191  C  C   . SER A 1 24  ? 12.467  0.262   -3.787  1.000 17.568 ? 24  SER AAA C   1 ? 
ATOM   192  O  O   . SER A 1 24  ? 11.298  0.409   -4.271  1.000 16.759 ? 24  SER AAA O   1 ? 
ATOM   193  C  CB  . SER A 1 24  ? 14.349  0.052   -5.434  1.000 18.729 ? 24  SER AAA CB  1 ? 
ATOM   194  O  OG  . SER A 1 24  ? 13.596  0.743   -6.413  1.000 21.456 ? 24  SER AAA OG  1 ? 
ATOM   195  N  N   . LEU A 1 25  ? 12.908  1.034   -2.792  1.000 16.983 ? 25  LEU AAA N   1 ? 
ATOM   196  C  CA  . LEU A 1 25  ? 12.047  1.951   -2.036  1.000 15.971 ? 25  LEU AAA CA  1 ? 
ATOM   197  C  C   . LEU A 1 25  ? 11.263  2.896   -2.905  1.000 16.061 ? 25  LEU AAA C   1 ? 
ATOM   198  O  O   . LEU A 1 25  ? 10.092  3.161   -2.542  1.000 15.051 ? 25  LEU AAA O   1 ? 
ATOM   199  C  CB  . LEU A 1 25  ? 12.936  2.747   -1.088  1.000 17.060 ? 25  LEU AAA CB  1 ? 
ATOM   200  C  CG  . LEU A 1 25  ? 12.271  3.567   -0.002  1.000 16.736 ? 25  LEU AAA CG  1 ? 
ATOM   201  C  CD1 . LEU A 1 25  ? 11.426  2.682   0.884   1.000 17.662 ? 25  LEU AAA CD1 1 ? 
ATOM   202  C  CD2 . LEU A 1 25  ? 13.369  4.279   0.833   1.000 16.054 ? 25  LEU AAA CD2 1 ? 
ATOM   203  N  N   . GLY A 1 26  ? 11.818  3.449   -3.965  1.000 16.182 ? 26  GLY AAA N   1 ? 
ATOM   204  C  CA  . GLY A 1 26  ? 11.095  4.376   -4.818  1.000 15.522 ? 26  GLY AAA CA  1 ? 
ATOM   205  C  C   . GLY A 1 26  ? 9.797   3.755   -5.391  1.000 13.580 ? 26  GLY AAA C   1 ? 
ATOM   206  O  O   . GLY A 1 26  ? 8.863   4.525   -5.620  1.000 15.201 ? 26  GLY AAA O   1 ? 
ATOM   207  N  N   . ASN A 1 27  ? 9.800   2.475   -5.675  1.000 14.622 ? 27  ASN AAA N   1 ? 
ATOM   208  C  CA  . ASN A 1 27  ? 8.594   1.769   -6.153  1.000 13.586 ? 27  ASN AAA CA  1 ? 
ATOM   209  C  C   . ASN A 1 27  ? 7.471   1.919   -5.121  1.000 14.173 ? 27  ASN AAA C   1 ? 
ATOM   210  O  O   . ASN A 1 27  ? 6.343   2.206   -5.509  1.000 14.153 ? 27  ASN AAA O   1 ? 
ATOM   211  C  CB  . ASN A 1 27  ? 8.849   0.321   -6.417  1.000 14.898 ? 27  ASN AAA CB  1 ? 
ATOM   212  C  CG  . ASN A 1 27  ? 9.625   0.117   -7.694  1.000 15.971 ? 27  ASN AAA CG  1 ? 
ATOM   213  O  OD1 . ASN A 1 27  ? 9.060   0.247   -8.752  1.000 15.662 ? 27  ASN AAA OD1 1 ? 
ATOM   214  N  ND2 . ASN A 1 27  ? 10.914  -0.216  -7.546  1.000 16.860 ? 27  ASN AAA ND2 1 ? 
ATOM   215  N  N   . TRP A 1 28  ? 7.810   1.746   -3.859  1.000 13.772 ? 28  TRP AAA N   1 ? 
ATOM   216  C  CA  . TRP A 1 28  ? 6.802   1.767   -2.784  1.000 14.211 ? 28  TRP AAA CA  1 ? 
ATOM   217  C  C   . TRP A 1 28  ? 6.319   3.181   -2.551  1.000 13.605 ? 28  TRP AAA C   1 ? 
ATOM   218  O  O   . TRP A 1 28  ? 5.122   3.421   -2.298  1.000 13.832 ? 28  TRP AAA O   1 ? 
ATOM   219  C  CB  . TRP A 1 28  ? 7.385   1.177   -1.504  1.000 14.258 ? 28  TRP AAA CB  1 ? 
ATOM   220  C  CG  . TRP A 1 28  ? 7.774   -0.255  -1.642  1.000 14.929 ? 28  TRP AAA CG  1 ? 
ATOM   221  C  CD1 . TRP A 1 28  ? 8.994   -0.810  -1.836  1.000 15.553 ? 28  TRP AAA CD1 1 ? 
ATOM   222  C  CD2 . TRP A 1 28  ? 6.875   -1.378  -1.678  1.000 13.660 ? 28  TRP AAA CD2 1 ? 
ATOM   223  N  NE1 . TRP A 1 28  ? 8.931   -2.149  -1.946  1.000 16.598 ? 28  TRP AAA NE1 1 ? 
ATOM   224  C  CE2 . TRP A 1 28  ? 7.619   -2.542  -1.832  1.000 14.356 ? 28  TRP AAA CE2 1 ? 
ATOM   225  C  CE3 . TRP A 1 28  ? 5.482   -1.475  -1.517  1.000 14.890 ? 28  TRP AAA CE3 1 ? 
ATOM   226  C  CZ2 . TRP A 1 28  ? 7.042   -3.791  -1.841  1.000 16.611 ? 28  TRP AAA CZ2 1 ? 
ATOM   227  C  CZ3 . TRP A 1 28  ? 4.908   -2.724  -1.521  1.000 15.277 ? 28  TRP AAA CZ3 1 ? 
ATOM   228  C  CH2 . TRP A 1 28  ? 5.683   -3.864  -1.685  1.000 16.678 ? 28  TRP AAA CH2 1 ? 
ATOM   229  N  N   . VAL A 1 29  ? 7.230   4.171   -2.607  1.000 14.783 ? 29  VAL AAA N   1 ? 
ATOM   230  C  CA  . VAL A 1 29  ? 6.823   5.576   -2.467  1.000 12.788 ? 29  VAL AAA CA  1 ? 
ATOM   231  C  C   . VAL A 1 29  ? 5.935   6.043   -3.621  1.000 15.010 ? 29  VAL AAA C   1 ? 
ATOM   232  O  O   . VAL A 1 29  ? 4.902   6.745   -3.409  1.000 13.982 ? 29  VAL AAA O   1 ? 
ATOM   233  C  CB  . VAL A 1 29  ? 8.072   6.484   -2.262  1.000 14.265 ? 29  VAL AAA CB  1 ? 
ATOM   234  C  CG1 . VAL A 1 29  ? 7.650   7.919   -2.211  1.000 14.764 ? 29  VAL AAA CG1 1 ? 
ATOM   235  C  CG2 . VAL A 1 29  ? 8.828   6.057   -1.015  1.000 16.418 ? 29  VAL AAA CG2 1 ? 
ATOM   236  N  N   . CYS A 1 30  ? 6.309   5.701   -4.841  1.000 13.408 ? 30  CYS AAA N   1 ? 
ATOM   237  C  CA  . CYS A 1 30  ? 5.516   6.021   -6.036  1.000 14.516 ? 30  CYS AAA CA  1 ? 
ATOM   238  C  C   . CYS A 1 30  ? 4.101   5.380   -5.894  1.000 13.859 ? 30  CYS AAA C   1 ? 
ATOM   239  O  O   . CYS A 1 30  ? 3.138   6.026   -6.191  1.000 13.600 ? 30  CYS AAA O   1 ? 
ATOM   240  C  CB  . CYS A 1 30  ? 6.282   5.502   -7.264  1.000 15.460 ? 30  CYS AAA CB  1 ? 
ATOM   241  S  SG  . CYS A 1 30  ? 5.484   5.981   -8.834  1.000 16.809 ? 30  CYS AAA SG  1 ? 
ATOM   242  N  N   . ALA A 1 31  ? 4.103   4.120   -5.505  1.000 13.306 ? 31  ALA AAA N   1 ? 
ATOM   243  C  CA  . ALA A 1 31  ? 2.803   3.410   -5.359  1.000 14.338 ? 31  ALA AAA CA  1 ? 
ATOM   244  C  C   . ALA A 1 31  ? 1.924   4.191   -4.361  1.000 13.218 ? 31  ALA AAA C   1 ? 
ATOM   245  O  O   . ALA A 1 31  ? 0.736   4.477   -4.616  1.000 14.425 ? 31  ALA AAA O   1 ? 
ATOM   246  C  CB  . ALA A 1 31  ? 3.013   1.996   -4.931  1.000 14.569 ? 31  ALA AAA CB  1 ? 
ATOM   247  N  N   . ALA A 1 32  ? 2.498   4.552   -3.212  1.000 12.612 ? 32  ALA AAA N   1 ? 
ATOM   248  C  CA  . ALA A 1 32  ? 1.705   5.261   -2.183  1.000 13.727 ? 32  ALA AAA CA  1 ? 
ATOM   249  C  C   . ALA A 1 32  ? 1.232   6.590   -2.741  1.000 12.825 ? 32  ALA AAA C   1 ? 
ATOM   250  O  O   . ALA A 1 32  ? 0.105   7.054   -2.437  1.000 14.212 ? 32  ALA AAA O   1 ? 
ATOM   251  C  CB  . ALA A 1 32  ? 2.487   5.409   -0.924  1.000 14.163 ? 32  ALA AAA CB  1 ? 
ATOM   252  N  N   . LYS A 1 33  ? 2.089   7.311   -3.482  1.000 13.393 ? 33  LYS AAA N   1 ? 
ATOM   253  C  CA  . LYS A 1 33  ? 1.665   8.590   -4.011  1.000 12.710 ? 33  LYS AAA CA  1 ? 
ATOM   254  C  C   . LYS A 1 33  ? 0.388   8.438   -4.847  1.000 13.573 ? 33  LYS AAA C   1 ? 
ATOM   255  O  O   . LYS A 1 33  ? -0.551  9.220   -4.654  1.000 14.794 ? 33  LYS AAA O   1 ? 
ATOM   256  C  CB  . LYS A 1 33  ? 2.801   9.174   -4.873  1.000 15.258 ? 33  LYS AAA CB  1 ? 
ATOM   257  C  CG  . LYS A 1 33  ? 2.402   10.350  -5.725  1.000 19.754 ? 33  LYS AAA CG  1 ? 
ATOM   258  C  CD  . LYS A 1 33  ? 2.083   11.534  -4.980  1.000 21.102 ? 33  LYS AAA CD  1 ? 
ATOM   259  C  CE  . LYS A 1 33  ? 1.623   12.663  -5.889  1.000 27.957 ? 33  LYS AAA CE  1 ? 
ATOM   260  N  NZ  . LYS A 1 33  ? 1.245   13.846  -5.078  1.000 29.327 ? 33  LYS AAA NZ  1 ? 
ATOM   261  N  N   . PHE A 1 34  ? 0.414   7.533   -5.814  1.000 14.293 ? 34  PHE AAA N   1 ? 
ATOM   262  C  CA  . PHE A 1 34  ? -0.722  7.429   -6.756  1.000 15.867 ? 34  PHE AAA CA  1 ? 
ATOM   263  C  C   . PHE A 1 34  ? -1.861  6.604   -6.168  1.000 15.081 ? 34  PHE AAA C   1 ? 
ATOM   264  O  O   . PHE A 1 34  ? -2.962  6.854   -6.643  1.000 19.874 ? 34  PHE AAA O   1 ? 
ATOM   265  C  CB  . PHE A 1 34  ? -0.180  6.935   -8.078  1.000 15.321 ? 34  PHE AAA CB  1 ? 
ATOM   266  C  CG  . PHE A 1 34  ? 0.765   7.937   -8.705  1.000 14.990 ? 34  PHE AAA CG  1 ? 
ATOM   267  C  CD1 . PHE A 1 34  ? 0.331   9.219   -8.946  1.000 14.924 ? 34  PHE AAA CD1 1 ? 
ATOM   268  C  CD2 . PHE A 1 34  ? 2.042   7.609   -9.077  1.000 18.285 ? 34  PHE AAA CD2 1 ? 
ATOM   269  C  CE1 . PHE A 1 34  ? 1.167   10.156  -9.558  1.000 16.425 ? 34  PHE AAA CE1 1 ? 
ATOM   270  C  CE2 . PHE A 1 34  ? 2.874   8.552   -9.681  1.000 21.961 ? 34  PHE AAA CE2 1 ? 
ATOM   271  C  CZ  . PHE A 1 34  ? 2.421   9.823   -9.925  1.000 18.711 ? 34  PHE AAA CZ  1 ? 
ATOM   272  N  N   . GLU A 1 35  ? -1.662  5.799   -5.173  1.000 12.972 ? 35  GLU AAA N   1 ? 
ATOM   273  C  CA  . GLU A 1 35  ? -2.792  5.075   -4.523  1.000 13.417 ? 35  GLU AAA CA  1 ? 
ATOM   274  C  C   . GLU A 1 35  ? -3.532  6.024   -3.608  1.000 14.419 ? 35  GLU AAA C   1 ? 
ATOM   275  O  O   . GLU A 1 35  ? -4.771  6.038   -3.564  1.000 16.034 ? 35  GLU AAA O   1 ? 
ATOM   276  C  CB  . GLU A 1 35  ? -2.280  3.833   -3.827  1.000 14.412 ? 35  GLU AAA CB  1 ? 
ATOM   277  C  CG  . GLU A 1 35  ? -1.843  2.713   -4.751  1.000 15.183 ? 35  GLU AAA CG  1 ? 
ATOM   278  C  CD  . GLU A 1 35  ? -2.934  1.992   -5.534  1.000 16.508 ? 35  GLU AAA CD  1 ? 
ATOM   279  O  OE1 . GLU A 1 35  ? -4.104  2.414   -5.346  1.000 19.024 ? 35  GLU AAA OE1 1 ? 
ATOM   280  O  OE2 . GLU A 1 35  ? -2.549  1.129   -6.432  1.000 17.742 ? 35  GLU AAA OE2 1 ? 
ATOM   281  N  N   . SER A 1 36  ? -2.844  6.734   -2.713  1.000 15.081 ? 36  SER AAA N   1 ? 
ATOM   282  C  CA  . SER A 1 36  ? -3.464  7.446   -1.576  1.000 14.994 ? 36  SER AAA CA  1 ? 
ATOM   283  C  C   . SER A 1 36  ? -3.080  8.923   -1.497  1.000 15.007 ? 36  SER AAA C   1 ? 
ATOM   284  O  O   . SER A 1 36  ? -3.536  9.565   -0.518  1.000 16.036 ? 36  SER AAA O   1 ? 
ATOM   285  C  CB  . SER A 1 36  ? -3.104  6.787   -0.298  1.000 13.679 ? 36  SER AAA CB  1 ? 
ATOM   286  O  OG  . SER A 1 36  ? -1.694  6.959   -0.060  1.000 13.776 ? 36  SER AAA OG  1 ? 
ATOM   287  N  N   . ASN A 1 37  ? -2.176  9.411   -2.341  1.000 15.607 ? 37  ASN AAA N   1 ? 
ATOM   288  C  CA  . ASN A 1 37  ? -1.610  10.764  -2.146  1.000 18.026 ? 37  ASN AAA CA  1 ? 
ATOM   289  C  C   . ASN A 1 37  ? -0.959  10.867  -0.769  1.000 14.543 ? 37  ASN AAA C   1 ? 
ATOM   290  O  O   . ASN A 1 37  ? -0.993  11.970  -0.174  1.000 17.307 ? 37  ASN AAA O   1 ? 
ATOM   291  C  CB  . ASN A 1 37  ? -2.631  11.878  -2.392  1.000 21.953 ? 37  ASN AAA CB  1 ? 
ATOM   292  C  CG  . ASN A 1 37  ? -1.965  13.146  -2.888  1.000 27.084 ? 37  ASN AAA CG  1 ? 
ATOM   293  O  OD1 . ASN A 1 37  ? -0.818  13.125  -3.308  1.000 29.184 ? 37  ASN AAA OD1 1 ? 
ATOM   294  N  ND2 . ASN A 1 37  ? -2.692  14.249  -2.855  1.000 32.004 ? 37  ASN AAA ND2 1 ? 
ATOM   295  N  N   . PHE A 1 38  ? -0.381  9.818   -0.253  1.000 14.082 ? 38  PHE AAA N   1 ? 
ATOM   296  C  CA  . PHE A 1 38  ? 0.350   9.728   1.009   1.000 14.363 ? 38  PHE AAA CA  1 ? 
ATOM   297  C  C   . PHE A 1 38  ? -0.554  9.963   2.211   1.000 14.380 ? 38  PHE AAA C   1 ? 
ATOM   298  O  O   . PHE A 1 38  ? -0.072  10.176  3.319   1.000 15.251 ? 38  PHE AAA O   1 ? 
ATOM   299  C  CB  . PHE A 1 38  ? 1.517   10.728  1.064   1.000 15.948 ? 38  PHE AAA CB  1 ? 
ATOM   300  C  CG  . PHE A 1 38  ? 2.557   10.616  -0.032  1.000 14.562 ? 38  PHE AAA CG  1 ? 
ATOM   301  C  CD1 . PHE A 1 38  ? 2.990   9.408   -0.528  1.000 15.478 ? 38  PHE AAA CD1 1 ? 
ATOM   302  C  CD2 . PHE A 1 38  ? 3.144   11.773  -0.515  1.000 17.816 ? 38  PHE AAA CD2 1 ? 
ATOM   303  C  CE1 . PHE A 1 38  ? 4.015   9.341   -1.468  1.000 15.814 ? 38  PHE AAA CE1 1 ? 
ATOM   304  C  CE2 . PHE A 1 38  ? 4.195   11.707  -1.435  1.000 17.330 ? 38  PHE AAA CE2 1 ? 
ATOM   305  C  CZ  . PHE A 1 38  ? 4.619   10.505  -1.911  1.000 15.995 ? 38  PHE AAA CZ  1 ? 
ATOM   306  N  N   . ASN A 1 39  ? -1.859  9.704   2.016   1.000 13.595 ? 39  ASN AAA N   1 ? 
ATOM   307  C  CA  . ASN A 1 39  ? -2.849  9.893   3.115   1.000 14.566 ? 39  ASN AAA CA  1 ? 
ATOM   308  C  C   . ASN A 1 39  ? -3.187  8.558   3.730   1.000 13.350 ? 39  ASN AAA C   1 ? 
ATOM   309  O  O   . ASN A 1 39  ? -3.881  7.736   3.057   1.000 14.054 ? 39  ASN AAA O   1 ? 
ATOM   310  C  CB  . ASN A 1 39  ? -4.058  10.622  2.572   1.000 14.851 ? 39  ASN AAA CB  1 ? 
ATOM   311  C  CG  . ASN A 1 39  ? -5.090  10.955  3.629   1.000 15.170 ? 39  ASN AAA CG  1 ? 
ATOM   312  O  OD1 . ASN A 1 39  ? -4.952  10.551  4.769   1.000 14.892 ? 39  ASN AAA OD1 1 ? 
ATOM   313  N  ND2 . ASN A 1 39  ? -6.088  11.746  3.197   1.000 18.705 ? 39  ASN AAA ND2 1 ? 
ATOM   314  N  N   . THR A 1 40  ? -2.871  8.297   4.957   1.000 14.320 ? 40  THR AAA N   1 ? 
ATOM   315  C  CA  . THR A 1 40  ? -3.211  7.032   5.611   1.000 14.761 ? 40  THR AAA CA  1 ? 
ATOM   316  C  C   . THR A 1 40  ? -4.730  6.827   5.724   1.000 14.887 ? 40  THR AAA C   1 ? 
ATOM   317  O  O   . THR A 1 40  ? -5.139  5.664   5.887   1.000 14.544 ? 40  THR AAA O   1 ? 
ATOM   318  C  CB  . THR A 1 40  ? -2.588  6.826   6.982   1.000 15.172 ? 40  THR AAA CB  1 ? 
ATOM   319  O  OG1 . THR A 1 40  ? -3.190  7.730   7.901   1.000 16.276 ? 40  THR AAA OG1 1 ? 
ATOM   320  C  CG2 . THR A 1 40  ? -1.097  7.102   7.009   1.000 16.085 ? 40  THR AAA CG2 1 ? 
ATOM   321  N  N   . GLN A 1 41  ? -5.505  7.874   5.700   1.000 12.803 ? 41  GLN AAA N   1 ? 
ATOM   322  C  CA  . GLN A 1 41  ? -6.978  7.740   5.912   1.000 12.556 ? 41  GLN AAA CA  1 ? 
ATOM   323  C  C   . GLN A 1 41  ? -7.696  7.545   4.608   1.000 14.729 ? 41  GLN AAA C   1 ? 
ATOM   324  O  O   . GLN A 1 41  ? -8.963  7.484   4.651   1.000 15.379 ? 41  GLN AAA O   1 ? 
ATOM   325  C  CB  . GLN A 1 41  ? -7.514  8.942   6.680   1.000 12.514 ? 41  GLN AAA CB  1 ? 
ATOM   326  C  CG  . GLN A 1 41  ? -6.920  9.075   8.059   1.000 14.956 ? 41  GLN AAA CG  1 ? 
ATOM   327  C  CD  . GLN A 1 41  ? -7.705  10.011  8.914   1.000 16.199 ? 41  GLN AAA CD  1 ? 
ATOM   328  O  OE1 . GLN A 1 41  ? -8.742  9.619   9.456   1.000 18.451 ? 41  GLN AAA OE1 1 ? 
ATOM   329  N  NE2 . GLN A 1 41  ? -7.275  11.256  9.037   1.000 15.662 ? 41  GLN AAA NE2 1 ? 
ATOM   330  N  N   . ALA A 1 42  ? -7.047  7.468   3.493   1.000 14.129 ? 42  ALA AAA N   1 ? 
ATOM   331  C  CA  . ALA A 1 42  ? -7.718  7.282   2.188   1.000 13.998 ? 42  ALA AAA CA  1 ? 
ATOM   332  C  C   . ALA A 1 42  ? -8.528  5.963   2.160   1.000 12.826 ? 42  ALA AAA C   1 ? 
ATOM   333  O  O   . ALA A 1 42  ? -8.063  4.934   2.539   1.000 12.449 ? 42  ALA AAA O   1 ? 
ATOM   334  C  CB  . ALA A 1 42  ? -6.680  7.243   1.087   1.000 13.895 ? 42  ALA AAA CB  1 ? 
ATOM   335  N  N   . THR A 1 43  ? -9.751  6.094   1.709   1.000 14.158 ? 43  THR AAA N   1 ? 
ATOM   336  C  CA  . THR A 1 43  ? -10.633 4.934   1.428   1.000 15.658 ? 43  THR AAA CA  1 ? 
ATOM   337  C  C   . THR A 1 43  ? -11.282 5.087   0.093   1.000 15.707 ? 43  THR AAA C   1 ? 
ATOM   338  O  O   . THR A 1 43  ? -11.639 6.224   -0.302  1.000 19.131 ? 43  THR AAA O   1 ? 
ATOM   339  C  CB  . THR A 1 43  ? -11.721 4.731   2.468   1.000 16.301 ? 43  THR AAA CB  1 ? 
ATOM   340  O  OG1 . THR A 1 43  ? -12.555 5.893   2.412   1.000 16.587 ? 43  THR AAA OG1 1 ? 
ATOM   341  C  CG2 . THR A 1 43  ? -11.231 4.478   3.866   1.000 17.702 ? 43  THR AAA CG2 1 ? 
ATOM   342  N  N   A ASN A 1 44  ? -11.542 4.001   -0.614  0.500 13.958 ? 44  ASN AAA N   1 ? 
ATOM   343  N  N   B ASN A 1 44  ? -11.425 3.986   -0.665  0.500 14.433 ? 44  ASN AAA N   1 ? 
ATOM   344  C  CA  A ASN A 1 44  ? -12.291 4.131   -1.869  0.500 14.230 ? 44  ASN AAA CA  1 ? 
ATOM   345  C  CA  B ASN A 1 44  ? -12.006 3.989   -2.029  0.500 15.090 ? 44  ASN AAA CA  1 ? 
ATOM   346  C  C   A ASN A 1 44  ? -13.087 2.855   -2.065  0.500 12.812 ? 44  ASN AAA C   1 ? 
ATOM   347  C  C   B ASN A 1 44  ? -12.948 2.798   -2.183  0.500 14.053 ? 44  ASN AAA C   1 ? 
ATOM   348  O  O   A ASN A 1 44  ? -12.479 1.764   -2.106  0.500 13.241 ? 44  ASN AAA O   1 ? 
ATOM   349  O  O   B ASN A 1 44  ? -12.448 1.655   -2.108  0.500 13.581 ? 44  ASN AAA O   1 ? 
ATOM   350  C  CB  A ASN A 1 44  ? -11.347 4.389   -3.034  0.500 15.304 ? 44  ASN AAA CB  1 ? 
ATOM   351  C  CB  B ASN A 1 44  ? -10.944 3.907   -3.126  0.500 16.354 ? 44  ASN AAA CB  1 ? 
ATOM   352  C  CG  A ASN A 1 44  ? -10.656 5.738   -2.925  0.500 17.959 ? 44  ASN AAA CG  1 ? 
ATOM   353  C  CG  B ASN A 1 44  ? -11.568 3.742   -4.497  0.500 19.416 ? 44  ASN AAA CG  1 ? 
ATOM   354  O  OD1 A ASN A 1 44  ? -9.462  5.828   -2.612  0.500 23.006 ? 44  ASN AAA OD1 1 ? 
ATOM   355  O  OD1 B ASN A 1 44  ? -11.529 2.654   -5.104  0.500 23.063 ? 44  ASN AAA OD1 1 ? 
ATOM   356  N  ND2 A ASN A 1 44  ? -11.360 6.810   -3.282  0.500 17.665 ? 44  ASN AAA ND2 1 ? 
ATOM   357  N  ND2 B ASN A 1 44  ? -12.216 4.787   -4.986  0.500 19.081 ? 44  ASN AAA ND2 1 ? 
ATOM   358  N  N   A ARG A 1 45  ? -14.381 2.994   -2.214  0.500 14.481 ? 45  ARG AAA N   1 ? 
ATOM   359  N  N   B ARG A 1 45  ? -14.209 3.065   -2.497  0.500 14.711 ? 45  ARG AAA N   1 ? 
ATOM   360  C  CA  A ARG A 1 45  ? -15.231 1.837   -2.575  0.500 15.133 ? 45  ARG AAA CA  1 ? 
ATOM   361  C  CA  B ARG A 1 45  ? -15.215 2.000   -2.738  0.500 14.962 ? 45  ARG AAA CA  1 ? 
ATOM   362  C  C   A ARG A 1 45  ? -15.167 1.475   -4.063  0.500 15.897 ? 45  ARG AAA C   1 ? 
ATOM   363  C  C   B ARG A 1 45  ? -14.999 1.471   -4.149  0.500 15.992 ? 45  ARG AAA C   1 ? 
ATOM   364  O  O   A ARG A 1 45  ? -15.301 2.380   -4.922  0.500 15.575 ? 45  ARG AAA O   1 ? 
ATOM   365  O  O   B ARG A 1 45  ? -14.754 2.256   -5.059  0.500 15.212 ? 45  ARG AAA O   1 ? 
ATOM   366  C  CB  A ARG A 1 45  ? -16.660 2.169   -2.189  0.500 16.042 ? 45  ARG AAA CB  1 ? 
ATOM   367  C  CB  B ARG A 1 45  ? -16.634 2.534   -2.550  0.500 15.304 ? 45  ARG AAA CB  1 ? 
ATOM   368  C  CG  A ARG A 1 45  ? -17.552 0.941   -2.123  0.500 16.412 ? 45  ARG AAA CG  1 ? 
ATOM   369  C  CG  B ARG A 1 45  ? -17.716 1.473   -2.795  0.500 16.686 ? 45  ARG AAA CG  1 ? 
ATOM   370  C  CD  A ARG A 1 45  ? -17.385 0.418   -0.740  0.500 18.401 ? 45  ARG AAA CD  1 ? 
ATOM   371  C  CD  B ARG A 1 45  ? -17.903 0.437   -1.678  0.500 17.914 ? 45  ARG AAA CD  1 ? 
ATOM   372  N  NE  A ARG A 1 45  ? -18.555 -0.373  -0.398  0.500 24.347 ? 45  ARG AAA NE  1 ? 
ATOM   373  N  NE  B ARG A 1 45  ? -19.037 0.746   -0.790  0.500 23.183 ? 45  ARG AAA NE  1 ? 
ATOM   374  C  CZ  A ARG A 1 45  ? -19.620 0.211   0.140   0.500 28.737 ? 45  ARG AAA CZ  1 ? 
ATOM   375  C  CZ  B ARG A 1 45  ? -19.813 -0.095  -0.023  0.500 23.112 ? 45  ARG AAA CZ  1 ? 
ATOM   376  N  NH1 A ARG A 1 45  ? -19.589 1.533   0.283   0.500 27.767 ? 45  ARG AAA NH1 1 ? 
ATOM   377  N  NH1 B ARG A 1 45  ? -19.732 -1.431  0.062   0.500 19.510 ? 45  ARG AAA NH1 1 ? 
ATOM   378  N  NH2 A ARG A 1 45  ? -20.672 -0.509  0.489   0.500 31.954 ? 45  ARG AAA NH2 1 ? 
ATOM   379  N  NH2 B ARG A 1 45  ? -20.721 0.490   0.724   0.500 25.809 ? 45  ARG AAA NH2 1 ? 
ATOM   380  N  N   . ASN A 1 46  ? -15.040 0.157   -4.303  1.000 15.187 ? 46  ASN AAA N   1 ? 
ATOM   381  C  CA  . ASN A 1 46  ? -14.868 -0.482  -5.626  1.000 15.855 ? 46  ASN AAA CA  1 ? 
ATOM   382  C  C   . ASN A 1 46  ? -16.220 -0.940  -6.150  1.000 18.230 ? 46  ASN AAA C   1 ? 
ATOM   383  O  O   . ASN A 1 46  ? -17.164 -1.172  -5.403  1.000 18.063 ? 46  ASN AAA O   1 ? 
ATOM   384  C  CB  . ASN A 1 46  ? -13.901 -1.645  -5.533  1.000 17.725 ? 46  ASN AAA CB  1 ? 
ATOM   385  C  CG  . ASN A 1 46  ? -12.564 -1.164  -4.973  1.000 17.670 ? 46  ASN AAA CG  1 ? 
ATOM   386  O  OD1 . ASN A 1 46  ? -12.040 -1.758  -4.038  1.000 23.110 ? 46  ASN AAA OD1 1 ? 
ATOM   387  N  ND2 . ASN A 1 46  ? -12.053 -0.073  -5.509  1.000 22.624 ? 46  ASN AAA ND2 1 ? 
ATOM   388  N  N   . THR A 1 47  ? -16.311 -1.100  -7.457  1.000 20.458 ? 47  THR AAA N   1 ? 
ATOM   389  C  CA  . THR A 1 47  ? -17.561 -1.507  -8.123  1.000 21.304 ? 47  THR AAA CA  1 ? 
ATOM   390  C  C   . THR A 1 47  ? -18.020 -2.862  -7.565  1.000 20.957 ? 47  THR AAA C   1 ? 
ATOM   391  O  O   . THR A 1 47  ? -19.246 -3.039  -7.400  1.000 23.072 ? 47  THR AAA O   1 ? 
ATOM   392  C  CB  . THR A 1 47  ? -17.380 -1.569  -9.640  1.000 23.880 ? 47  THR AAA CB  1 ? 
ATOM   393  O  OG1 . THR A 1 47  ? -16.474 -2.638  -9.898  1.000 37.377 ? 47  THR AAA OG1 1 ? 
ATOM   394  C  CG2 . THR A 1 47  ? -16.859 -0.278  -10.198 1.000 23.742 ? 47  THR AAA CG2 1 ? 
ATOM   395  N  N   . ASP A 1 48  ? -17.107 -3.761  -7.218  1.000 19.336 ? 48  ASP AAA N   1 ? 
ATOM   396  C  CA  . ASP A 1 48  ? -17.470 -5.103  -6.699  1.000 21.623 ? 48  ASP AAA CA  1 ? 
ATOM   397  C  C   . ASP A 1 48  ? -17.993 -4.990  -5.270  1.000 21.950 ? 48  ASP AAA C   1 ? 
ATOM   398  O  O   . ASP A 1 48  ? -18.411 -6.036  -4.743  1.000 24.481 ? 48  ASP AAA O   1 ? 
ATOM   399  C  CB  . ASP A 1 48  ? -16.320 -6.106  -6.867  1.000 21.313 ? 48  ASP AAA CB  1 ? 
ATOM   400  C  CG  . ASP A 1 48  ? -15.125 -5.851  -5.955  1.000 25.147 ? 48  ASP AAA CG  1 ? 
ATOM   401  O  OD1 . ASP A 1 48  ? -15.155 -4.830  -5.197  1.000 21.270 ? 48  ASP AAA OD1 1 ? 
ATOM   402  O  OD2 . ASP A 1 48  ? -14.193 -6.692  -5.927  1.000 29.730 ? 48  ASP AAA OD2 1 ? 
ATOM   403  N  N   . GLY A 1 49  ? -18.029 -3.806  -4.609  1.000 19.018 ? 49  GLY AAA N   1 ? 
ATOM   404  C  CA  . GLY A 1 49  ? -18.502 -3.675  -3.215  1.000 18.139 ? 49  GLY AAA CA  1 ? 
ATOM   405  C  C   . GLY A 1 49  ? -17.364 -3.714  -2.203  1.000 17.790 ? 49  GLY AAA C   1 ? 
ATOM   406  O  O   . GLY A 1 49  ? -17.629 -3.464  -1.020  1.000 18.186 ? 49  GLY AAA O   1 ? 
ATOM   407  N  N   . SER A 1 50  ? -16.191 -4.151  -2.594  1.000 16.658 ? 50  SER AAA N   1 ? 
ATOM   408  C  CA  . SER A 1 50  ? -14.998 -4.105  -1.732  1.000 15.595 ? 50  SER AAA CA  1 ? 
ATOM   409  C  C   . SER A 1 50  ? -14.577 -2.631  -1.558  1.000 12.501 ? 50  SER AAA C   1 ? 
ATOM   410  O  O   . SER A 1 50  ? -15.069 -1.777  -2.260  1.000 13.730 ? 50  SER AAA O   1 ? 
ATOM   411  C  CB  . SER A 1 50  ? -13.885 -4.958  -2.245  1.000 15.167 ? 50  SER AAA CB  1 ? 
ATOM   412  O  OG  . SER A 1 50  ? -13.368 -4.398  -3.431  1.000 15.358 ? 50  SER AAA OG  1 ? 
ATOM   413  N  N   . THR A 1 51  ? -13.704 -2.418  -0.601  1.000 12.434 ? 51  THR AAA N   1 ? 
ATOM   414  C  CA  . THR A 1 51  ? -13.124 -1.082  -0.329  1.000 12.206 ? 51  THR AAA CA  1 ? 
ATOM   415  C  C   . THR A 1 51  ? -11.630 -1.258  -0.232  1.000 11.847 ? 51  THR AAA C   1 ? 
ATOM   416  O  O   . THR A 1 51  ? -11.134 -2.244  0.284   1.000 12.136 ? 51  THR AAA O   1 ? 
ATOM   417  C  CB  . THR A 1 51  ? -13.748 -0.489  0.913   1.000 12.320 ? 51  THR AAA CB  1 ? 
ATOM   418  O  OG1 . THR A 1 51  ? -15.174 -0.436  0.734   1.000 12.732 ? 51  THR AAA OG1 1 ? 
ATOM   419  C  CG2 . THR A 1 51  ? -13.225 0.899   1.265   1.000 12.564 ? 51  THR AAA CG2 1 ? 
ATOM   420  N  N   . ASP A 1 52  ? -10.917 -0.234  -0.739  1.000 12.772 ? 52  ASP AAA N   1 ? 
ATOM   421  C  CA  . ASP A 1 52  ? -9.437  -0.047  -0.592  1.000 11.947 ? 52  ASP AAA CA  1 ? 
ATOM   422  C  C   . ASP A 1 52  ? -9.171  0.866   0.590   1.000 11.402 ? 52  ASP AAA C   1 ? 
ATOM   423  O  O   . ASP A 1 52  ? -9.818  1.924   0.692   1.000 12.606 ? 52  ASP AAA O   1 ? 
ATOM   424  C  CB  . ASP A 1 52  ? -8.820  0.544   -1.848  1.000 14.021 ? 52  ASP AAA CB  1 ? 
ATOM   425  C  CG  . ASP A 1 52  ? -8.940  -0.330  -3.065  1.000 17.790 ? 52  ASP AAA CG  1 ? 
ATOM   426  O  OD1 . ASP A 1 52  ? -9.133  -1.552  -2.937  1.000 16.883 ? 52  ASP AAA OD1 1 ? 
ATOM   427  O  OD2 . ASP A 1 52  ? -8.456  0.135   -4.144  1.000 23.099 ? 52  ASP AAA OD2 1 ? 
ATOM   428  N  N   . TYR A 1 53  ? -8.192  0.526   1.398   1.000 12.528 ? 53  TYR AAA N   1 ? 
ATOM   429  C  CA  . TYR A 1 53  ? -7.881  1.241   2.647   1.000 11.921 ? 53  TYR AAA CA  1 ? 
ATOM   430  C  C   . TYR A 1 53  ? -6.400  1.660   2.713   1.000 12.138 ? 53  TYR AAA C   1 ? 
ATOM   431  O  O   . TYR A 1 53  ? -5.537  0.784   2.600   1.000 12.734 ? 53  TYR AAA O   1 ? 
ATOM   432  C  CB  . TYR A 1 53  ? -8.207  0.359   3.845   1.000 12.415 ? 53  TYR AAA CB  1 ? 
ATOM   433  C  CG  . TYR A 1 53  ? -9.666  -0.009  4.023   1.000 12.060 ? 53  TYR AAA CG  1 ? 
ATOM   434  C  CD1 . TYR A 1 53  ? -10.230 -1.044  3.325   1.000 11.799 ? 53  TYR AAA CD1 1 ? 
ATOM   435  C  CD2 . TYR A 1 53  ? -10.509 0.818   4.722   1.000 13.046 ? 53  TYR AAA CD2 1 ? 
ATOM   436  C  CE1 . TYR A 1 53  ? -11.586 -1.363  3.465   1.000 12.504 ? 53  TYR AAA CE1 1 ? 
ATOM   437  C  CE2 . TYR A 1 53  ? -11.857 0.506   4.888   1.000 12.372 ? 53  TYR AAA CE2 1 ? 
ATOM   438  C  CZ  . TYR A 1 53  ? -12.390 -0.555  4.200   1.000 11.738 ? 53  TYR AAA CZ  1 ? 
ATOM   439  O  OH  . TYR A 1 53  ? -13.729 -0.852  4.349   1.000 12.666 ? 53  TYR AAA OH  1 ? 
ATOM   440  N  N   . GLY A 1 54  ? -6.197  2.891   3.170   1.000 12.150 ? 54  GLY AAA N   1 ? 
ATOM   441  C  CA  . GLY A 1 54  ? -4.886  3.335   3.675   1.000 12.920 ? 54  GLY AAA CA  1 ? 
ATOM   442  C  C   . GLY A 1 54  ? -3.918  3.714   2.573   1.000 12.962 ? 54  GLY AAA C   1 ? 
ATOM   443  O  O   . GLY A 1 54  ? -4.238  3.925   1.455   1.000 12.565 ? 54  GLY AAA O   1 ? 
ATOM   444  N  N   . ILE A 1 55  ? -2.689  3.936   3.030   1.000 13.990 ? 55  ILE AAA N   1 ? 
ATOM   445  C  CA  . ILE A 1 55  ? -1.623  4.566   2.228   1.000 15.368 ? 55  ILE AAA CA  1 ? 
ATOM   446  C  C   . ILE A 1 55  ? -1.289  3.713   0.994   1.000 14.915 ? 55  ILE AAA C   1 ? 
ATOM   447  O  O   . ILE A 1 55  ? -0.884  4.281   -0.017  1.000 14.822 ? 55  ILE AAA O   1 ? 
ATOM   448  C  CB  . ILE A 1 55  ? -0.405  4.770   3.137   1.000 21.841 ? 55  ILE AAA CB  1 ? 
ATOM   449  C  CG1 . ILE A 1 55  ? 0.582   5.767   2.530   1.000 28.388 ? 55  ILE AAA CG1 1 ? 
ATOM   450  C  CG2 . ILE A 1 55  ? 0.207   3.431   3.525   1.000 19.995 ? 55  ILE AAA CG2 1 ? 
ATOM   451  C  CD1 . ILE A 1 55  ? 0.937   6.931   3.402   1.000 28.909 ? 55  ILE AAA CD1 1 ? 
ATOM   452  N  N   . LEU A 1 56  ? -1.526  2.395   1.027   1.000 15.059 ? 56  LEU AAA N   1 ? 
ATOM   453  C  CA  . LEU A 1 56  ? -1.327  1.530   -0.157  1.000 13.515 ? 56  LEU AAA CA  1 ? 
ATOM   454  C  C   . LEU A 1 56  ? -2.639  0.911   -0.663  1.000 14.039 ? 56  LEU AAA C   1 ? 
ATOM   455  O  O   . LEU A 1 56  ? -2.628  -0.036  -1.450  1.000 15.369 ? 56  LEU AAA O   1 ? 
ATOM   456  C  CB  . LEU A 1 56  ? -0.300  0.455   0.161   1.000 14.856 ? 56  LEU AAA CB  1 ? 
ATOM   457  C  CG  . LEU A 1 56  ? 1.169   0.961   0.231   1.000 15.442 ? 56  LEU AAA CG  1 ? 
ATOM   458  C  CD1 . LEU A 1 56  ? 2.061   -0.136  0.759   1.000 16.198 ? 56  LEU AAA CD1 1 ? 
ATOM   459  C  CD2 . LEU A 1 56  ? 1.651   1.400   -1.133  1.000 17.212 ? 56  LEU AAA CD2 1 ? 
ATOM   460  N  N   . GLN A 1 57  ? -3.782  1.437   -0.244  1.000 14.001 ? 57  GLN AAA N   1 ? 
ATOM   461  C  CA  . GLN A 1 57  ? -5.086  1.098   -0.845  1.000 13.690 ? 57  GLN AAA CA  1 ? 
ATOM   462  C  C   . GLN A 1 57  ? -5.247  -0.425  -0.891  1.000 12.970 ? 57  GLN AAA C   1 ? 
ATOM   463  O  O   . GLN A 1 57  ? -5.538  -1.006  -1.957  1.000 14.199 ? 57  GLN AAA O   1 ? 
ATOM   464  C  CB  . GLN A 1 57  ? -5.265  1.813   -2.172  1.000 13.963 ? 57  GLN AAA CB  1 ? 
ATOM   465  C  CG  . GLN A 1 57  ? -5.445  3.314   -1.999  1.000 13.520 ? 57  GLN AAA CG  1 ? 
ATOM   466  C  CD  . GLN A 1 57  ? -6.793  3.640   -1.370  1.000 15.394 ? 57  GLN AAA CD  1 ? 
ATOM   467  O  OE1 . GLN A 1 57  ? -7.787  3.729   -2.070  1.000 15.944 ? 57  GLN AAA OE1 1 ? 
ATOM   468  N  NE2 . GLN A 1 57  ? -6.815  3.874   -0.074  1.000 13.860 ? 57  GLN AAA NE2 1 ? 
ATOM   469  N  N   . ILE A 1 58  ? -5.141  -1.058  0.251   1.000 12.478 ? 58  ILE AAA N   1 ? 
ATOM   470  C  CA  . ILE A 1 58  ? -5.244  -2.522  0.410   1.000 14.741 ? 58  ILE AAA CA  1 ? 
ATOM   471  C  C   . ILE A 1 58  ? -6.728  -2.895  0.476   1.000 12.965 ? 58  ILE AAA C   1 ? 
ATOM   472  O  O   . ILE A 1 58  ? -7.542  -2.230  1.132   1.000 13.416 ? 58  ILE AAA O   1 ? 
ATOM   473  C  CB  . ILE A 1 58  ? -4.448  -3.007  1.589   1.000 14.944 ? 58  ILE AAA CB  1 ? 
ATOM   474  C  CG1 . ILE A 1 58  ? -2.961  -2.819  1.223   1.000 17.029 ? 58  ILE AAA CG1 1 ? 
ATOM   475  C  CG2 . ILE A 1 58  ? -4.806  -4.433  2.010   1.000 15.824 ? 58  ILE AAA CG2 1 ? 
ATOM   476  C  CD1 . ILE A 1 58  ? -2.004  -3.015  2.354   1.000 20.942 ? 58  ILE AAA CD1 1 ? 
ATOM   477  N  N   . ASN A 1 59  ? -7.083  -3.900  -0.291  1.000 14.431 ? 59  ASN AAA N   1 ? 
ATOM   478  C  CA  . ASN A 1 59  ? -8.476  -4.244  -0.625  1.000 14.778 ? 59  ASN AAA CA  1 ? 
ATOM   479  C  C   . ASN A 1 59  ? -9.087  -5.307  0.308   1.000 13.466 ? 59  ASN AAA C   1 ? 
ATOM   480  O  O   . ASN A 1 59  ? -8.470  -6.341  0.605   1.000 16.078 ? 59  ASN AAA O   1 ? 
ATOM   481  C  CB  . ASN A 1 59  ? -8.487  -4.685  -2.076  1.000 16.352 ? 59  ASN AAA CB  1 ? 
ATOM   482  C  CG  A ASN A 1 59  ? -9.860  -4.974  -2.619  0.600 17.367 ? 59  ASN AAA CG  1 ? 
ATOM   483  C  CG  B ASN A 1 59  ? -9.888  -4.862  -2.618  0.400 16.300 ? 59  ASN AAA CG  1 ? 
ATOM   484  O  OD1 A ASN A 1 59  ? -10.324 -6.110  -2.464  0.600 18.014 ? 59  ASN AAA OD1 1 ? 
ATOM   485  O  OD1 B ASN A 1 59  ? -10.599 -3.879  -2.805  0.400 17.214 ? 59  ASN AAA OD1 1 ? 
ATOM   486  N  ND2 A ASN A 1 59  ? -10.504 -3.985  -3.207  0.600 18.967 ? 59  ASN AAA ND2 1 ? 
ATOM   487  N  ND2 B ASN A 1 59  ? -10.314 -6.107  -2.784  0.400 17.800 ? 59  ASN AAA ND2 1 ? 
ATOM   488  N  N   . SER A 1 60  ? -10.353 -5.081  0.669   1.000 13.731 ? 60  SER AAA N   1 ? 
ATOM   489  C  CA  . SER A 1 60  ? -11.126 -5.931  1.599   1.000 13.345 ? 60  SER AAA CA  1 ? 
ATOM   490  C  C   . SER A 1 60  ? -11.577 -7.249  0.960   1.000 15.541 ? 60  SER AAA C   1 ? 
ATOM   491  O  O   . SER A 1 60  ? -12.055 -8.113  1.741   1.000 16.393 ? 60  SER AAA O   1 ? 
ATOM   492  C  CB  . SER A 1 60  ? -12.307 -5.127  2.120   1.000 14.374 ? 60  SER AAA CB  1 ? 
ATOM   493  O  OG  . SER A 1 60  ? -13.167 -4.830  1.081   1.000 14.522 ? 60  SER AAA OG  1 ? 
ATOM   494  N  N   A ARG A 1 61  ? -11.475 -7.493  -0.311  0.500 14.945 ? 61  ARG AAA N   1 ? 
ATOM   495  N  N   B ARG A 1 61  ? -11.504 -7.427  -0.351  0.500 16.052 ? 61  ARG AAA N   1 ? 
ATOM   496  C  CA  A ARG A 1 61  ? -11.947 -8.808  -0.814  0.500 16.127 ? 61  ARG AAA CA  1 ? 
ATOM   497  C  CA  B ARG A 1 61  ? -11.903 -8.682  -1.056  0.500 17.342 ? 61  ARG AAA CA  1 ? 
ATOM   498  C  C   A ARG A 1 61  ? -11.010 -9.901  -0.304  0.500 16.833 ? 61  ARG AAA C   1 ? 
ATOM   499  C  C   B ARG A 1 61  ? -11.018 -9.842  -0.596  0.500 17.400 ? 61  ARG AAA C   1 ? 
ATOM   500  O  O   A ARG A 1 61  ? -11.467 -11.032 0.082   0.500 15.850 ? 61  ARG AAA O   1 ? 
ATOM   501  O  O   B ARG A 1 61  ? -11.588 -10.940 -0.532  0.500 16.553 ? 61  ARG AAA O   1 ? 
ATOM   502  C  CB  A ARG A 1 61  ? -12.031 -8.784  -2.331  0.500 18.212 ? 61  ARG AAA CB  1 ? 
ATOM   503  C  CB  B ARG A 1 61  ? -11.826 -8.603  -2.583  0.500 19.973 ? 61  ARG AAA CB  1 ? 
ATOM   504  C  CG  A ARG A 1 61  ? -12.729 -10.028 -2.864  0.500 22.484 ? 61  ARG AAA CG  1 ? 
ATOM   505  C  CG  B ARG A 1 61  ? -12.200 -9.905  -3.287  0.500 24.082 ? 61  ARG AAA CG  1 ? 
ATOM   506  C  CD  A ARG A 1 61  ? -13.485 -9.795  -4.149  0.500 24.021 ? 61  ARG AAA CD  1 ? 
ATOM   507  C  CD  B ARG A 1 61  ? -12.470 -9.754  -4.767  0.500 25.318 ? 61  ARG AAA CD  1 ? 
ATOM   508  N  NE  A ARG A 1 61  ? -14.551 -8.821  -4.022  0.500 27.476 ? 61  ARG AAA NE  1 ? 
ATOM   509  N  NE  B ARG A 1 61  ? -13.541 -10.686 -5.113  0.500 29.160 ? 61  ARG AAA NE  1 ? 
ATOM   510  C  CZ  A ARG A 1 61  ? -15.715 -9.020  -3.412  0.500 27.826 ? 61  ARG AAA CZ  1 ? 
ATOM   511  C  CZ  B ARG A 1 61  ? -13.840 -11.111 -6.333  0.500 31.202 ? 61  ARG AAA CZ  1 ? 
ATOM   512  N  NH1 A ARG A 1 61  ? -16.006 -10.183 -2.838  0.500 27.960 ? 61  ARG AAA NH1 1 ? 
ATOM   513  N  NH1 B ARG A 1 61  ? -13.125 -10.711 -7.377  0.500 34.287 ? 61  ARG AAA NH1 1 ? 
ATOM   514  N  NH2 A ARG A 1 61  ? -16.592 -8.040  -3.377  0.500 26.579 ? 61  ARG AAA NH2 1 ? 
ATOM   515  N  NH2 B ARG A 1 61  ? -14.857 -11.941 -6.495  0.500 32.245 ? 61  ARG AAA NH2 1 ? 
ATOM   516  N  N   . TRP A 1 62  ? -9.721  -9.627  -0.294  1.000 17.178 ? 62  TRP AAA N   1 ? 
ATOM   517  C  CA  . TRP A 1 62  ? -8.796  -10.689 0.109   1.000 17.876 ? 62  TRP AAA CA  1 ? 
ATOM   518  C  C   . TRP A 1 62  ? -8.092  -10.410 1.407   1.000 16.021 ? 62  TRP AAA C   1 ? 
ATOM   519  O  O   . TRP A 1 62  ? -7.740  -11.350 2.145   1.000 17.201 ? 62  TRP AAA O   1 ? 
ATOM   520  C  CB  . TRP A 1 62  ? -7.735  -10.966 -0.977  1.000 20.658 ? 62  TRP AAA CB  1 ? 
ATOM   521  C  CG  . TRP A 1 62  ? -8.304  -11.836 -2.048  1.000 27.915 ? 62  TRP AAA CG  1 ? 
ATOM   522  C  CD1 . TRP A 1 62  ? -8.798  -11.417 -3.246  1.000 29.868 ? 62  TRP AAA CD1 1 ? 
ATOM   523  C  CD2 . TRP A 1 62  ? -8.563  -13.249 -1.964  1.000 31.992 ? 62  TRP AAA CD2 1 ? 
ATOM   524  N  NE1 . TRP A 1 62  ? -9.282  -12.489 -3.951  1.000 36.254 ? 62  TRP AAA NE1 1 ? 
ATOM   525  C  CE2 . TRP A 1 62  ? -9.165  -13.618 -3.186  1.000 34.513 ? 62  TRP AAA CE2 1 ? 
ATOM   526  C  CE3 . TRP A 1 62  ? -8.305  -14.240 -1.007  1.000 33.925 ? 62  TRP AAA CE3 1 ? 
ATOM   527  C  CZ2 . TRP A 1 62  ? -9.515  -14.940 -3.470  1.000 36.177 ? 62  TRP AAA CZ2 1 ? 
ATOM   528  C  CZ3 . TRP A 1 62  ? -8.653  -15.547 -1.287  1.000 40.075 ? 62  TRP AAA CZ3 1 ? 
ATOM   529  C  CH2 . TRP A 1 62  ? -9.250  -15.884 -2.506  1.000 36.975 ? 62  TRP AAA CH2 1 ? 
ATOM   530  N  N   . TRP A 1 63  ? -7.806  -9.140  1.778   1.000 15.280 ? 63  TRP AAA N   1 ? 
ATOM   531  C  CA  . TRP A 1 63  ? -6.654  -8.880  2.660   1.000 15.164 ? 63  TRP AAA CA  1 ? 
ATOM   532  C  C   . TRP A 1 63  ? -7.025  -8.444  4.073   1.000 14.894 ? 63  TRP AAA C   1 ? 
ATOM   533  O  O   . TRP A 1 63  ? -6.213  -8.633  4.954   1.000 16.751 ? 63  TRP AAA O   1 ? 
ATOM   534  C  CB  . TRP A 1 63  ? -5.657  -7.913  2.005   1.000 16.777 ? 63  TRP AAA CB  1 ? 
ATOM   535  C  CG  . TRP A 1 63  ? -5.159  -8.409  0.685   1.000 16.494 ? 63  TRP AAA CG  1 ? 
ATOM   536  C  CD1 . TRP A 1 63  ? -5.551  -7.982  -0.535  1.000 17.836 ? 63  TRP AAA CD1 1 ? 
ATOM   537  C  CD2 . TRP A 1 63  ? -4.290  -9.545  0.482   1.000 16.574 ? 63  TRP AAA CD2 1 ? 
ATOM   538  N  NE1 . TRP A 1 63  ? -4.940  -8.743  -1.508  1.000 18.487 ? 63  TRP AAA NE1 1 ? 
ATOM   539  C  CE2 . TRP A 1 63  ? -4.179  -9.693  -0.917  1.000 18.909 ? 63  TRP AAA CE2 1 ? 
ATOM   540  C  CE3 . TRP A 1 63  ? -3.618  -10.424 1.326   1.000 18.511 ? 63  TRP AAA CE3 1 ? 
ATOM   541  C  CZ2 . TRP A 1 63  ? -3.375  -10.673 -1.480  1.000 18.134 ? 63  TRP AAA CZ2 1 ? 
ATOM   542  C  CZ3 . TRP A 1 63  ? -2.826  -11.393 0.743   1.000 19.354 ? 63  TRP AAA CZ3 1 ? 
ATOM   543  C  CH2 . TRP A 1 63  ? -2.738  -11.519 -0.629  1.000 21.834 ? 63  TRP AAA CH2 1 ? 
ATOM   544  N  N   . CYS A 1 64  ? -8.199  -7.836  4.247   1.000 14.805 ? 64  CYS AAA N   1 ? 
ATOM   545  C  CA  . CYS A 1 64  ? -8.609  -7.289  5.544   1.000 16.148 ? 64  CYS AAA CA  1 ? 
ATOM   546  C  C   . CYS A 1 64  ? -10.107 -7.464  5.719   1.000 13.841 ? 64  CYS AAA C   1 ? 
ATOM   547  O  O   . CYS A 1 64  ? -10.795 -7.678  4.751   1.000 14.851 ? 64  CYS AAA O   1 ? 
ATOM   548  C  CB  . CYS A 1 64  ? -8.187  -5.846  5.755   1.000 15.479 ? 64  CYS AAA CB  1 ? 
ATOM   549  S  SG  . CYS A 1 64  ? -8.887  -4.674  4.580   1.000 15.363 ? 64  CYS AAA SG  1 ? 
ATOM   550  N  N   . ASN A 1 65  ? -10.524 -7.409  6.984   1.000 15.221 ? 65  ASN AAA N   1 ? 
ATOM   551  C  CA  . ASN A 1 65  ? -11.968 -7.490  7.296   1.000 15.471 ? 65  ASN AAA CA  1 ? 
ATOM   552  C  C   . ASN A 1 65  ? -12.585 -6.113  7.544   1.000 13.470 ? 65  ASN AAA C   1 ? 
ATOM   553  O  O   . ASN A 1 65  ? -12.171 -5.424  8.446   1.000 14.774 ? 65  ASN AAA O   1 ? 
ATOM   554  C  CB  . ASN A 1 65  ? -12.261 -8.387  8.505   1.000 17.087 ? 65  ASN AAA CB  1 ? 
ATOM   555  C  CG  . ASN A 1 65  ? -13.757 -8.411  8.769   1.000 17.597 ? 65  ASN AAA CG  1 ? 
ATOM   556  O  OD1 . ASN A 1 65  ? -14.526 -8.758  7.899   1.000 20.194 ? 65  ASN AAA OD1 1 ? 
ATOM   557  N  ND2 . ASN A 1 65  ? -14.126 -7.843  9.902   1.000 19.222 ? 65  ASN AAA ND2 1 ? 
ATOM   558  N  N   . ASP A 1 66  ? -13.622 -5.817  6.760   1.000 13.855 ? 66  ASP AAA N   1 ? 
ATOM   559  C  CA  . ASP A 1 66  ? -14.429 -4.591  6.999   1.000 13.316 ? 66  ASP AAA CA  1 ? 
ATOM   560  C  C   . ASP A 1 66  ? -15.898 -4.918  7.308   1.000 14.622 ? 66  ASP AAA C   1 ? 
ATOM   561  O  O   . ASP A 1 66  ? -16.667 -3.950  7.506   1.000 16.025 ? 66  ASP AAA O   1 ? 
ATOM   562  C  CB  . ASP A 1 66  ? -14.332 -3.581  5.874   1.000 13.058 ? 66  ASP AAA CB  1 ? 
ATOM   563  C  CG  . ASP A 1 66  ? -14.884 -3.982  4.559   1.000 13.757 ? 66  ASP AAA CG  1 ? 
ATOM   564  O  OD1 . ASP A 1 66  ? -15.562 -5.052  4.418   1.000 15.227 ? 66  ASP AAA OD1 1 ? 
ATOM   565  O  OD2 . ASP A 1 66  ? -14.729 -3.198  3.573   1.000 13.271 ? 66  ASP AAA OD2 1 ? 
ATOM   566  N  N   . GLY A 1 67  ? -16.287 -6.192  7.360   1.000 16.516 ? 67  GLY AAA N   1 ? 
ATOM   567  C  CA  . GLY A 1 67  ? -17.657 -6.592  7.769   1.000 18.155 ? 67  GLY AAA CA  1 ? 
ATOM   568  C  C   . GLY A 1 67  ? -18.660 -6.327  6.696   1.000 17.733 ? 67  GLY AAA C   1 ? 
ATOM   569  O  O   . GLY A 1 67  ? -19.873 -6.591  6.929   1.000 20.695 ? 67  GLY AAA O   1 ? 
ATOM   570  N  N   . ARG A 1 68  ? -18.302 -5.801  5.543   1.000 16.185 ? 68  ARG AAA N   1 ? 
ATOM   571  C  CA  . ARG A 1 68  ? -19.286 -5.422  4.518   1.000 16.727 ? 68  ARG AAA CA  1 ? 
ATOM   572  C  C   . ARG A 1 68  ? -18.855 -5.860  3.111   1.000 16.553 ? 68  ARG AAA C   1 ? 
ATOM   573  O  O   . ARG A 1 68  ? -19.348 -5.265  2.117   1.000 20.986 ? 68  ARG AAA O   1 ? 
ATOM   574  C  CB  . ARG A 1 68  ? -19.647 -3.937  4.586   1.000 17.191 ? 68  ARG AAA CB  1 ? 
ATOM   575  C  CG  . ARG A 1 68  ? -18.459 -3.067  4.272   1.000 16.474 ? 68  ARG AAA CG  1 ? 
ATOM   576  C  CD  . ARG A 1 68  ? -18.989 -1.704  4.041   1.000 18.897 ? 68  ARG AAA CD  1 ? 
ATOM   577  N  NE  . ARG A 1 68  ? -18.162 -0.988  3.138   1.000 20.177 ? 68  ARG AAA NE  1 ? 
ATOM   578  C  CZ  . ARG A 1 68  ? -18.208 0.352   2.988   1.000 19.836 ? 68  ARG AAA CZ  1 ? 
ATOM   579  N  NH1 . ARG A 1 68  ? -19.072 1.049   3.685   1.000 21.421 ? 68  ARG AAA NH1 1 ? 
ATOM   580  N  NH2 . ARG A 1 68  ? -17.387 0.989   2.135   1.000 19.370 ? 68  ARG AAA NH2 1 ? 
ATOM   581  N  N   . THR A 1 69  ? -18.009 -6.870  3.015   1.000 16.197 ? 69  THR AAA N   1 ? 
ATOM   582  C  CA  . THR A 1 69  ? -17.563 -7.376  1.697   1.000 16.747 ? 69  THR AAA CA  1 ? 
ATOM   583  C  C   . THR A 1 69  ? -17.900 -8.877  1.647   1.000 16.578 ? 69  THR AAA C   1 ? 
ATOM   584  O  O   . THR A 1 69  ? -17.115 -9.714  2.046   1.000 17.342 ? 69  THR AAA O   1 ? 
ATOM   585  C  CB  . THR A 1 69  ? -16.075 -7.116  1.465   1.000 16.628 ? 69  THR AAA CB  1 ? 
ATOM   586  O  OG1 . THR A 1 69  ? -15.731 -5.738  1.766   1.000 15.279 ? 69  THR AAA OG1 1 ? 
ATOM   587  C  CG2 . THR A 1 69  ? -15.661 -7.414  0.051   1.000 17.091 ? 69  THR AAA CG2 1 ? 
ATOM   588  N  N   . PRO A 1 70  ? -19.099 -9.222  1.183   1.000 16.612 ? 70  PRO AAA N   1 ? 
ATOM   589  C  CA  . PRO A 1 70  ? -19.542 -10.626 1.230   1.000 17.676 ? 70  PRO AAA CA  1 ? 
ATOM   590  C  C   . PRO A 1 70  ? -18.683 -11.598 0.459   1.000 20.851 ? 70  PRO AAA C   1 ? 
ATOM   591  O  O   . PRO A 1 70  ? -18.270 -11.322 -0.652  1.000 22.461 ? 70  PRO AAA O   1 ? 
ATOM   592  C  CB  . PRO A 1 70  ? -20.933 -10.551 0.572   1.000 21.556 ? 70  PRO AAA CB  1 ? 
ATOM   593  C  CG  . PRO A 1 70  ? -21.450 -9.168  0.894   1.000 20.432 ? 70  PRO AAA CG  1 ? 
ATOM   594  C  CD  . PRO A 1 70  ? -20.176 -8.318  0.744   1.000 18.948 ? 70  PRO AAA CD  1 ? 
ATOM   595  N  N   . GLY A 1 71  ? -18.415 -12.687 1.144   1.000 20.209 ? 71  GLY AAA N   1 ? 
ATOM   596  C  CA  . GLY A 1 71  ? -17.671 -13.807 0.561   1.000 21.728 ? 71  GLY AAA CA  1 ? 
ATOM   597  C  C   . GLY A 1 71  ? -16.184 -13.508 0.580   1.000 22.516 ? 71  GLY AAA C   1 ? 
ATOM   598  O  O   . GLY A 1 71  ? -15.399 -14.265 0.009   1.000 23.181 ? 71  GLY AAA O   1 ? 
ATOM   599  N  N   . SER A 1 72  ? -15.763 -12.398 1.179   1.000 20.526 ? 72  SER AAA N   1 ? 
ATOM   600  C  CA  . SER A 1 72  ? -14.341 -11.997 1.198   1.000 20.194 ? 72  SER AAA CA  1 ? 
ATOM   601  C  C   . SER A 1 72  ? -13.519 -12.830 2.158   1.000 19.832 ? 72  SER AAA C   1 ? 
ATOM   602  O  O   . SER A 1 72  ? -14.064 -13.560 3.016   1.000 20.891 ? 72  SER AAA O   1 ? 
ATOM   603  C  CB  . SER A 1 72  ? -14.223 -10.519 1.491   1.000 19.433 ? 72  SER AAA CB  1 ? 
ATOM   604  O  OG  . SER A 1 72  ? -14.412 -10.217 2.832   1.000 20.216 ? 72  SER AAA OG  1 ? 
ATOM   605  N  N   . ARG A 1 73  ? -12.203 -12.664 2.072   1.000 19.602 ? 73  ARG AAA N   1 ? 
ATOM   606  C  CA  . ARG A 1 73  ? -11.235 -13.182 3.035   1.000 19.991 ? 73  ARG AAA CA  1 ? 
ATOM   607  C  C   . ARG A 1 73  ? -10.555 -12.038 3.783   1.000 19.655 ? 73  ARG AAA C   1 ? 
ATOM   608  O  O   . ARG A 1 73  ? -10.810 -10.864 3.483   1.000 20.202 ? 73  ARG AAA O   1 ? 
ATOM   609  C  CB  . ARG A 1 73  ? -10.210 -14.054 2.308   1.000 21.785 ? 73  ARG AAA CB  1 ? 
ATOM   610  C  CG  . ARG A 1 73  ? -10.836 -15.263 1.635   1.000 24.530 ? 73  ARG AAA CG  1 ? 
ATOM   611  C  CD  . ARG A 1 73  ? -11.428 -16.231 2.647   1.000 26.465 ? 73  ARG AAA CD  1 ? 
ATOM   612  N  NE  . ARG A 1 73  ? -10.393 -16.911 3.391   1.000 30.976 ? 73  ARG AAA NE  1 ? 
ATOM   613  C  CZ  . ARG A 1 73  ? -9.639  -17.893 2.892   1.000 32.695 ? 73  ARG AAA CZ  1 ? 
ATOM   614  N  NH1 . ARG A 1 73  ? -9.847  -18.325 1.665   1.000 31.914 ? 73  ARG AAA NH1 1 ? 
ATOM   615  N  NH2 . ARG A 1 73  ? -8.672  -18.408 3.627   1.000 38.126 ? 73  ARG AAA NH2 1 ? 
ATOM   616  N  N   . ASN A 1 74  ? -9.718  -12.370 4.726   1.000 18.618 ? 74  ASN AAA N   1 ? 
ATOM   617  C  CA  . ASN A 1 74  ? -8.933  -11.511 5.618   1.000 18.710 ? 74  ASN AAA CA  1 ? 
ATOM   618  C  C   . ASN A 1 74  ? -7.554  -12.169 5.791   1.000 18.490 ? 74  ASN AAA C   1 ? 
ATOM   619  O  O   . ASN A 1 74  ? -7.162  -12.541 6.900   1.000 19.042 ? 74  ASN AAA O   1 ? 
ATOM   620  C  CB  . ASN A 1 74  ? -9.636  -11.383 6.958   1.000 18.581 ? 74  ASN AAA CB  1 ? 
ATOM   621  C  CG  . ASN A 1 74  ? -8.970  -10.428 7.903   1.000 18.842 ? 74  ASN AAA CG  1 ? 
ATOM   622  O  OD1 . ASN A 1 74  ? -7.989  -9.750  7.551   1.000 18.407 ? 74  ASN AAA OD1 1 ? 
ATOM   623  N  ND2 . ASN A 1 74  ? -9.407  -10.424 9.160   1.000 20.443 ? 74  ASN AAA ND2 1 ? 
ATOM   624  N  N   . LEU A 1 75  ? -6.807  -12.193 4.697   1.000 20.851 ? 75  LEU AAA N   1 ? 
ATOM   625  C  CA  . LEU A 1 75  ? -5.526  -12.952 4.723   1.000 20.152 ? 75  LEU AAA CA  1 ? 
ATOM   626  C  C   . LEU A 1 75  ? -4.475  -12.210 5.546   1.000 22.390 ? 75  LEU AAA C   1 ? 
ATOM   627  O  O   . LEU A 1 75  ? -3.566  -12.887 6.047   1.000 22.505 ? 75  LEU AAA O   1 ? 
ATOM   628  C  CB  . LEU A 1 75  ? -5.082  -13.228 3.291   1.000 21.496 ? 75  LEU AAA CB  1 ? 
ATOM   629  C  CG  . LEU A 1 75  ? -5.956  -14.146 2.467   1.000 22.760 ? 75  LEU AAA CG  1 ? 
ATOM   630  C  CD1 . LEU A 1 75  ? -5.365  -14.219 1.065   1.000 28.086 ? 75  LEU AAA CD1 1 ? 
ATOM   631  C  CD2 . LEU A 1 75  ? -6.034  -15.550 3.086   1.000 25.009 ? 75  LEU AAA CD2 1 ? 
ATOM   632  N  N   . CYS A 1 76  ? -4.584  -10.909 5.822   1.000 18.236 ? 76  CYS AAA N   1 ? 
ATOM   633  C  CA  . CYS A 1 76  ? -3.646  -10.202 6.700   1.000 18.392 ? 76  CYS AAA CA  1 ? 
ATOM   634  C  C   . CYS A 1 76  ? -4.048  -10.258 8.176   1.000 17.302 ? 76  CYS AAA C   1 ? 
ATOM   635  O  O   . CYS A 1 76  ? -3.310  -9.790  9.047   1.000 18.892 ? 76  CYS AAA O   1 ? 
ATOM   636  C  CB  . CYS A 1 76  ? -3.496  -8.771  6.193   1.000 17.491 ? 76  CYS AAA CB  1 ? 
ATOM   637  S  SG  . CYS A 1 76  ? -2.549  -8.731  4.638   1.000 19.276 ? 76  CYS AAA SG  1 ? 
ATOM   638  N  N   . ASN A 1 77  ? -5.237  -10.802 8.426   1.000 18.968 ? 77  ASN AAA N   1 ? 
ATOM   639  C  CA  . ASN A 1 77  ? -5.782  -11.025 9.789   1.000 20.864 ? 77  ASN AAA CA  1 ? 
ATOM   640  C  C   . ASN A 1 77  ? -5.851  -9.738  10.563  1.000 20.723 ? 77  ASN AAA C   1 ? 
ATOM   641  O  O   . ASN A 1 77  ? -5.378  -9.682  11.694  1.000 22.060 ? 77  ASN AAA O   1 ? 
ATOM   642  C  CB  . ASN A 1 77  ? -5.002  -12.100 10.555  1.000 24.111 ? 77  ASN AAA CB  1 ? 
ATOM   643  C  CG  . ASN A 1 77  ? -5.916  -13.284 10.680  1.000 36.345 ? 77  ASN AAA CG  1 ? 
ATOM   644  O  OD1 . ASN A 1 77  ? -6.752  -13.298 11.588  1.000 43.854 ? 77  ASN AAA OD1 1 ? 
ATOM   645  N  ND2 . ASN A 1 77  ? -5.899  -14.131 9.656   1.000 39.603 ? 77  ASN AAA ND2 1 ? 
ATOM   646  N  N   . ILE A 1 78  ? -6.527  -8.746  9.954   1.000 18.541 ? 78  ILE AAA N   1 ? 
ATOM   647  C  CA  . ILE A 1 78  ? -6.623  -7.380  10.520  1.000 18.923 ? 78  ILE AAA CA  1 ? 
ATOM   648  C  C   . ILE A 1 78  ? -7.967  -6.793  10.135  1.000 17.267 ? 78  ILE AAA C   1 ? 
ATOM   649  O  O   . ILE A 1 78  ? -8.506  -7.060  9.083   1.000 16.625 ? 78  ILE AAA O   1 ? 
ATOM   650  C  CB  . ILE A 1 78  ? -5.524  -6.424  10.007  1.000 21.195 ? 78  ILE AAA CB  1 ? 
ATOM   651  C  CG1 . ILE A 1 78  ? -5.375  -6.536  8.497   1.000 21.782 ? 78  ILE AAA CG1 1 ? 
ATOM   652  C  CG2 . ILE A 1 78  ? -4.189  -6.554  10.738  1.000 25.287 ? 78  ILE AAA CG2 1 ? 
ATOM   653  C  CD1 . ILE A 1 78  ? -4.638  -5.405  7.837   1.000 23.197 ? 78  ILE AAA CD1 1 ? 
ATOM   654  N  N   . PRO A 1 79  ? -8.503  -5.924  10.985  1.000 17.620 ? 79  PRO AAA N   1 ? 
ATOM   655  C  CA  . PRO A 1 79  ? -9.615  -5.084  10.576  1.000 16.845 ? 79  PRO AAA CA  1 ? 
ATOM   656  C  C   . PRO A 1 79  ? -9.042  -4.092  9.553   1.000 15.166 ? 79  PRO AAA C   1 ? 
ATOM   657  O  O   . PRO A 1 79  ? -7.932  -3.527  9.736   1.000 15.091 ? 79  PRO AAA O   1 ? 
ATOM   658  C  CB  . PRO A 1 79  ? -10.054 -4.363  11.855  1.000 17.391 ? 79  PRO AAA CB  1 ? 
ATOM   659  C  CG  . PRO A 1 79  ? -8.867  -4.467  12.779  1.000 21.235 ? 79  PRO AAA CG  1 ? 
ATOM   660  C  CD  . PRO A 1 79  ? -8.029  -5.665  12.351  1.000 19.354 ? 79  PRO AAA CD  1 ? 
ATOM   661  N  N   . CYS A 1 80  ? -9.815  -3.771  8.535   1.000 14.327 ? 80  CYS AAA N   1 ? 
ATOM   662  C  CA  . CYS A 1 80  ? -9.379  -2.801  7.519   1.000 14.149 ? 80  CYS AAA CA  1 ? 
ATOM   663  C  C   . CYS A 1 80  ? -9.106  -1.463  8.179   1.000 15.182 ? 80  CYS AAA C   1 ? 
ATOM   664  O  O   . CYS A 1 80  ? -8.193  -0.755  7.684   1.000 15.068 ? 80  CYS AAA O   1 ? 
ATOM   665  C  CB  . CYS A 1 80  ? -10.386 -2.697  6.406   1.000 15.062 ? 80  CYS AAA CB  1 ? 
ATOM   666  S  SG  . CYS A 1 80  ? -10.718 -4.196  5.474   1.000 14.949 ? 80  CYS AAA SG  1 ? 
ATOM   667  N  N   . SER A 1 81  ? -9.785  -1.084  9.248   1.000 15.153 ? 81  SER AAA N   1 ? 
ATOM   668  C  CA  . SER A 1 81  ? -9.496  0.187   9.948   1.000 16.344 ? 81  SER AAA CA  1 ? 
ATOM   669  C  C   . SER A 1 81  ? -8.032  0.289   10.399  1.000 17.028 ? 81  SER AAA C   1 ? 
ATOM   670  O  O   . SER A 1 81  ? -7.507  1.409   10.520  1.000 18.311 ? 81  SER AAA O   1 ? 
ATOM   671  C  CB  . SER A 1 81  ? -10.414 0.366   11.134  1.000 17.640 ? 81  SER AAA CB  1 ? 
ATOM   672  O  OG  . SER A 1 81  ? -10.192 -0.667  12.081  1.000 18.838 ? 81  SER AAA OG  1 ? 
ATOM   673  N  N   . ALA A 1 82  ? -7.371  -0.817  10.696  1.000 16.276 ? 82  ALA AAA N   1 ? 
ATOM   674  C  CA  . ALA A 1 82  ? -5.949  -0.789  11.088  1.000 17.148 ? 82  ALA AAA CA  1 ? 
ATOM   675  C  C   . ALA A 1 82  ? -5.103  -0.189  9.976   1.000 17.530 ? 82  ALA AAA C   1 ? 
ATOM   676  O  O   . ALA A 1 82  ? -3.960  0.295   10.259  1.000 19.279 ? 82  ALA AAA O   1 ? 
ATOM   677  C  CB  . ALA A 1 82  ? -5.436  -2.156  11.414  1.000 20.061 ? 82  ALA AAA CB  1 ? 
ATOM   678  N  N   . LEU A 1 83  ? -5.539  -0.290  8.739   1.000 16.302 ? 83  LEU AAA N   1 ? 
ATOM   679  C  CA  . LEU A 1 83  ? -4.741  0.217   7.612   1.000 16.080 ? 83  LEU AAA CA  1 ? 
ATOM   680  C  C   . LEU A 1 83  ? -4.872  1.727   7.507   1.000 16.810 ? 83  LEU AAA C   1 ? 
ATOM   681  O  O   . LEU A 1 83  ? -4.251  2.297   6.592   1.000 18.866 ? 83  LEU AAA O   1 ? 
ATOM   682  C  CB  . LEU A 1 83  ? -5.258  -0.418  6.338   1.000 16.803 ? 83  LEU AAA CB  1 ? 
ATOM   683  C  CG  . LEU A 1 83  ? -5.097  -1.926  6.261   1.000 17.242 ? 83  LEU AAA CG  1 ? 
ATOM   684  C  CD1 . LEU A 1 83  ? -5.906  -2.543  5.130   1.000 16.840 ? 83  LEU AAA CD1 1 ? 
ATOM   685  C  CD2 . LEU A 1 83  ? -3.626  -2.312  6.127   1.000 19.470 ? 83  LEU AAA CD2 1 ? 
ATOM   686  N  N   . LEU A 1 84  ? -5.677  2.392   8.340   1.000 15.652 ? 84  LEU AAA N   1 ? 
ATOM   687  C  CA  . LEU A 1 84  ? -5.863  3.862   8.221   1.000 16.857 ? 84  LEU AAA CA  1 ? 
ATOM   688  C  C   . LEU A 1 84  ? -5.036  4.598   9.294   1.000 17.862 ? 84  LEU AAA C   1 ? 
ATOM   689  O  O   . LEU A 1 84  ? -5.104  5.863   9.348   1.000 18.125 ? 84  LEU AAA O   1 ? 
ATOM   690  C  CB  . LEU A 1 84  ? -7.348  4.204   8.378   1.000 16.997 ? 84  LEU AAA CB  1 ? 
ATOM   691  C  CG  . LEU A 1 84  ? -8.264  3.462   7.417   1.000 17.690 ? 84  LEU AAA CG  1 ? 
ATOM   692  C  CD1 . LEU A 1 84  ? -9.678  3.927   7.674   1.000 20.817 ? 84  LEU AAA CD1 1 ? 
ATOM   693  C  CD2 . LEU A 1 84  ? -7.897  3.768   5.992   1.000 17.337 ? 84  LEU AAA CD2 1 ? 
ATOM   694  N  N   . SER A 1 85  ? -4.417  3.854   10.184  1.000 18.055 ? 85  SER AAA N   1 ? 
ATOM   695  C  CA  . SER A 1 85  ? -3.591  4.417   11.279  1.000 17.867 ? 85  SER AAA CA  1 ? 
ATOM   696  C  C   . SER A 1 85  ? -2.498  5.364   10.784  1.000 18.727 ? 85  SER AAA C   1 ? 
ATOM   697  O  O   . SER A 1 85  ? -1.944  5.202   9.708   1.000 18.146 ? 85  SER AAA O   1 ? 
ATOM   698  C  CB  . SER A 1 85  ? -3.033  3.258   12.045  1.000 17.581 ? 85  SER AAA CB  1 ? 
ATOM   699  O  OG  . SER A 1 85  ? -2.233  3.775   13.099  1.000 21.801 ? 85  SER AAA OG  1 ? 
ATOM   700  N  N   . SER A 1 86  ? -2.146  6.358   11.597  1.000 19.896 ? 86  SER AAA N   1 ? 
ATOM   701  C  CA  . SER A 1 86  ? -0.923  7.162   11.404  1.000 19.178 ? 86  SER AAA CA  1 ? 
ATOM   702  C  C   . SER A 1 86  ? 0.333   6.277   11.450  1.000 20.802 ? 86  SER AAA C   1 ? 
ATOM   703  O  O   . SER A 1 86  ? 1.355   6.679   10.908  1.000 23.281 ? 86  SER AAA O   1 ? 
ATOM   704  C  CB  A SER A 1 86  ? -0.912  8.291   12.406  0.500 19.020 ? 86  SER AAA CB  1 ? 
ATOM   705  C  CB  B SER A 1 86  ? -0.867  8.213   12.495  0.500 21.580 ? 86  SER AAA CB  1 ? 
ATOM   706  O  OG  A SER A 1 86  ? -0.817  7.804   13.715  0.500 18.409 ? 86  SER AAA OG  1 ? 
ATOM   707  O  OG  B SER A 1 86  ? -1.756  9.270   12.198  0.500 26.718 ? 86  SER AAA OG  1 ? 
ATOM   708  N  N   . ASP A 1 87  ? 0.260   5.127   12.109  1.000 19.134 ? 87  ASP AAA N   1 ? 
ATOM   709  C  CA  . ASP A 1 87  ? 1.328   4.131   12.218  1.000 20.350 ? 87  ASP AAA CA  1 ? 
ATOM   710  C  C   . ASP A 1 87  ? 1.175   3.175   11.031  1.000 20.435 ? 87  ASP AAA C   1 ? 
ATOM   711  O  O   . ASP A 1 87  ? 0.171   2.424   11.028  1.000 19.952 ? 87  ASP AAA O   1 ? 
ATOM   712  C  CB  . ASP A 1 87  ? 1.231   3.463   13.592  1.000 23.277 ? 87  ASP AAA CB  1 ? 
ATOM   713  C  CG  . ASP A 1 87  ? 2.153   2.263   13.789  1.000 27.379 ? 87  ASP AAA CG  1 ? 
ATOM   714  O  OD1 . ASP A 1 87  ? 2.835   1.877   12.847  1.000 25.026 ? 87  ASP AAA OD1 1 ? 
ATOM   715  O  OD2 . ASP A 1 87  ? 2.144   1.681   14.914  1.000 32.812 ? 87  ASP AAA OD2 1 ? 
ATOM   716  N  N   . ILE A 1 88  ? 2.141   3.153   10.121  1.000 18.458 ? 88  ILE AAA N   1 ? 
ATOM   717  C  CA  . ILE A 1 88  ? 1.980   2.369   8.857   1.000 17.205 ? 88  ILE AAA CA  1 ? 
ATOM   718  C  C   . ILE A 1 88  ? 2.333   0.921   9.060   1.000 17.867 ? 88  ILE AAA C   1 ? 
ATOM   719  O  O   . ILE A 1 88  ? 2.301   0.126   8.060   1.000 15.806 ? 88  ILE AAA O   1 ? 
ATOM   720  C  CB  . ILE A 1 88  ? 2.773   2.963   7.692   1.000 17.183 ? 88  ILE AAA CB  1 ? 
ATOM   721  C  CG1 . ILE A 1 88  ? 4.294   2.827   7.889   1.000 18.954 ? 88  ILE AAA CG1 1 ? 
ATOM   722  C  CG2 . ILE A 1 88  ? 2.308   4.373   7.410   1.000 19.057 ? 88  ILE AAA CG2 1 ? 
ATOM   723  C  CD1 . ILE A 1 88  ? 5.068   3.180   6.664   1.000 20.491 ? 88  ILE AAA CD1 1 ? 
ATOM   724  N  N   . THR A 1 89  ? 2.607   0.471   10.276  1.000 18.086 ? 89  THR AAA N   1 ? 
ATOM   725  C  CA  . THR A 1 89  ? 3.073   -0.904  10.510  1.000 18.649 ? 89  THR AAA CA  1 ? 
ATOM   726  C  C   . THR A 1 89  ? 2.110   -1.912  9.847   1.000 17.586 ? 89  THR AAA C   1 ? 
ATOM   727  O  O   . THR A 1 89  ? 2.549   -2.869  9.164   1.000 17.029 ? 89  THR AAA O   1 ? 
ATOM   728  C  CB  . THR A 1 89  ? 3.191   -1.261  11.994  1.000 22.071 ? 89  THR AAA CB  1 ? 
ATOM   729  O  OG1 . THR A 1 89  ? 4.161   -0.373  12.517  1.000 24.399 ? 89  THR AAA OG1 1 ? 
ATOM   730  C  CG2 . THR A 1 89  ? 3.635   -2.686  12.220  1.000 23.927 ? 89  THR AAA CG2 1 ? 
ATOM   731  N  N   . ALA A 1 90  ? 0.814   -1.843  10.153  1.000 17.835 ? 90  ALA AAA N   1 ? 
ATOM   732  C  CA  . ALA A 1 90  ? -0.124  -2.836  9.607   1.000 17.447 ? 90  ALA AAA CA  1 ? 
ATOM   733  C  C   . ALA A 1 90  ? -0.134  -2.803  8.073   1.000 16.336 ? 90  ALA AAA C   1 ? 
ATOM   734  O  O   . ALA A 1 90  ? -0.197  -3.885  7.417   1.000 16.716 ? 90  ALA AAA O   1 ? 
ATOM   735  C  CB  . ALA A 1 90  ? -1.525  -2.649  10.161  1.000 19.020 ? 90  ALA AAA CB  1 ? 
ATOM   736  N  N   . SER A 1 91  ? -0.167  -1.642  7.494   1.000 15.027 ? 91  SER AAA N   1 ? 
ATOM   737  C  CA  . SER A 1 91  ? -0.135  -1.501  6.024   1.000 14.543 ? 91  SER AAA CA  1 ? 
ATOM   738  C  C   . SER A 1 91  ? 1.112   -2.174  5.464   1.000 15.406 ? 91  SER AAA C   1 ? 
ATOM   739  O  O   . SER A 1 91  ? 1.050   -2.863  4.431   1.000 14.968 ? 91  SER AAA O   1 ? 
ATOM   740  C  CB  . SER A 1 91  ? -0.256  -0.128  5.538   1.000 14.724 ? 91  SER AAA CB  1 ? 
ATOM   741  O  OG  . SER A 1 91  ? -1.595  0.340   5.658   1.000 16.057 ? 91  SER AAA OG  1 ? 
ATOM   742  N  N   . VAL A 1 92  ? 2.263   -1.932  6.080   1.000 15.815 ? 92  VAL AAA N   1 ? 
ATOM   743  C  CA  . VAL A 1 92  ? 3.525   -2.533  5.577   1.000 16.087 ? 92  VAL AAA CA  1 ? 
ATOM   744  C  C   . VAL A 1 92  ? 3.489   -4.045  5.706   1.000 16.098 ? 92  VAL AAA C   1 ? 
ATOM   745  O  O   . VAL A 1 92  ? 3.864   -4.739  4.744   1.000 16.579 ? 92  VAL AAA O   1 ? 
ATOM   746  C  CB  . VAL A 1 92  ? 4.766   -1.965  6.283   1.000 17.064 ? 92  VAL AAA CB  1 ? 
ATOM   747  C  CG1 . VAL A 1 92  ? 6.004   -2.755  5.854   1.000 19.298 ? 92  VAL AAA CG1 1 ? 
ATOM   748  C  CG2 . VAL A 1 92  ? 4.899   -0.492  6.023   1.000 17.910 ? 92  VAL AAA CG2 1 ? 
ATOM   749  N  N   . ASN A 1 93  ? 3.069   -4.592  6.847   1.000 17.880 ? 93  ASN AAA N   1 ? 
ATOM   750  C  CA  . ASN A 1 93  ? 3.058   -6.058  7.030   1.000 18.139 ? 93  ASN AAA CA  1 ? 
ATOM   751  C  C   . ASN A 1 93  ? 2.138   -6.701  6.016   1.000 16.247 ? 93  ASN AAA C   1 ? 
ATOM   752  O  O   . ASN A 1 93  ? 2.474   -7.731  5.473   1.000 17.460 ? 93  ASN AAA O   1 ? 
ATOM   753  C  CB  . ASN A 1 93  ? 2.575   -6.490  8.427   1.000 22.058 ? 93  ASN AAA CB  1 ? 
ATOM   754  C  CG  . ASN A 1 93  ? 3.587   -6.160  9.512   1.000 29.133 ? 93  ASN AAA CG  1 ? 
ATOM   755  O  OD1 . ASN A 1 93  ? 4.776   -6.153  9.235   1.000 32.013 ? 93  ASN AAA OD1 1 ? 
ATOM   756  N  ND2 . ASN A 1 93  ? 3.119   -5.863  10.719  1.000 30.169 ? 93  ASN AAA ND2 1 ? 
ATOM   757  N  N   . CYS A 1 94  ? 1.015   -6.064  5.744   1.000 16.383 ? 94  CYS AAA N   1 ? 
ATOM   758  C  CA  . CYS A 1 94  ? 0.062   -6.623  4.784   1.000 16.787 ? 94  CYS AAA CA  1 ? 
ATOM   759  C  C   . CYS A 1 94  ? 0.631   -6.506  3.373   1.000 15.315 ? 94  CYS AAA C   1 ? 
ATOM   760  O  O   . CYS A 1 94  ? 0.522   -7.479  2.567   1.000 16.203 ? 94  CYS AAA O   1 ? 
ATOM   761  C  CB  . CYS A 1 94  ? -1.274  -5.917  4.960   1.000 17.181 ? 94  CYS AAA CB  1 ? 
ATOM   762  S  SG  . CYS A 1 94  ? -2.608  -6.764  4.081   1.000 18.729 ? 94  CYS AAA SG  1 ? 
ATOM   763  N  N   . ALA A 1 95  ? 1.227   -5.365  3.040   1.000 14.384 ? 95  ALA AAA N   1 ? 
ATOM   764  C  CA  . ALA A 1 95  ? 1.838   -5.171  1.724   1.000 15.440 ? 95  ALA AAA CA  1 ? 
ATOM   765  C  C   . ALA A 1 95  ? 2.912   -6.224  1.474   1.000 14.421 ? 95  ALA AAA C   1 ? 
ATOM   766  O  O   . ALA A 1 95  ? 3.021   -6.719  0.326   1.000 14.638 ? 95  ALA AAA O   1 ? 
ATOM   767  C  CB  . ALA A 1 95  ? 2.400   -3.785  1.568   1.000 15.235 ? 95  ALA AAA CB  1 ? 
ATOM   768  N  N   . LYS A 1 96  ? 3.666   -6.637  2.476   1.000 15.064 ? 96  LYS AAA N   1 ? 
ATOM   769  C  CA  . LYS A 1 96  ? 4.682   -7.694  2.273   1.000 15.389 ? 96  LYS AAA CA  1 ? 
ATOM   770  C  C   . LYS A 1 96  ? 4.006   -8.998  1.888   1.000 17.281 ? 96  LYS AAA C   1 ? 
ATOM   771  O  O   . LYS A 1 96  ? 4.549   -9.718  1.046   1.000 17.418 ? 96  LYS AAA O   1 ? 
ATOM   772  C  CB  . LYS A 1 96  ? 5.462   -7.838  3.575   1.000 17.106 ? 96  LYS AAA CB  1 ? 
ATOM   773  C  CG  . LYS A 1 96  ? 6.487   -6.749  3.764   1.000 17.186 ? 96  LYS AAA CG  1 ? 
ATOM   774  C  CD  . LYS A 1 96  ? 7.213   -6.899  5.114   1.000 19.894 ? 96  LYS AAA CD  1 ? 
ATOM   775  C  CE  . LYS A 1 96  ? 8.266   -5.853  5.323   1.000 20.374 ? 96  LYS AAA CE  1 ? 
ATOM   776  N  NZ  . LYS A 1 96  ? 8.833   -5.930  6.684   1.000 25.025 ? 96  LYS AAA NZ  1 ? 
ATOM   777  N  N   A LYS A 1 97  ? 2.854   -9.318  2.472   0.500 15.982 ? 97  LYS AAA N   1 ? 
ATOM   778  N  N   B LYS A 1 97  ? 2.840   -9.336  2.453   0.500 16.301 ? 97  LYS AAA N   1 ? 
ATOM   779  C  CA  A LYS A 1 97  ? 2.144   -10.554 2.099   0.500 16.572 ? 97  LYS AAA CA  1 ? 
ATOM   780  C  CA  B LYS A 1 97  ? 2.098   -10.566 2.074   0.500 17.098 ? 97  LYS AAA CA  1 ? 
ATOM   781  C  C   A LYS A 1 97  ? 1.643   -10.404 0.657   0.500 15.872 ? 97  LYS AAA C   1 ? 
ATOM   782  C  C   B LYS A 1 97  ? 1.585   -10.421 0.637   0.500 16.418 ? 97  LYS AAA C   1 ? 
ATOM   783  O  O   A LYS A 1 97  ? 1.810   -11.343 -0.144  0.500 16.842 ? 97  LYS AAA O   1 ? 
ATOM   784  O  O   B LYS A 1 97  ? 1.592   -11.382 -0.161  0.500 16.795 ? 97  LYS AAA O   1 ? 
ATOM   785  C  CB  A LYS A 1 97  ? 1.064   -10.867 3.128   0.500 17.755 ? 97  LYS AAA CB  1 ? 
ATOM   786  C  CB  B LYS A 1 97  ? 0.955   -10.802 3.058   0.500 19.138 ? 97  LYS AAA CB  1 ? 
ATOM   787  C  CG  A LYS A 1 97  ? 0.363   -12.188 2.864   0.500 19.398 ? 97  LYS AAA CG  1 ? 
ATOM   788  C  CG  B LYS A 1 97  ? 1.396   -11.192 4.456   0.500 20.341 ? 97  LYS AAA CG  1 ? 
ATOM   789  C  CD  A LYS A 1 97  ? -0.711  -12.485 3.859   0.500 22.355 ? 97  LYS AAA CD  1 ? 
ATOM   790  C  CD  B LYS A 1 97  ? 0.276   -11.140 5.456   0.500 24.746 ? 97  LYS AAA CD  1 ? 
ATOM   791  C  CE  A LYS A 1 97  ? -0.204  -12.644 5.258   0.500 23.774 ? 97  LYS AAA CE  1 ? 
ATOM   792  C  CE  B LYS A 1 97  ? 0.630   -11.752 6.797   0.500 26.221 ? 97  LYS AAA CE  1 ? 
ATOM   793  N  NZ  A LYS A 1 97  ? 0.661   -13.837 5.381   0.500 25.199 ? 97  LYS AAA NZ  1 ? 
ATOM   794  N  NZ  B LYS A 1 97  ? -0.241  -12.914 7.114   0.500 29.880 ? 97  LYS AAA NZ  1 ? 
ATOM   795  N  N   . ILE A 1 98  ? 1.052   -9.265  0.311   1.000 15.195 ? 98  ILE AAA N   1 ? 
ATOM   796  C  CA  . ILE A 1 98  ? 0.457   -9.050  -1.030  1.000 15.369 ? 98  ILE AAA CA  1 ? 
ATOM   797  C  C   . ILE A 1 98  ? 1.536   -9.200  -2.098  1.000 16.486 ? 98  ILE AAA C   1 ? 
ATOM   798  O  O   . ILE A 1 98  ? 1.313   -9.895  -3.100  1.000 16.342 ? 98  ILE AAA O   1 ? 
ATOM   799  C  CB  . ILE A 1 98  ? -0.239  -7.687  -1.112  1.000 15.345 ? 98  ILE AAA CB  1 ? 
ATOM   800  C  CG1 . ILE A 1 98  ? -1.448  -7.641  -0.167  1.000 15.252 ? 98  ILE AAA CG1 1 ? 
ATOM   801  C  CG2 . ILE A 1 98  ? -0.665  -7.382  -2.535  1.000 16.204 ? 98  ILE AAA CG2 1 ? 
ATOM   802  C  CD1 . ILE A 1 98  ? -1.928  -6.213  0.074   1.000 15.838 ? 98  ILE AAA CD1 1 ? 
ATOM   803  N  N   . VAL A 1 99  ? 2.652   -8.525  -1.902  1.000 15.713 ? 99  VAL AAA N   1 ? 
ATOM   804  C  CA  . VAL A 1 99  ? 3.707   -8.484  -2.949  1.000 15.076 ? 99  VAL AAA CA  1 ? 
ATOM   805  C  C   . VAL A 1 99  ? 4.376   -9.858  -3.071  1.000 17.878 ? 99  VAL AAA C   1 ? 
ATOM   806  O  O   . VAL A 1 99  ? 5.045   -10.071 -4.089  1.000 17.941 ? 99  VAL AAA O   1 ? 
ATOM   807  C  CB  . VAL A 1 99  ? 4.743   -7.390  -2.691  1.000 14.729 ? 99  VAL AAA CB  1 ? 
ATOM   808  C  CG1 . VAL A 1 99  ? 5.695   -7.784  -1.553  1.000 15.421 ? 99  VAL AAA CG1 1 ? 
ATOM   809  C  CG2 . VAL A 1 99  ? 5.491   -7.000  -3.962  1.000 14.833 ? 99  VAL AAA CG2 1 ? 
ATOM   810  N  N   . SER A 1 100 ? 4.206   -10.753 -2.094  1.000 17.199 ? 100 SER AAA N   1 ? 
ATOM   811  C  CA  . SER A 1 100 ? 4.705   -12.142 -2.140  1.000 19.079 ? 100 SER AAA CA  1 ? 
ATOM   812  C  C   . SER A 1 100 ? 3.687   -13.099 -2.759  1.000 19.934 ? 100 SER AAA C   1 ? 
ATOM   813  O  O   . SER A 1 100 ? 4.064   -14.287 -2.936  1.000 22.660 ? 100 SER AAA O   1 ? 
ATOM   814  C  CB  . SER A 1 100 ? 5.067   -12.546 -0.719  1.000 19.864 ? 100 SER AAA CB  1 ? 
ATOM   815  O  OG  . SER A 1 100 ? 6.034   -11.688 -0.187  1.000 21.889 ? 100 SER AAA OG  1 ? 
ATOM   816  N  N   . ASP A 1 101 ? 2.504   -12.657 -3.159  1.000 20.891 ? 101 ASP AAA N   1 ? 
ATOM   817  C  CA  . ASP A 1 101 ? 1.344   -13.514 -3.540  1.000 23.429 ? 101 ASP AAA CA  1 ? 
ATOM   818  C  C   . ASP A 1 101 ? 1.490   -14.089 -4.951  1.000 22.858 ? 101 ASP AAA C   1 ? 
ATOM   819  O  O   . ASP A 1 101 ? 0.736   -15.033 -5.260  1.000 27.590 ? 101 ASP AAA O   1 ? 
ATOM   820  C  CB  . ASP A 1 101 ? 0.034   -12.732 -3.442  1.000 25.750 ? 101 ASP AAA CB  1 ? 
ATOM   821  C  CG  . ASP A 1 101 ? -1.210  -13.577 -3.591  1.000 31.757 ? 101 ASP AAA CG  1 ? 
ATOM   822  O  OD1 . ASP A 1 101 ? -1.365  -14.514 -2.797  1.000 34.482 ? 101 ASP AAA OD1 1 ? 
ATOM   823  O  OD2 . ASP A 1 101 ? -1.983  -13.310 -4.539  1.000 36.332 ? 101 ASP AAA OD2 1 ? 
ATOM   824  N  N   . GLY A 1 102 ? 2.386   -13.568 -5.806  1.000 21.611 ? 102 GLY AAA N   1 ? 
ATOM   825  C  CA  . GLY A 1 102 ? 2.626   -14.148 -7.161  1.000 21.625 ? 102 GLY AAA CA  1 ? 
ATOM   826  C  C   . GLY A 1 102 ? 2.810   -13.094 -8.243  1.000 20.449 ? 102 GLY AAA C   1 ? 
ATOM   827  O  O   . GLY A 1 102 ? 3.574   -13.325 -9.169  1.000 24.502 ? 102 GLY AAA O   1 ? 
ATOM   828  N  N   . ASN A 1 103 ? 2.103   -11.981 -8.197  1.000 18.745 ? 103 ASN AAA N   1 ? 
ATOM   829  C  CA  . ASN A 1 103 ? 2.145   -10.942 -9.257  1.000 18.249 ? 103 ASN AAA CA  1 ? 
ATOM   830  C  C   . ASN A 1 103 ? 2.995   -9.756  -8.814  1.000 16.323 ? 103 ASN AAA C   1 ? 
ATOM   831  O  O   . ASN A 1 103 ? 3.099   -8.789  -9.569  1.000 15.646 ? 103 ASN AAA O   1 ? 
ATOM   832  C  CB  . ASN A 1 103 ? 0.752   -10.510 -9.650  1.000 22.862 ? 103 ASN AAA CB  1 ? 
ATOM   833  C  CG  . ASN A 1 103 ? -0.016  -11.604 -10.369 1.000 26.801 ? 103 ASN AAA CG  1 ? 
ATOM   834  O  OD1 . ASN A 1 103 ? 0.544   -12.352 -11.167 1.000 33.634 ? 103 ASN AAA OD1 1 ? 
ATOM   835  N  ND2 . ASN A 1 103 ? -1.303  -11.683 -10.076 1.000 32.911 ? 103 ASN AAA ND2 1 ? 
ATOM   836  N  N   . GLY A 1 104 ? 3.709   -9.853  -7.717  1.000 15.625 ? 104 GLY AAA N   1 ? 
ATOM   837  C  CA  . GLY A 1 104 ? 4.579   -8.768  -7.334  1.000 15.885 ? 104 GLY AAA CA  1 ? 
ATOM   838  C  C   . GLY A 1 104 ? 3.782   -7.482  -7.142  1.000 15.392 ? 104 GLY AAA C   1 ? 
ATOM   839  O  O   . GLY A 1 104 ? 2.624   -7.548  -6.665  1.000 14.860 ? 104 GLY AAA O   1 ? 
ATOM   840  N  N   . MET A 1 105 ? 4.357   -6.365  -7.504  1.000 13.071 ? 105 MET AAA N   1 ? 
ATOM   841  C  CA  . MET A 1 105 ? 3.686   -5.072  -7.288  1.000 13.776 ? 105 MET AAA CA  1 ? 
ATOM   842  C  C   . MET A 1 105 ? 2.648   -4.810  -8.349  1.000 12.129 ? 105 MET AAA C   1 ? 
ATOM   843  O  O   . MET A 1 105 ? 1.928   -3.796  -8.210  1.000 13.156 ? 105 MET AAA O   1 ? 
ATOM   844  C  CB  . MET A 1 105 ? 4.710   -3.949  -7.260  1.000 12.309 ? 105 MET AAA CB  1 ? 
ATOM   845  C  CG  . MET A 1 105 ? 5.475   -3.903  -5.946  1.000 13.508 ? 105 MET AAA CG  1 ? 
ATOM   846  S  SD  . MET A 1 105 ? 6.332   -2.336  -5.622  1.000 14.704 ? 105 MET AAA SD  1 ? 
ATOM   847  C  CE  . MET A 1 105 ? 4.955   -1.257  -5.181  1.000 15.062 ? 105 MET AAA CE  1 ? 
ATOM   848  N  N   . ASN A 1 106 ? 2.471   -5.679  -9.332  1.000 13.787 ? 106 ASN AAA N   1 ? 
ATOM   849  C  CA  . ASN A 1 106 ? 1.340   -5.583  -10.283 1.000 14.872 ? 106 ASN AAA CA  1 ? 
ATOM   850  C  C   . ASN A 1 106 ? 0.007   -5.712  -9.533  1.000 15.815 ? 106 ASN AAA C   1 ? 
ATOM   851  O  O   . ASN A 1 106 ? -1.006  -5.285  -10.099 1.000 16.703 ? 106 ASN AAA O   1 ? 
ATOM   852  C  CB  . ASN A 1 106 ? 1.463   -6.648  -11.358 1.000 15.473 ? 106 ASN AAA CB  1 ? 
ATOM   853  C  CG  . ASN A 1 106 ? 2.685   -6.416  -12.199 1.000 14.791 ? 106 ASN AAA CG  1 ? 
ATOM   854  O  OD1 . ASN A 1 106 ? 2.755   -5.461  -12.989 1.000 15.309 ? 106 ASN AAA OD1 1 ? 
ATOM   855  N  ND2 . ASN A 1 106 ? 3.620   -7.335  -12.070 1.000 15.644 ? 106 ASN AAA ND2 1 ? 
ATOM   856  N  N   . ALA A 1 107 ? -0.007  -6.174  -8.291  1.000 15.577 ? 107 ALA AAA N   1 ? 
ATOM   857  C  CA  . ALA A 1 107 ? -1.222  -6.173  -7.441  1.000 15.844 ? 107 ALA AAA CA  1 ? 
ATOM   858  C  C   . ALA A 1 107 ? -1.735  -4.739  -7.259  1.000 15.561 ? 107 ALA AAA C   1 ? 
ATOM   859  O  O   . ALA A 1 107 ? -2.951  -4.556  -6.969  1.000 17.580 ? 107 ALA AAA O   1 ? 
ATOM   860  C  CB  . ALA A 1 107 ? -0.938  -6.805  -6.122  1.000 17.354 ? 107 ALA AAA CB  1 ? 
ATOM   861  N  N   . TRP A 1 108 ? -0.881  -3.734  -7.301  1.000 14.270 ? 108 TRP AAA N   1 ? 
ATOM   862  C  CA  . TRP A 1 108 ? -1.242  -2.309  -7.161  1.000 14.516 ? 108 TRP AAA CA  1 ? 
ATOM   863  C  C   . TRP A 1 108 ? -1.400  -1.749  -8.544  1.000 16.013 ? 108 TRP AAA C   1 ? 
ATOM   864  O  O   . TRP A 1 108 ? -0.438  -1.480  -9.255  1.000 14.881 ? 108 TRP AAA O   1 ? 
ATOM   865  C  CB  . TRP A 1 108 ? -0.239  -1.511  -6.369  1.000 14.320 ? 108 TRP AAA CB  1 ? 
ATOM   866  C  CG  . TRP A 1 108 ? -0.300  -1.825  -4.925  1.000 14.104 ? 108 TRP AAA CG  1 ? 
ATOM   867  C  CD1 . TRP A 1 108 ? -1.080  -1.190  -3.983  1.000 14.981 ? 108 TRP AAA CD1 1 ? 
ATOM   868  C  CD2 . TRP A 1 108 ? 0.450   -2.807  -4.216  1.000 13.445 ? 108 TRP AAA CD2 1 ? 
ATOM   869  N  NE1 . TRP A 1 108 ? -0.883  -1.798  -2.780  1.000 14.688 ? 108 TRP AAA NE1 1 ? 
ATOM   870  C  CE2 . TRP A 1 108 ? 0.078   -2.781  -2.852  1.000 13.243 ? 108 TRP AAA CE2 1 ? 
ATOM   871  C  CE3 . TRP A 1 108 ? 1.435   -3.754  -4.576  1.000 13.416 ? 108 TRP AAA CE3 1 ? 
ATOM   872  C  CZ2 . TRP A 1 108 ? 0.616   -3.604  -1.902  1.000 12.818 ? 108 TRP AAA CZ2 1 ? 
ATOM   873  C  CZ3 . TRP A 1 108 ? 1.981   -4.571  -3.607  1.000 14.375 ? 108 TRP AAA CZ3 1 ? 
ATOM   874  C  CH2 . TRP A 1 108 ? 1.562   -4.509  -2.281  1.000 13.946 ? 108 TRP AAA CH2 1 ? 
ATOM   875  N  N   . VAL A 1 109 ? -2.662  -1.461  -8.890  1.000 16.845 ? 109 VAL AAA N   1 ? 
ATOM   876  C  CA  . VAL A 1 109 ? -2.995  -0.977  -10.248 1.000 18.482 ? 109 VAL AAA CA  1 ? 
ATOM   877  C  C   . VAL A 1 109 ? -2.335  0.368   -10.469 1.000 14.358 ? 109 VAL AAA C   1 ? 
ATOM   878  O  O   . VAL A 1 109 ? -1.809  0.570   -11.610 1.000 16.895 ? 109 VAL AAA O   1 ? 
ATOM   879  C  CB  A VAL A 1 109 ? -4.528  -0.840  -10.363 0.520 20.687 ? 109 VAL AAA CB  1 ? 
ATOM   880  C  CB  B VAL A 1 109 ? -4.506  -0.913  -10.523 0.480 17.728 ? 109 VAL AAA CB  1 ? 
ATOM   881  C  CG1 A VAL A 1 109 ? -4.943  0.268   -11.338 0.520 21.298 ? 109 VAL AAA CG1 1 ? 
ATOM   882  C  CG1 B VAL A 1 109 ? -5.156  0.164   -9.682  0.480 15.871 ? 109 VAL AAA CG1 1 ? 
ATOM   883  C  CG2 A VAL A 1 109 ? -5.179  -2.182  -10.659 0.520 22.406 ? 109 VAL AAA CG2 1 ? 
ATOM   884  C  CG2 B VAL A 1 109 ? -4.762  -0.684  -12.009 0.480 18.415 ? 109 VAL AAA CG2 1 ? 
ATOM   885  N  N   . ALA A 1 110 ? -2.234  1.226   -9.498  1.000 16.947 ? 110 ALA AAA N   1 ? 
ATOM   886  C  CA  . ALA A 1 110 ? -1.608  2.527   -9.754  1.000 16.895 ? 110 ALA AAA CA  1 ? 
ATOM   887  C  C   . ALA A 1 110 ? -0.098  2.328   -9.919  1.000 15.844 ? 110 ALA AAA C   1 ? 
ATOM   888  O  O   . ALA A 1 110 ? 0.481   3.067   -10.718 1.000 16.949 ? 110 ALA AAA O   1 ? 
ATOM   889  C  CB  . ALA A 1 110 ? -1.842  3.527   -8.646  1.000 19.384 ? 110 ALA AAA CB  1 ? 
ATOM   890  N  N   . TRP A 1 111 ? 0.508   1.319   -9.294  1.000 15.048 ? 111 TRP AAA N   1 ? 
ATOM   891  C  CA  . TRP A 1 111 ? 1.945   1.056   -9.553  1.000 13.991 ? 111 TRP AAA CA  1 ? 
ATOM   892  C  C   . TRP A 1 111 ? 2.086   0.607   -10.998 1.000 14.419 ? 111 TRP AAA C   1 ? 
ATOM   893  O  O   . TRP A 1 111 ? 2.985   1.141   -11.693 1.000 14.325 ? 111 TRP AAA O   1 ? 
ATOM   894  C  CB  . TRP A 1 111 ? 2.519   0.038   -8.571  1.000 14.872 ? 111 TRP AAA CB  1 ? 
ATOM   895  C  CG  . TRP A 1 111 ? 3.946   -0.265  -8.863  1.000 13.886 ? 111 TRP AAA CG  1 ? 
ATOM   896  C  CD1 . TRP A 1 111 ? 5.031   0.436   -8.414  1.000 14.578 ? 111 TRP AAA CD1 1 ? 
ATOM   897  C  CD2 . TRP A 1 111 ? 4.435   -1.315  -9.696  1.000 14.149 ? 111 TRP AAA CD2 1 ? 
ATOM   898  N  NE1 . TRP A 1 111 ? 6.174   -0.124  -8.948  1.000 13.784 ? 111 TRP AAA NE1 1 ? 
ATOM   899  C  CE2 . TRP A 1 111 ? 5.838   -1.171  -9.719  1.000 13.411 ? 111 TRP AAA CE2 1 ? 
ATOM   900  C  CE3 . TRP A 1 111 ? 3.872   -2.378  -10.396 1.000 13.860 ? 111 TRP AAA CE3 1 ? 
ATOM   901  C  CZ2 . TRP A 1 111 ? 6.651   -2.073  -10.402 1.000 13.823 ? 111 TRP AAA CZ2 1 ? 
ATOM   902  C  CZ3 . TRP A 1 111 ? 4.688   -3.280  -11.043 1.000 14.723 ? 111 TRP AAA CZ3 1 ? 
ATOM   903  C  CH2 . TRP A 1 111 ? 6.067   -3.103  -11.070 1.000 15.262 ? 111 TRP AAA CH2 1 ? 
ATOM   904  N  N   . ARG A 1 112 ? 1.344   -0.370  -11.461 1.000 14.449 ? 112 ARG AAA N   1 ? 
ATOM   905  C  CA  . ARG A 1 112 ? 1.534   -0.894  -12.814 1.000 15.312 ? 112 ARG AAA CA  1 ? 
ATOM   906  C  C   . ARG A 1 112 ? 1.319   0.246   -13.817 1.000 14.833 ? 112 ARG AAA C   1 ? 
ATOM   907  O  O   . ARG A 1 112 ? 2.069   0.384   -14.762 1.000 16.181 ? 112 ARG AAA O   1 ? 
ATOM   908  C  CB  . ARG A 1 112 ? 0.558   -2.027  -13.103 1.000 18.997 ? 112 ARG AAA CB  1 ? 
ATOM   909  C  CG  . ARG A 1 112 ? 0.847   -2.754  -14.391 1.000 23.170 ? 112 ARG AAA CG  1 ? 
ATOM   910  C  CD  . ARG A 1 112 ? -0.075  -3.928  -14.634 1.000 30.183 ? 112 ARG AAA CD  1 ? 
ATOM   911  N  NE  . ARG A 1 112 ? -0.836  -4.280  -13.451 1.000 40.994 ? 112 ARG AAA NE  1 ? 
ATOM   912  C  CZ  . ARG A 1 112 ? -2.140  -4.030  -13.254 1.000 45.970 ? 112 ARG AAA CZ  1 ? 
ATOM   913  N  NH1 . ARG A 1 112 ? -2.863  -3.375  -14.154 1.000 47.437 ? 112 ARG AAA NH1 1 ? 
ATOM   914  N  NH2 . ARG A 1 112 ? -2.704  -4.442  -12.130 1.000 38.942 ? 112 ARG AAA NH2 1 ? 
ATOM   915  N  N   . ASN A 1 113 ? 0.304   1.105   -13.609 1.000 15.001 ? 113 ASN AAA N   1 ? 
ATOM   916  C  CA  . ASN A 1 113 ? -0.069  2.101   -14.643 1.000 16.296 ? 113 ASN AAA CA  1 ? 
ATOM   917  C  C   . ASN A 1 113 ? 0.711   3.385   -14.541 1.000 15.458 ? 113 ASN AAA C   1 ? 
ATOM   918  O  O   . ASN A 1 113 ? 0.832   4.084   -15.587 1.000 16.045 ? 113 ASN AAA O   1 ? 
ATOM   919  C  CB  . ASN A 1 113 ? -1.572  2.373   -14.617 1.000 16.189 ? 113 ASN AAA CB  1 ? 
ATOM   920  C  CG  . ASN A 1 113 ? -2.369  1.189   -15.096 1.000 16.731 ? 113 ASN AAA CG  1 ? 
ATOM   921  O  OD1 . ASN A 1 113 ? -1.858  0.396   -15.858 1.000 18.444 ? 113 ASN AAA OD1 1 ? 
ATOM   922  N  ND2 . ASN A 1 113 ? -3.622  1.033   -14.660 1.000 17.537 ? 113 ASN AAA ND2 1 ? 
ATOM   923  N  N   . ARG A 1 114 ? 1.297   3.686   -13.411 1.000 15.802 ? 114 ARG AAA N   1 ? 
ATOM   924  C  CA  . ARG A 1 114 ? 1.931   4.991   -13.236 1.000 15.649 ? 114 ARG AAA CA  1 ? 
ATOM   925  C  C   . ARG A 1 114 ? 3.353   4.964   -12.723 1.000 16.381 ? 114 ARG AAA C   1 ? 
ATOM   926  O  O   . ARG A 1 114 ? 4.009   5.996   -12.835 1.000 17.938 ? 114 ARG AAA O   1 ? 
ATOM   927  C  CB  . ARG A 1 114 ? 1.084   5.812   -12.312 1.000 16.995 ? 114 ARG AAA CB  1 ? 
ATOM   928  C  CG  . ARG A 1 114 ? -0.339  5.862   -12.848 1.000 18.658 ? 114 ARG AAA CG  1 ? 
ATOM   929  C  CD  . ARG A 1 114 ? -1.216  6.777   -12.085 1.000 19.752 ? 114 ARG AAA CD  1 ? 
ATOM   930  N  NE  . ARG A 1 114 ? -0.927  8.188   -12.224 1.000 17.418 ? 114 ARG AAA NE  1 ? 
ATOM   931  C  CZ  . ARG A 1 114 ? -1.682  9.098   -11.619 1.000 17.502 ? 114 ARG AAA CZ  1 ? 
ATOM   932  N  NH1 . ARG A 1 114 ? -2.610  8.723   -10.757 1.000 19.062 ? 114 ARG AAA NH1 1 ? 
ATOM   933  N  NH2 . ARG A 1 114 ? -1.397  10.360  -11.765 1.000 19.440 ? 114 ARG AAA NH2 1 ? 
ATOM   934  N  N   . CYS A 1 115 ? 3.849   3.845   -12.236 1.000 13.995 ? 115 CYS AAA N   1 ? 
ATOM   935  C  CA  . CYS A 1 115 ? 5.217   3.772   -11.654 1.000 15.060 ? 115 CYS AAA CA  1 ? 
ATOM   936  C  C   . CYS A 1 115 ? 6.073   2.784   -12.428 1.000 14.548 ? 115 CYS AAA C   1 ? 
ATOM   937  O  O   . CYS A 1 115 ? 7.271   3.092   -12.647 1.000 15.676 ? 115 CYS AAA O   1 ? 
ATOM   938  C  CB  . CYS A 1 115 ? 5.151   3.281   -10.219 1.000 15.064 ? 115 CYS AAA CB  1 ? 
ATOM   939  S  SG  . CYS A 1 115 ? 4.162   4.354   -9.135  1.000 15.798 ? 115 CYS AAA SG  1 ? 
ATOM   940  N  N   . LYS A 1 116 ? 5.569   1.645   -12.812 1.000 15.863 ? 116 LYS AAA N   1 ? 
ATOM   941  C  CA  . LYS A 1 116 ? 6.323   0.555   -13.469 1.000 15.679 ? 116 LYS AAA CA  1 ? 
ATOM   942  C  C   . LYS A 1 116 ? 6.965   1.116   -14.733 1.000 17.537 ? 116 LYS AAA C   1 ? 
ATOM   943  O  O   . LYS A 1 116 ? 6.267   1.713   -15.552 1.000 16.871 ? 116 LYS AAA O   1 ? 
ATOM   944  C  CB  . LYS A 1 116 ? 5.361   -0.591  -13.769 1.000 14.865 ? 116 LYS AAA CB  1 ? 
ATOM   945  C  CG  . LYS A 1 116 ? 6.010   -1.853  -14.349 1.000 15.007 ? 116 LYS AAA CG  1 ? 
ATOM   946  C  CD  . LYS A 1 116 ? 5.030   -2.853  -14.727 1.000 15.115 ? 116 LYS AAA CD  1 ? 
ATOM   947  C  CE  . LYS A 1 116 ? 5.611   -4.219  -14.981 1.000 15.644 ? 116 LYS AAA CE  1 ? 
ATOM   948  N  NZ  . LYS A 1 116 ? 4.583   -5.226  -15.265 1.000 16.962 ? 116 LYS AAA NZ  1 ? 
ATOM   949  N  N   . GLY A 1 117 ? 8.277   0.937   -14.883 1.000 19.607 ? 117 GLY AAA N   1 ? 
ATOM   950  C  CA  . GLY A 1 117 ? 8.958   1.375   -16.118 1.000 21.388 ? 117 GLY AAA CA  1 ? 
ATOM   951  C  C   . GLY A 1 117 ? 9.328   2.848   -16.081 1.000 22.158 ? 117 GLY AAA C   1 ? 
ATOM   952  O  O   . GLY A 1 117 ? 9.945   3.374   -17.079 1.000 31.295 ? 117 GLY AAA O   1 ? 
ATOM   953  N  N   . THR A 1 118 ? 9.064   3.567   -14.997 1.000 20.773 ? 118 THR AAA N   1 ? 
ATOM   954  C  CA  . THR A 1 118 ? 9.415   4.991   -14.830 1.000 19.684 ? 118 THR AAA CA  1 ? 
ATOM   955  C  C   . THR A 1 118 ? 10.640  5.108   -13.933 1.000 19.023 ? 118 THR AAA C   1 ? 
ATOM   956  O  O   . THR A 1 118 ? 11.076  4.118   -13.324 1.000 19.676 ? 118 THR AAA O   1 ? 
ATOM   957  C  CB  . THR A 1 118 ? 8.278   5.837   -14.262 1.000 20.934 ? 118 THR AAA CB  1 ? 
ATOM   958  O  OG1 . THR A 1 118 ? 8.140   5.549   -12.862 1.000 19.130 ? 118 THR AAA OG1 1 ? 
ATOM   959  C  CG2 . THR A 1 118 ? 6.960   5.620   -14.985 1.000 19.447 ? 118 THR AAA CG2 1 ? 
ATOM   960  N  N   . ASP A 1 119 ? 11.219  6.288   -13.867 1.000 19.325 ? 119 ASP AAA N   1 ? 
ATOM   961  C  CA  . ASP A 1 119 ? 12.377  6.538   -12.978 1.000 20.331 ? 119 ASP AAA CA  1 ? 
ATOM   962  C  C   . ASP A 1 119 ? 11.911  6.653   -11.526 1.000 20.702 ? 119 ASP AAA C   1 ? 
ATOM   963  O  O   . ASP A 1 119 ? 11.803  7.745   -10.997 1.000 20.334 ? 119 ASP AAA O   1 ? 
ATOM   964  C  CB  . ASP A 1 119 ? 13.207  7.726   -13.449 1.000 23.425 ? 119 ASP AAA CB  1 ? 
ATOM   965  C  CG  . ASP A 1 119 ? 14.429  7.908   -12.567 1.000 27.485 ? 119 ASP AAA CG  1 ? 
ATOM   966  O  OD1 . ASP A 1 119 ? 14.807  6.943   -11.804 1.000 27.413 ? 119 ASP AAA OD1 1 ? 
ATOM   967  O  OD2 . ASP A 1 119 ? 14.978  9.029   -12.599 1.000 35.762 ? 119 ASP AAA OD2 1 ? 
ATOM   968  N  N   . VAL A 1 120 ? 11.666  5.506   -10.900 1.000 20.314 ? 120 VAL AAA N   1 ? 
ATOM   969  C  CA  . VAL A 1 120 ? 11.051  5.488   -9.537  1.000 20.587 ? 120 VAL AAA CA  1 ? 
ATOM   970  C  C   . VAL A 1 120 ? 12.058  5.986   -8.515  1.000 21.227 ? 120 VAL AAA C   1 ? 
ATOM   971  O  O   . VAL A 1 120 ? 11.608  6.445   -7.464  1.000 20.807 ? 120 VAL AAA O   1 ? 
ATOM   972  C  CB  . VAL A 1 120 ? 10.514  4.104   -9.142  1.000 20.318 ? 120 VAL AAA CB  1 ? 
ATOM   973  C  CG1 . VAL A 1 120 ? 9.342   3.722   -10.026 1.000 20.385 ? 120 VAL AAA CG1 1 ? 
ATOM   974  C  CG2 . VAL A 1 120 ? 11.589  3.024   -9.156  1.000 20.159 ? 120 VAL AAA CG2 1 ? 
ATOM   975  N  N   . GLN A 1 121 ? 13.368  5.942   -8.776  1.000 20.694 ? 121 GLN AAA N   1 ? 
ATOM   976  C  CA  . GLN A 1 121 ? 14.398  6.476   -7.852  1.000 24.982 ? 121 GLN AAA CA  1 ? 
ATOM   977  C  C   . GLN A 1 121 ? 14.114  7.951   -7.593  1.000 19.639 ? 121 GLN AAA C   1 ? 
ATOM   978  O  O   . GLN A 1 121 ? 14.470  8.484   -6.522  1.000 20.234 ? 121 GLN AAA O   1 ? 
ATOM   979  C  CB  . GLN A 1 121 ? 15.811  6.281   -8.435  1.000 28.942 ? 121 GLN AAA CB  1 ? 
ATOM   980  C  CG  . GLN A 1 121 ? 16.151  4.845   -8.827  1.000 38.531 ? 121 GLN AAA CG  1 ? 
ATOM   981  C  CD  . GLN A 1 121 ? 17.383  4.682   -9.705  1.000 48.518 ? 121 GLN AAA CD  1 ? 
ATOM   982  O  OE1 . GLN A 1 121 ? 18.133  3.706   -9.578  1.000 60.867 ? 121 GLN AAA OE1 1 ? 
ATOM   983  N  NE2 . GLN A 1 121 ? 17.589  5.612   -10.632 1.000 52.759 ? 121 GLN AAA NE2 1 ? 
ATOM   984  N  N   . ALA A 1 122 ? 13.478  8.648   -8.515  1.000 19.688 ? 122 ALA AAA N   1 ? 
ATOM   985  C  CA  . ALA A 1 122 ? 13.162  10.074  -8.368  1.000 19.906 ? 122 ALA AAA CA  1 ? 
ATOM   986  C  C   . ALA A 1 122 ? 12.311  10.298  -7.104  1.000 20.542 ? 122 ALA AAA C   1 ? 
ATOM   987  O  O   . ALA A 1 122 ? 12.336  11.359  -6.487  1.000 21.161 ? 122 ALA AAA O   1 ? 
ATOM   988  C  CB  . ALA A 1 122 ? 12.489  10.655  -9.610  1.000 22.882 ? 122 ALA AAA CB  1 ? 
ATOM   989  N  N   . TRP A 1 123 ? 11.496  9.315   -6.687  1.000 19.174 ? 123 TRP AAA N   1 ? 
ATOM   990  C  CA  . TRP A 1 123 ? 10.620  9.484   -5.506  1.000 19.409 ? 123 TRP AAA CA  1 ? 
ATOM   991  C  C   . TRP A 1 123 ? 11.384  9.556   -4.169  1.000 19.260 ? 123 TRP AAA C   1 ? 
ATOM   992  O  O   . TRP A 1 123 ? 10.761  9.964   -3.185  1.000 19.348 ? 123 TRP AAA O   1 ? 
ATOM   993  C  CB  . TRP A 1 123 ? 9.566   8.364   -5.537  1.000 16.677 ? 123 TRP AAA CB  1 ? 
ATOM   994  C  CG  . TRP A 1 123 ? 8.562   8.596   -6.622  1.000 17.019 ? 123 TRP AAA CG  1 ? 
ATOM   995  C  CD1 . TRP A 1 123 ? 8.530   8.091   -7.888  1.000 18.772 ? 123 TRP AAA CD1 1 ? 
ATOM   996  C  CD2 . TRP A 1 123 ? 7.520   9.563   -6.570  1.000 17.080 ? 123 TRP AAA CD2 1 ? 
ATOM   997  N  NE1 . TRP A 1 123 ? 7.552   8.702   -8.621  1.000 19.811 ? 123 TRP AAA NE1 1 ? 
ATOM   998  C  CE2 . TRP A 1 123 ? 6.917   9.604   -7.852  1.000 18.712 ? 123 TRP AAA CE2 1 ? 
ATOM   999  C  CE3 . TRP A 1 123 ? 7.108   10.464  -5.590  1.000 19.024 ? 123 TRP AAA CE3 1 ? 
ATOM   1000 C  CZ2 . TRP A 1 123 ? 5.821   10.415  -8.102  1.000 24.699 ? 123 TRP AAA CZ2 1 ? 
ATOM   1001 C  CZ3 . TRP A 1 123 ? 6.069   11.318  -5.868  1.000 23.166 ? 123 TRP AAA CZ3 1 ? 
ATOM   1002 C  CH2 . TRP A 1 123 ? 5.452   11.293  -7.117  1.000 22.551 ? 123 TRP AAA CH2 1 ? 
ATOM   1003 N  N   . ILE A 1 124 ? 12.643  9.113   -4.139  1.000 19.434 ? 124 ILE AAA N   1 ? 
ATOM   1004 C  CA  . ILE A 1 124 ? 13.481  9.128   -2.903  1.000 19.768 ? 124 ILE AAA CA  1 ? 
ATOM   1005 C  C   . ILE A 1 124 ? 14.640  10.116  -3.059  1.000 22.584 ? 124 ILE AAA C   1 ? 
ATOM   1006 O  O   . ILE A 1 124 ? 15.409  10.269  -2.072  1.000 24.695 ? 124 ILE AAA O   1 ? 
ATOM   1007 C  CB  . ILE A 1 124 ? 13.941  7.737   -2.471  1.000 23.140 ? 124 ILE AAA CB  1 ? 
ATOM   1008 C  CG1 . ILE A 1 124 ? 14.895  7.049   -3.431  1.000 25.329 ? 124 ILE AAA CG1 1 ? 
ATOM   1009 C  CG2 . ILE A 1 124 ? 12.723  6.870   -2.167  1.000 22.753 ? 124 ILE AAA CG2 1 ? 
ATOM   1010 C  CD1 . ILE A 1 124 ? 15.905  6.203   -2.688  1.000 30.260 ? 124 ILE AAA CD1 1 ? 
ATOM   1011 N  N   . ARG A 1 125 ? 14.638  10.881  -4.121  1.000 22.234 ? 125 ARG AAA N   1 ? 
ATOM   1012 C  CA  . ARG A 1 125 ? 15.774  11.805  -4.382  1.000 26.686 ? 125 ARG AAA CA  1 ? 
ATOM   1013 C  C   . ARG A 1 125 ? 15.621  12.970  -3.435  1.000 24.379 ? 125 ARG AAA C   1 ? 
ATOM   1014 O  O   . ARG A 1 125 ? 14.520  13.498  -3.211  1.000 28.537 ? 125 ARG AAA O   1 ? 
ATOM   1015 C  CB  . ARG A 1 125 ? 15.827  12.190  -5.862  1.000 33.804 ? 125 ARG AAA CB  1 ? 
ATOM   1016 C  CG  . ARG A 1 125 ? 16.586  11.149  -6.670  1.000 41.600 ? 125 ARG AAA CG  1 ? 
ATOM   1017 C  CD  . ARG A 1 125 ? 17.325  11.679  -7.885  1.000 45.979 ? 125 ARG AAA CD  1 ? 
ATOM   1018 N  NE  . ARG A 1 125 ? 17.404  10.602  -8.857  1.000 52.455 ? 125 ARG AAA NE  1 ? 
ATOM   1019 C  CZ  . ARG A 1 125 ? 16.684  10.510  -9.974  1.000 55.663 ? 125 ARG AAA CZ  1 ? 
ATOM   1020 N  NH1 . ARG A 1 125 ? 15.830  11.462  -10.317 1.000 58.679 ? 125 ARG AAA NH1 1 ? 
ATOM   1021 N  NH2 . ARG A 1 125 ? 16.853  9.469   -10.766 1.000 58.478 ? 125 ARG AAA NH2 1 ? 
ATOM   1022 N  N   . GLY A 1 126 ? 16.736  13.381  -2.820  1.000 26.917 ? 126 GLY AAA N   1 ? 
ATOM   1023 C  CA  . GLY A 1 126 ? 16.706  14.517  -1.893  1.000 26.609 ? 126 GLY AAA CA  1 ? 
ATOM   1024 C  C   . GLY A 1 126 ? 16.367  14.103  -0.475  1.000 31.221 ? 126 GLY AAA C   1 ? 
ATOM   1025 O  O   . GLY A 1 126 ? 16.290  15.004  0.400   1.000 34.933 ? 126 GLY AAA O   1 ? 
ATOM   1026 N  N   . CYS A 1 127 ? 16.084  12.823  -0.225  1.000 25.171 ? 127 CYS AAA N   1 ? 
ATOM   1027 C  CA  . CYS A 1 127 ? 15.645  12.385  1.108   1.000 23.605 ? 127 CYS AAA CA  1 ? 
ATOM   1028 C  C   . CYS A 1 127 ? 16.845  11.933  1.903   1.000 22.992 ? 127 CYS AAA C   1 ? 
ATOM   1029 O  O   . CYS A 1 127 ? 17.701  11.188  1.378   1.000 24.895 ? 127 CYS AAA O   1 ? 
ATOM   1030 C  CB  . CYS A 1 127 ? 14.649  11.239  1.016   1.000 22.482 ? 127 CYS AAA CB  1 ? 
ATOM   1031 S  SG  . CYS A 1 127 ? 13.152  11.625  0.052   1.000 22.593 ? 127 CYS AAA SG  1 ? 
ATOM   1032 N  N   . ARG A 1 128 ? 16.796  12.246  3.187   1.000 23.424 ? 128 ARG AAA N   1 ? 
ATOM   1033 C  CA  . ARG A 1 128 ? 17.797  11.702  4.123   1.000 25.446 ? 128 ARG AAA CA  1 ? 
ATOM   1034 C  C   . ARG A 1 128 ? 17.372  10.297  4.523   1.000 24.264 ? 128 ARG AAA C   1 ? 
ATOM   1035 O  O   . ARG A 1 128 ? 16.370  10.176  5.285   1.000 27.935 ? 128 ARG AAA O   1 ? 
ATOM   1036 C  CB  . ARG A 1 128 ? 17.986  12.652  5.302   1.000 28.564 ? 128 ARG AAA CB  1 ? 
ATOM   1037 C  CG  . ARG A 1 128 ? 19.152  12.228  6.184   1.000 33.547 ? 128 ARG AAA CG  1 ? 
ATOM   1038 C  CD  . ARG A 1 128 ? 19.660  13.390  7.020   1.000 35.055 ? 128 ARG AAA CD  1 ? 
ATOM   1039 N  NE  . ARG A 1 128 ? 18.517  14.123  7.556   1.000 43.828 ? 128 ARG AAA NE  1 ? 
ATOM   1040 C  CZ  . ARG A 1 128 ? 18.263  15.435  7.462   1.000 40.789 ? 128 ARG AAA CZ  1 ? 
ATOM   1041 N  NH1 . ARG A 1 128 ? 19.108  16.273  6.880   1.000 44.998 ? 128 ARG AAA NH1 1 ? 
ATOM   1042 N  NH2 . ARG A 1 128 ? 17.158  15.908  8.018   1.000 40.252 ? 128 ARG AAA NH2 1 ? 
ATOM   1043 N  N   . LEU A 1 129 ? 18.072  9.275   4.044   1.000 27.117 ? 129 LEU AAA N   1 ? 
ATOM   1044 C  CA  . LEU A 1 129 ? 17.672  7.841   4.132   1.000 31.009 ? 129 LEU AAA CA  1 ? 
ATOM   1045 C  C   . LEU A 1 129 ? 18.850  7.001   4.645   1.000 39.303 ? 129 LEU AAA C   1 ? 
ATOM   1046 O  O   . LEU A 1 129 ? 18.616  5.946   5.309   1.000 43.311 ? 129 LEU AAA O   1 ? 
ATOM   1047 C  CB  . LEU A 1 129 ? 17.245  7.360   2.737   1.000 31.377 ? 129 LEU AAA CB  1 ? 
ATOM   1048 C  CG  . LEU A 1 129 ? 15.782  7.013   2.452   1.000 37.547 ? 129 LEU AAA CG  1 ? 
ATOM   1049 C  CD1 . LEU A 1 129 ? 14.797  7.417   3.540   1.000 31.212 ? 129 LEU AAA CD1 1 ? 
ATOM   1050 C  CD2 . LEU A 1 129 ? 15.347  7.565   1.105   1.000 34.138 ? 129 LEU AAA CD2 1 ? 
ATOM   1051 O  OXT . LEU A 1 129 ? 20.038  7.362   4.387   1.000 39.417 ? 129 LEU AAA OXT 1 ? 
HETATM 1052 N  N1  . EPE B 2 .   ? -9.610  -1.594  -7.447  1.000 40.071 ? 201 EPE AAA N1  1 ? 
HETATM 1053 C  C2  . EPE B 2 .   ? -9.241  -2.922  -6.932  1.000 38.661 ? 201 EPE AAA C2  1 ? 
HETATM 1054 C  C3  . EPE B 2 .   ? -8.466  -2.701  -5.624  1.000 32.405 ? 201 EPE AAA C3  1 ? 
HETATM 1055 N  N4  . EPE B 2 .   ? -7.213  -1.964  -5.964  1.000 29.405 ? 201 EPE AAA N4  1 ? 
HETATM 1056 C  C5  . EPE B 2 .   ? -7.216  -0.879  -6.973  1.000 30.961 ? 201 EPE AAA C5  1 ? 
HETATM 1057 C  C6  . EPE B 2 .   ? -8.419  -0.842  -7.907  1.000 34.897 ? 201 EPE AAA C6  1 ? 
HETATM 1058 C  C7  . EPE B 2 .   ? -5.970  -2.067  -5.145  1.000 25.464 ? 201 EPE AAA C7  1 ? 
HETATM 1059 C  C8  . EPE B 2 .   ? -5.004  -0.836  -5.157  1.000 22.148 ? 201 EPE AAA C8  1 ? 
HETATM 1060 O  O8  . EPE B 2 .   ? -4.367  -0.794  -6.543  1.000 21.339 ? 201 EPE AAA O8  1 ? 
HETATM 1061 C  C9  . EPE B 2 .   ? -10.604 -1.514  -8.565  1.000 39.270 ? 201 EPE AAA C9  1 ? 
HETATM 1062 C  C10 . EPE B 2 .   ? -11.786 -2.464  -8.576  1.000 45.637 ? 201 EPE AAA C10 1 ? 
HETATM 1063 S  S   . EPE B 2 .   ? -12.980 -1.785  -9.578  1.000 48.163 ? 201 EPE AAA S   1 ? 
HETATM 1064 O  O1S . EPE B 2 .   ? -12.348 -1.358  -10.867 1.000 62.760 ? 201 EPE AAA O1S 1 ? 
HETATM 1065 O  O2S . EPE B 2 .   ? -13.602 -0.563  -8.887  1.000 33.042 ? 201 EPE AAA O2S 1 ? 
HETATM 1066 O  O3S . EPE B 2 .   ? -13.964 -2.829  -9.923  1.000 62.112 ? 201 EPE AAA O3S 1 ? 
HETATM 1067 C  C   . ACT C 3 .   ? -1.401  -8.024  -13.579 1.000 56.439 ? 202 ACT AAA C   1 ? 
HETATM 1068 O  O   . ACT C 3 .   ? -1.029  -6.869  -13.834 1.000 54.101 ? 202 ACT AAA O   1 ? 
HETATM 1069 O  OXT . ACT C 3 .   ? -1.666  -8.431  -12.424 1.000 53.715 ? 202 ACT AAA OXT 1 ? 
HETATM 1070 C  CH3 . ACT C 3 .   ? -1.511  -8.997  -14.749 1.000 55.631 ? 202 ACT AAA CH3 1 ? 
HETATM 1071 C  C   . ACT D 3 .   ? 14.998  3.583   -5.321  1.000 40.051 ? 203 ACT AAA C   1 ? 
HETATM 1072 O  O   . ACT D 3 .   ? 16.070  3.901   -5.914  1.000 44.964 ? 203 ACT AAA O   1 ? 
HETATM 1073 O  OXT . ACT D 3 .   ? 14.018  3.229   -5.876  1.000 28.879 ? 203 ACT AAA OXT 1 ? 
HETATM 1074 C  CH3 . ACT D 3 .   ? 14.927  3.558   -3.835  1.000 39.428 ? 203 ACT AAA CH3 1 ? 
HETATM 1075 C  C10 B R0I E 4 .   ? 17.281  1.796   -15.873 0.350 25.830 ? 204 R0I AAA C10 1 ? 
HETATM 1076 C  C11 B R0I E 4 .   ? 15.219  3.746   -14.702 0.350 22.241 ? 204 R0I AAA C11 1 ? 
HETATM 1077 C  C13 B R0I E 4 .   ? 15.630  5.946   -15.281 0.350 23.933 ? 204 R0I AAA C13 1 ? 
HETATM 1078 C  C2  B R0I E 4 .   ? 13.894  0.958   -16.176 0.350 25.419 ? 204 R0I AAA C2  1 ? 
HETATM 1079 C  C3  B R0I E 4 .   ? 13.839  0.545   -17.506 0.350 27.473 ? 204 R0I AAA C3  1 ? 
HETATM 1080 C  C4  B R0I E 4 .   ? 14.930  0.538   -18.368 0.350 25.708 ? 204 R0I AAA C4  1 ? 
HETATM 1081 C  C5  B R0I E 4 .   ? 17.308  0.995   -18.565 0.350 26.696 ? 204 R0I AAA C5  1 ? 
HETATM 1082 C  C6  B R0I E 4 .   ? 18.471  1.441   -17.944 0.350 24.680 ? 204 R0I AAA C6  1 ? 
HETATM 1083 C  C8  B R0I E 4 .   ? 19.446  2.677   -14.608 0.350 30.209 ? 204 R0I AAA C8  1 ? 
HETATM 1084 C  C12 B R0I E 4 .   ? 14.472  5.622   -15.872 0.350 22.165 ? 204 R0I AAA C12 1 ? 
HETATM 1085 C  C9A B R0I E 4 .   ? 18.192  3.018   -12.601 0.350 30.854 ? 204 R0I AAA C9A 1 ? 
HETATM 1086 C  C9  B R0I E 4 .   ? 18.229  2.622   -13.933 0.350 29.563 ? 204 R0I AAA C9  1 ? 
HETATM 1087 C  C7  B R0I E 4 .   ? 19.592  2.293   -15.938 0.350 29.011 ? 204 R0I AAA C7  1 ? 
HETATM 1088 N  N10 B R0I E 4 .   ? 17.113  2.161   -14.539 0.350 25.217 ? 204 R0I AAA N10 1 ? 
HETATM 1089 C  C6A B R0I E 4 .   ? 18.461  1.854   -16.613 0.350 26.738 ? 204 R0I AAA C6A 1 ? 
HETATM 1090 C  C1A B R0I E 4 .   ? 16.116  1.362   -16.478 0.350 25.068 ? 204 R0I AAA C1A 1 ? 
HETATM 1091 C  C4A B R0I E 4 .   ? 16.131  0.962   -17.816 0.350 25.990 ? 204 R0I AAA C4A 1 ? 
HETATM 1092 N  N1  B R0I E 4 .   ? 15.051  1.401   -15.607 0.350 24.898 ? 204 R0I AAA N1  1 ? 
HETATM 1093 C  C2A B R0I E 4 .   ? 12.711  0.898   -15.443 0.350 24.302 ? 204 R0I AAA C2A 1 ? 
HETATM 1094 PT PT  B R0I E 4 .   ? 15.392  2.109   -13.964 0.350 20.660 ? 204 R0I AAA PT  1 ? 
HETATM 1095 C  CP  B R0I E 4 .   ? 15.405  -0.397  -12.719 0.350 22.694 ? 204 R0I AAA CP  1 ? 
HETATM 1096 N  N2  B R0I E 4 .   ? 14.282  4.330   -15.511 0.350 20.387 ? 204 R0I AAA N2  1 ? 
HETATM 1097 N  N3  B R0I E 4 .   ? 16.017  4.781   -14.627 0.350 24.199 ? 204 R0I AAA N3  1 ? 
HETATM 1098 C  C14 B R0I E 4 .   ? 13.133  3.700   -15.968 0.350 18.977 ? 204 R0I AAA C14 1 ? 
HETATM 1099 C  C15 B R0I E 4 .   ? 17.217  4.799   -13.917 0.350 22.900 ? 204 R0I AAA C15 1 ? 
HETATM 1100 C  C17 B R0I E 4 .   ? 13.908  2.761   -12.629 0.350 16.924 ? 204 R0I AAA C17 1 ? 
HETATM 1101 C  C18 B R0I E 4 .   ? 15.264  3.098   -12.115 0.350 18.109 ? 204 R0I AAA C18 1 ? 
HETATM 1102 C  C19 B R0I E 4 .   ? 13.691  6.651   -16.722 0.350 22.732 ? 204 R0I AAA C19 1 ? 
HETATM 1103 C  C20 B R0I E 4 .   ? 14.060  7.926   -16.968 0.350 22.066 ? 204 R0I AAA C20 1 ? 
HETATM 1104 N  N6  B R0I E 4 .   ? 12.509  6.422   -17.360 0.350 21.640 ? 204 R0I AAA N6  1 ? 
HETATM 1105 N  N4  B R0I E 4 .   ? 12.139  7.537   -18.003 0.350 21.607 ? 204 R0I AAA N4  1 ? 
HETATM 1106 N  N5  B R0I E 4 .   ? 13.093  8.445   -17.749 0.350 21.664 ? 204 R0I AAA N5  1 ? 
HETATM 1107 S  S   . DMS F 5 .   ? -4.704  -4.717  -3.114  1.000 27.280 ? 205 DMS AAA S   1 ? 
HETATM 1108 O  O   . DMS F 5 .   ? -3.451  -3.764  -3.044  1.000 30.238 ? 205 DMS AAA O   1 ? 
HETATM 1109 C  C1  . DMS F 5 .   ? -4.998  -5.185  -1.652  1.000 17.942 ? 205 DMS AAA C1  1 ? 
HETATM 1110 C  C2  . DMS F 5 .   ? -4.082  -6.190  -3.860  1.000 31.017 ? 205 DMS AAA C2  1 ? 
HETATM 1111 O  O   . HOH G 6 .   ? -14.463 -3.835  -8.184  1.000 27.370 ? 301 HOH AAA O   1 ? 
HETATM 1112 O  O   . HOH G 6 .   ? 6.723   -5.282  8.495   1.000 49.153 ? 302 HOH AAA O   1 ? 
HETATM 1113 O  O   . HOH G 6 .   ? 15.624  -4.340  -4.807  1.000 43.191 ? 303 HOH AAA O   1 ? 
HETATM 1114 O  O   . HOH G 6 .   ? -12.402 -9.124  3.803   1.000 11.885 ? 304 HOH AAA O   1 ? 
HETATM 1115 O  O   . HOH G 6 .   ? -13.393 6.800   -4.779  1.000 53.250 ? 305 HOH AAA O   1 ? 
HETATM 1116 O  O   . HOH G 6 .   ? -14.387 4.615   -6.031  1.000 43.517 ? 306 HOH AAA O   1 ? 
HETATM 1117 O  O   . HOH G 6 .   ? -6.305  2.267   -6.466  1.000 32.184 ? 307 HOH AAA O   1 ? 
HETATM 1118 O  O   . HOH G 6 .   ? -2.137  3.181   5.642   1.000 24.165 ? 308 HOH AAA O   1 ? 
HETATM 1119 O  O   . HOH G 6 .   ? 12.010  0.672   13.759  1.000 52.561 ? 309 HOH AAA O   1 ? 
HETATM 1120 O  O   . HOH G 6 .   ? 5.769   2.965   12.365  1.000 44.646 ? 310 HOH AAA O   1 ? 
HETATM 1121 O  O   . HOH G 6 .   ? -17.386 -11.825 -6.818  1.000 38.519 ? 311 HOH AAA O   1 ? 
HETATM 1122 O  O   . HOH G 6 .   ? 3.137   12.302  12.924  1.000 45.817 ? 312 HOH AAA O   1 ? 
HETATM 1123 O  O   . HOH G 6 .   ? -2.030  -2.129  -16.259 1.000 39.119 ? 313 HOH AAA O   1 ? 
HETATM 1124 O  O   . HOH G 6 .   ? -8.064  2.616   -4.651  1.000 22.091 ? 314 HOH AAA O   1 ? 
HETATM 1125 O  O   . HOH G 6 .   ? 1.845   -13.924 0.054   1.000 36.689 ? 315 HOH AAA O   1 ? 
HETATM 1126 O  O   . HOH G 6 .   ? -18.530 -9.251  -2.156  1.000 45.357 ? 316 HOH AAA O   1 ? 
HETATM 1127 O  O   . HOH G 6 .   ? 6.939   10.295  10.632  1.000 39.226 ? 317 HOH AAA O   1 ? 
HETATM 1128 O  O   . HOH G 6 .   ? -14.204 -8.414  -7.906  1.000 35.527 ? 318 HOH AAA O   1 ? 
HETATM 1129 O  O   . HOH G 6 .   ? 17.684  9.763   -0.935  1.000 27.538 ? 319 HOH AAA O   1 ? 
HETATM 1130 O  O   A HOH G 6 .   ? 14.689  4.396   -11.250 0.650 37.291 ? 320 HOH AAA O   1 ? 
HETATM 1131 O  O   . HOH G 6 .   ? -5.360  -5.471  -7.525  1.000 37.545 ? 321 HOH AAA O   1 ? 
HETATM 1132 O  O   . HOH G 6 .   ? -12.444 -6.950  11.728  1.000 38.822 ? 322 HOH AAA O   1 ? 
HETATM 1133 O  O   . HOH G 6 .   ? -0.259  0.042   12.082  1.000 23.913 ? 323 HOH AAA O   1 ? 
HETATM 1134 O  O   . HOH G 6 .   ? 18.418  5.102   -5.743  1.000 49.513 ? 324 HOH AAA O   1 ? 
HETATM 1135 O  O   . HOH G 6 .   ? 3.938   8.501   -13.742 1.000 24.870 ? 325 HOH AAA O   1 ? 
HETATM 1136 O  O   . HOH G 6 .   ? -11.553 -6.534  -5.107  1.000 29.159 ? 326 HOH AAA O   1 ? 
HETATM 1137 O  O   A HOH G 6 .   ? -4.259  10.173  11.124  0.500 18.562 ? 327 HOH AAA O   1 ? 
HETATM 1138 O  O   B HOH G 6 .   ? -4.425  11.964  11.889  0.500 35.563 ? 327 HOH AAA O   1 ? 
HETATM 1139 O  O   . HOH G 6 .   ? -16.350 -2.713  1.488   1.000 14.122 ? 328 HOH AAA O   1 ? 
HETATM 1140 O  O   . HOH G 6 .   ? 2.635   14.990  1.202   1.000 25.641 ? 329 HOH AAA O   1 ? 
HETATM 1141 O  O   . HOH G 6 .   ? 4.781   -12.002 -5.924  1.000 20.318 ? 330 HOH AAA O   1 ? 
HETATM 1142 O  O   . HOH G 6 .   ? -1.079  3.392   7.925   1.000 21.417 ? 331 HOH AAA O   1 ? 
HETATM 1143 O  O   . HOH G 6 .   ? -12.315 -1.047  13.681  1.000 22.397 ? 332 HOH AAA O   1 ? 
HETATM 1144 O  O   . HOH G 6 .   ? 3.246   14.397  8.059   1.000 33.736 ? 333 HOH AAA O   1 ? 
HETATM 1145 O  O   . HOH G 6 .   ? -3.802  9.416   -6.779  1.000 31.139 ? 334 HOH AAA O   1 ? 
HETATM 1146 O  O   A HOH G 6 .   ? -4.903  5.325   -7.741  0.500 18.695 ? 335 HOH AAA O   1 ? 
HETATM 1147 O  O   B HOH G 6 .   ? -6.822  5.500   -5.895  0.500 32.535 ? 335 HOH AAA O   1 ? 
HETATM 1148 O  O   . HOH G 6 .   ? 7.782   5.018   11.340  1.000 50.315 ? 336 HOH AAA O   1 ? 
HETATM 1149 O  O   . HOH G 6 .   ? -20.915 -8.569  8.467   1.000 31.799 ? 337 HOH AAA O   1 ? 
HETATM 1150 O  O   . HOH G 6 .   ? -11.342 8.095   3.488   1.000 14.919 ? 338 HOH AAA O   1 ? 
HETATM 1151 O  O   . HOH G 6 .   ? 7.893   -9.605  -8.510  1.000 22.840 ? 339 HOH AAA O   1 ? 
HETATM 1152 O  O   . HOH G 6 .   ? 10.023  -0.215  -11.258 1.000 27.431 ? 340 HOH AAA O   1 ? 
HETATM 1153 O  O   . HOH G 6 .   ? 9.304   8.785   8.937   1.000 30.052 ? 341 HOH AAA O   1 ? 
HETATM 1154 O  O   . HOH G 6 .   ? 10.464  -8.107  6.359   1.000 37.825 ? 342 HOH AAA O   1 ? 
HETATM 1155 O  O   . HOH G 6 .   ? 10.479  8.244   -15.643 1.000 32.252 ? 343 HOH AAA O   1 ? 
HETATM 1156 O  O   . HOH G 6 .   ? 0.730   16.633  6.234   1.000 34.351 ? 344 HOH AAA O   1 ? 
HETATM 1157 O  O   . HOH G 6 .   ? -14.985 4.902   1.552   0.500 20.717 ? 345 HOH AAA O   1 ? 
HETATM 1158 O  O   . HOH G 6 .   ? 8.352   -10.735 5.500   1.000 45.935 ? 346 HOH AAA O   1 ? 
HETATM 1159 O  O   . HOH G 6 .   ? -21.203 1.733   -2.199  1.000 51.907 ? 347 HOH AAA O   1 ? 
HETATM 1160 O  O   . HOH G 6 .   ? -19.439 -8.087  -6.290  1.000 34.626 ? 348 HOH AAA O   1 ? 
HETATM 1161 O  O   A HOH G 6 .   ? 14.706  13.791  4.161   0.500 21.468 ? 349 HOH AAA O   1 ? 
HETATM 1162 O  O   B HOH G 6 .   ? 14.363  15.283  3.585   0.500 33.925 ? 349 HOH AAA O   1 ? 
HETATM 1163 O  O   . HOH G 6 .   ? 3.349   8.352   11.873  1.000 36.844 ? 350 HOH AAA O   1 ? 
HETATM 1164 O  O   . HOH G 6 .   ? -5.146  12.041  7.163   1.000 16.230 ? 351 HOH AAA O   1 ? 
HETATM 1165 O  O   . HOH G 6 .   ? 3.950   -9.851  6.508   1.000 32.045 ? 352 HOH AAA O   1 ? 
HETATM 1166 O  O   . HOH G 6 .   ? -2.678  0.603   3.100   1.000 14.849 ? 353 HOH AAA O   1 ? 
HETATM 1167 O  O   . HOH G 6 .   ? 13.982  -1.281  3.980   1.000 20.722 ? 354 HOH AAA O   1 ? 
HETATM 1168 O  O   . HOH G 6 .   ? -16.934 -9.983  8.606   1.000 37.324 ? 355 HOH AAA O   1 ? 
HETATM 1169 O  O   . HOH G 6 .   ? 7.755   7.893   -11.389 1.000 24.518 ? 356 HOH AAA O   1 ? 
HETATM 1170 O  O   . HOH G 6 .   ? 5.887   -1.313  14.504  1.000 32.955 ? 357 HOH AAA O   1 ? 
HETATM 1171 O  O   . HOH G 6 .   ? 9.920   9.569   -11.973 1.000 28.207 ? 358 HOH AAA O   1 ? 
HETATM 1172 O  O   . HOH G 6 .   ? -12.785 1.880   -7.791  1.000 45.756 ? 359 HOH AAA O   1 ? 
HETATM 1173 O  O   . HOH G 6 .   ? 1.181   -9.870  -5.900  1.000 19.834 ? 360 HOH AAA O   1 ? 
HETATM 1174 O  O   . HOH G 6 .   ? -8.329  -8.072  -2.242  1.000 27.456 ? 361 HOH AAA O   1 ? 
HETATM 1175 O  O   . HOH G 6 .   ? 3.565   -4.125  -17.640 1.000 29.516 ? 362 HOH AAA O   1 ? 
HETATM 1176 O  O   . HOH G 6 .   ? 3.660   2.746   -15.726 1.000 19.750 ? 363 HOH AAA O   1 ? 
HETATM 1177 O  O   . HOH G 6 .   ? -3.131  13.624  0.638   1.000 37.029 ? 364 HOH AAA O   1 ? 
HETATM 1178 O  O   . HOH G 6 .   ? -0.349  -0.033  -18.206 1.000 42.435 ? 365 HOH AAA O   1 ? 
HETATM 1179 O  O   . HOH G 6 .   ? 11.469  -7.892  -8.113  1.000 24.097 ? 366 HOH AAA O   1 ? 
HETATM 1180 O  O   . HOH G 6 .   ? 10.724  1.303   -13.211 1.000 29.067 ? 367 HOH AAA O   1 ? 
HETATM 1181 O  O   . HOH G 6 .   ? -20.369 -5.103  -0.527  1.000 30.829 ? 368 HOH AAA O   1 ? 
HETATM 1182 O  O   . HOH G 6 .   ? -7.314  3.481   12.459  1.000 33.430 ? 369 HOH AAA O   1 ? 
HETATM 1183 O  O   . HOH G 6 .   ? -1.765  11.296  -6.192  1.000 35.885 ? 370 HOH AAA O   1 ? 
HETATM 1184 O  O   . HOH G 6 .   ? -2.395  -9.384  -8.782  1.000 42.970 ? 371 HOH AAA O   1 ? 
HETATM 1185 O  O   . HOH G 6 .   ? 16.655  2.339   -2.662  1.000 36.459 ? 372 HOH AAA O   1 ? 
HETATM 1186 O  O   . HOH G 6 .   ? -0.767  -8.739  8.264   1.000 30.273 ? 373 HOH AAA O   1 ? 
HETATM 1187 O  O   . HOH G 6 .   ? 0.499   14.393  -0.481  1.000 28.850 ? 374 HOH AAA O   1 ? 
HETATM 1188 O  O   . HOH G 6 .   ? 9.371   15.169  1.736   1.000 31.694 ? 375 HOH AAA O   1 ? 
HETATM 1189 O  O   . HOH G 6 .   ? -2.863  -0.134  12.873  1.000 27.602 ? 376 HOH AAA O   1 ? 
HETATM 1190 O  O   . HOH G 6 .   ? -15.257 5.721   -2.770  1.000 27.215 ? 377 HOH AAA O   1 ? 
HETATM 1191 O  O   . HOH G 6 .   ? -16.674 -7.085  10.977  1.000 21.206 ? 378 HOH AAA O   1 ? 
HETATM 1192 O  O   . HOH G 6 .   ? -19.067 -13.163 3.899   0.500 26.162 ? 379 HOH AAA O   1 ? 
HETATM 1193 O  O   . HOH G 6 .   ? -1.109  -6.203  8.848   1.000 26.246 ? 380 HOH AAA O   1 ? 
HETATM 1194 O  O   . HOH G 6 .   ? 12.673  -9.757  0.079   1.000 35.068 ? 381 HOH AAA O   1 ? 
HETATM 1195 O  O   . HOH G 6 .   ? -7.111  7.597   -2.962  1.000 33.481 ? 382 HOH AAA O   1 ? 
HETATM 1196 O  O   . HOH G 6 .   ? -6.133  10.766  -0.218  1.000 28.437 ? 383 HOH AAA O   1 ? 
HETATM 1197 O  O   . HOH G 6 .   ? 1.266   9.327   -13.713 1.000 20.092 ? 384 HOH AAA O   1 ? 
HETATM 1198 O  O   . HOH G 6 .   ? -14.211 -7.614  4.578   1.000 15.949 ? 385 HOH AAA O   1 ? 
HETATM 1199 O  O   . HOH G 6 .   ? 17.891  -0.647  2.493   1.000 47.871 ? 386 HOH AAA O   1 ? 
HETATM 1200 O  O   . HOH G 6 .   ? -1.281  14.871  8.589   1.000 28.720 ? 387 HOH AAA O   1 ? 
HETATM 1201 O  O   . HOH G 6 .   ? -21.637 0.322   4.826   1.000 27.574 ? 388 HOH AAA O   1 ? 
HETATM 1202 O  O   . HOH G 6 .   ? 13.604  -2.365  -7.814  1.000 21.496 ? 389 HOH AAA O   1 ? 
HETATM 1203 O  O   . HOH G 6 .   ? 8.832   14.536  4.203   1.000 27.135 ? 390 HOH AAA O   1 ? 
HETATM 1204 O  O   . HOH G 6 .   ? -16.710 -8.610  4.959   1.000 24.670 ? 391 HOH AAA O   1 ? 
HETATM 1205 O  O   . HOH G 6 .   ? -13.130 -10.209 5.780   1.000 21.109 ? 392 HOH AAA O   1 ? 
HETATM 1206 O  O   . HOH G 6 .   ? 8.157   16.357  -2.477  1.000 44.450 ? 393 HOH AAA O   1 ? 
HETATM 1207 O  O   . HOH G 6 .   ? -9.386  -15.137 5.623   1.000 28.374 ? 394 HOH AAA O   1 ? 
HETATM 1208 O  O   . HOH G 6 .   ? 12.811  -0.221  -9.786  1.000 26.899 ? 395 HOH AAA O   1 ? 
HETATM 1209 O  O   . HOH G 6 .   ? -7.924  -0.370  13.923  1.000 31.164 ? 396 HOH AAA O   1 ? 
HETATM 1210 O  O   . HOH G 6 .   ? -11.932 -11.849 9.633   1.000 29.747 ? 397 HOH AAA O   1 ? 
HETATM 1211 O  O   . HOH G 6 .   ? 7.028   -11.176 -5.954  1.000 43.591 ? 398 HOH AAA O   1 ? 
HETATM 1212 O  O   . HOH G 6 .   ? -3.997  6.875   13.861  1.000 31.525 ? 399 HOH AAA O   1 ? 
HETATM 1213 O  O   . HOH G 6 .   ? -12.118 -4.674  -6.595  1.000 46.668 ? 400 HOH AAA O   1 ? 
HETATM 1214 O  O   . HOH G 6 .   ? 4.600   4.720   10.820  1.000 31.775 ? 401 HOH AAA O   1 ? 
HETATM 1215 O  O   . HOH G 6 .   ? -1.329  0.807   8.902   1.000 20.103 ? 402 HOH AAA O   1 ? 
HETATM 1216 O  O   . HOH G 6 .   ? 5.667   15.744  0.198   1.000 51.757 ? 403 HOH AAA O   1 ? 
HETATM 1217 O  O   . HOH G 6 .   ? 2.334   15.349  -2.652  1.000 43.414 ? 404 HOH AAA O   1 ? 
HETATM 1218 O  O   . HOH G 6 .   ? 2.597   -7.537  -15.579 1.000 37.521 ? 405 HOH AAA O   1 ? 
HETATM 1219 O  O   . HOH G 6 .   ? -9.160  -9.186  11.954  1.000 33.215 ? 406 HOH AAA O   1 ? 
HETATM 1220 O  O   . HOH G 6 .   ? 5.568   -5.839  12.609  1.000 51.074 ? 407 HOH AAA O   1 ? 
HETATM 1221 O  O   . HOH G 6 .   ? 13.894  -5.871  2.304   1.000 41.082 ? 408 HOH AAA O   1 ? 
HETATM 1222 O  O   . HOH G 6 .   ? -2.288  -9.571  12.197  1.000 50.726 ? 409 HOH AAA O   1 ? 
HETATM 1223 O  O   . HOH G 6 .   ? -5.553  13.274  0.484   1.000 30.467 ? 410 HOH AAA O   1 ? 
HETATM 1224 O  O   . HOH G 6 .   ? -20.137 -0.607  -4.410  1.000 42.052 ? 411 HOH AAA O   1 ? 
HETATM 1225 O  O   A HOH G 6 .   ? 16.466  8.008   7.621   0.500 31.012 ? 412 HOH AAA O   1 ? 
HETATM 1226 O  O   B HOH G 6 .   ? 15.593  6.871   8.886   0.500 32.197 ? 412 HOH AAA O   1 ? 
HETATM 1227 O  O   . HOH G 6 .   ? 10.234  -2.005  11.716  1.000 51.909 ? 413 HOH AAA O   1 ? 
HETATM 1228 O  O   . HOH G 6 .   ? -5.046  -13.585 -3.448  1.000 52.467 ? 414 HOH AAA O   1 ? 
HETATM 1229 O  O   . HOH G 6 .   ? -1.445  17.260  -3.104  1.000 47.923 ? 415 HOH AAA O   1 ? 
HETATM 1230 O  O   . HOH G 6 .   ? -3.849  -9.078  -4.620  1.000 46.110 ? 416 HOH AAA O   1 ? 
HETATM 1231 O  O   . HOH G 6 .   ? 0.139   -15.306 -9.707  1.000 43.603 ? 417 HOH AAA O   1 ? 
HETATM 1232 O  O   . HOH G 6 .   ? 16.401  18.811  9.507   1.000 45.242 ? 418 HOH AAA O   1 ? 
HETATM 1233 O  O   . HOH G 6 .   ? -21.464 -4.669  -5.019  1.000 49.026 ? 419 HOH AAA O   1 ? 
HETATM 1234 O  O   . HOH G 6 .   ? 6.594   -13.004 -7.080  1.000 38.703 ? 420 HOH AAA O   1 ? 
HETATM 1235 O  O   . HOH G 6 .   ? -18.169 2.027   -6.650  1.000 44.558 ? 421 HOH AAA O   1 ? 
HETATM 1236 O  O   . HOH G 6 .   ? -0.215  -6.128  11.315  1.000 35.344 ? 422 HOH AAA O   1 ? 
HETATM 1237 O  O   . HOH G 6 .   ? -13.408 -13.458 -3.054  1.000 38.154 ? 423 HOH AAA O   1 ? 
HETATM 1238 O  O   . HOH G 6 .   ? -1.171  -10.657 -6.725  1.000 39.153 ? 424 HOH AAA O   1 ? 
HETATM 1239 O  O   . HOH G 6 .   ? -13.280 -12.769 6.349   1.000 47.039 ? 425 HOH AAA O   1 ? 
HETATM 1240 O  O   . HOH G 6 .   ? -20.504 -9.283  4.420   1.000 30.263 ? 426 HOH AAA O   1 ? 
HETATM 1241 O  O   . HOH G 6 .   ? 7.968   -1.384  -17.562 1.000 35.352 ? 427 HOH AAA O   1 ? 
HETATM 1242 O  O   . HOH G 6 .   ? -5.567  4.653   14.155  1.000 41.524 ? 428 HOH AAA O   1 ? 
HETATM 1243 O  O   . HOH G 6 .   ? 21.053  2.604   1.064   1.000 47.896 ? 429 HOH AAA O   1 ? 
HETATM 1244 O  O   . HOH G 6 .   ? 7.468   -3.826  10.624  1.000 43.195 ? 430 HOH AAA O   1 ? 
HETATM 1245 O  O   . HOH G 6 .   ? -6.008  1.231   14.089  1.000 52.884 ? 431 HOH AAA O   1 ? 
HETATM 1246 O  O   . HOH G 6 .   ? 0.067   -17.127 7.933   1.000 52.265 ? 432 HOH AAA O   1 ? 
HETATM 1247 O  O   . HOH G 6 .   ? 16.672  -1.841  4.412   1.000 44.669 ? 433 HOH AAA O   1 ? 
HETATM 1248 O  O   . HOH G 6 .   ? -18.452 -9.148  10.138  1.000 40.883 ? 434 HOH AAA O   1 ? 
HETATM 1249 O  O   . HOH G 6 .   ? -19.610 3.050   -4.988  1.000 53.639 ? 435 HOH AAA O   1 ? 
HETATM 1250 O  O   . HOH G 6 .   ? -17.990 5.673   -3.913  0.500 38.891 ? 436 HOH AAA O   1 ? 
HETATM 1251 O  O   . HOH G 6 .   ? 5.256   14.613  -3.116  1.000 49.485 ? 437 HOH AAA O   1 ? 
HETATM 1252 O  O   . HOH G 6 .   ? 12.798  1.676   -20.261 1.000 57.862 ? 438 HOH AAA O   1 ? 
HETATM 1253 O  O   . HOH G 6 .   ? 4.806   -1.701  -18.551 1.000 43.052 ? 439 HOH AAA O   1 ? 
HETATM 1254 O  O   . HOH G 6 .   ? -5.108  -4.947  14.344  1.000 50.900 ? 440 HOH AAA O   1 ? 
# 
